data_6N7F
#
_entry.id   6N7F
#
_cell.length_a   76.400
_cell.length_b   86.650
_cell.length_c   86.670
_cell.angle_alpha   67.13
_cell.angle_beta   74.15
_cell.angle_gamma   74.11
#
_symmetry.space_group_name_H-M   'P 1'
#
loop_
_entity.id
_entity.type
_entity.pdbx_description
1 polymer 'Putative glutathione reductase (GR)'
2 non-polymer 'FLAVIN-ADENINE DINUCLEOTIDE'
3 non-polymer RIBOFLAVIN
4 non-polymer 2-[BIS-(2-HYDROXY-ETHYL)-AMINO]-2-HYDROXYMETHYL-PROPANE-1,3-DIOL
5 non-polymer 'BICARBONATE ION'
6 non-polymer 'CHLORIDE ION'
7 non-polymer 1,2-ETHANEDIOL
8 water water
#
_entity_poly.entity_id   1
_entity_poly.type   'polypeptide(L)'
_entity_poly.pdbx_seq_one_letter_code
;SNAMVIPYDYIVIGGGSAGIASANRAAMHGAKVLLAEGKEIGGTCVNLGCVPKKVMWYGAQVADILGTYAKDYGFDFKEK
AFDFKQLKANRQAYIDRIHASYERGFEQNGVDRIYDYAVFKDAHTVEIAGQLYTAPHILIATGGHPVFPDIEGAQYGISS
DGFFALDEVPKRTAVVGAGYIAVELAGVLHALGSKTDLFIRHDRPLRSFDKTIVDVLVDEMAVNGPRLHTHAEVAKVVKN
TDESLTLYLKDGQEVEVDQLIWAIGRKPNLEGFSLDKTGVTLNDKGYIETDAYENTSVKGIYAVGDVNGKLALTPVAVAA
GRRLSERLFNGKTDEKLDYQNVATVIFSHPVIGSVGLSEEAAVKQYGQEAVKTYQSRFTSMFTAITNHRQPCLMKLVTVG
DTEKIVGLHGIGYGVDEMIQGFAVAIKMGATKADFDNTVAIHPTGSEEFVTMR
;
_entity_poly.pdbx_strand_id   A,B,C,D
#
# COMPACT_ATOMS: atom_id res chain seq x y z
N ALA A 3 -34.26 46.37 1.10
CA ALA A 3 -34.79 46.22 -0.30
C ALA A 3 -33.63 46.07 -1.31
N MET A 4 -32.42 46.52 -0.98
CA MET A 4 -31.30 46.47 -1.97
C MET A 4 -30.31 45.34 -1.63
N VAL A 5 -29.80 44.67 -2.66
CA VAL A 5 -28.83 43.54 -2.48
C VAL A 5 -27.43 44.14 -2.52
N ILE A 6 -26.57 43.77 -1.58
CA ILE A 6 -25.18 44.33 -1.53
C ILE A 6 -24.22 43.34 -2.20
N PRO A 7 -23.48 43.76 -3.24
CA PRO A 7 -22.55 42.87 -3.92
C PRO A 7 -21.17 42.77 -3.27
N TYR A 8 -20.66 41.55 -3.26
CA TYR A 8 -19.30 41.23 -2.79
C TYR A 8 -18.67 40.36 -3.88
N ASP A 9 -17.34 40.26 -3.88
CA ASP A 9 -16.65 39.35 -4.82
C ASP A 9 -16.66 37.94 -4.24
N TYR A 10 -16.67 37.82 -2.90
CA TYR A 10 -16.56 36.52 -2.23
C TYR A 10 -17.33 36.52 -0.91
N ILE A 11 -18.26 35.57 -0.75
CA ILE A 11 -18.95 35.41 0.55
C ILE A 11 -18.51 34.08 1.14
N VAL A 12 -18.07 34.11 2.40
CA VAL A 12 -17.59 32.91 3.14
C VAL A 12 -18.56 32.63 4.28
N ILE A 13 -19.22 31.47 4.19
CA ILE A 13 -20.17 31.05 5.25
C ILE A 13 -19.40 30.19 6.27
N GLY A 14 -19.07 30.80 7.40
CA GLY A 14 -18.35 30.08 8.46
C GLY A 14 -17.01 30.71 8.76
N GLY A 15 -16.77 31.02 10.03
CA GLY A 15 -15.53 31.65 10.51
C GLY A 15 -14.65 30.69 11.27
N GLY A 16 -14.53 29.45 10.77
CA GLY A 16 -13.60 28.48 11.38
C GLY A 16 -12.30 28.42 10.59
N SER A 17 -11.55 27.31 10.74
CA SER A 17 -10.24 27.13 10.09
C SER A 17 -10.32 27.34 8.57
N ALA A 18 -11.32 26.76 7.89
CA ALA A 18 -11.39 26.90 6.42
C ALA A 18 -11.82 28.32 6.04
N GLY A 19 -12.88 28.83 6.67
CA GLY A 19 -13.40 30.16 6.30
C GLY A 19 -12.41 31.28 6.53
N ILE A 20 -11.77 31.33 7.71
CA ILE A 20 -10.79 32.42 8.01
C ILE A 20 -9.65 32.36 6.98
N ALA A 21 -9.10 31.16 6.78
CA ALA A 21 -7.94 31.01 5.86
C ALA A 21 -8.31 31.47 4.45
N SER A 22 -9.50 31.07 3.96
CA SER A 22 -9.87 31.40 2.56
C SER A 22 -10.22 32.89 2.42
N ALA A 23 -10.92 33.45 3.42
CA ALA A 23 -11.30 34.90 3.42
C ALA A 23 -10.06 35.78 3.41
N ASN A 24 -9.13 35.55 4.34
CA ASN A 24 -7.88 36.36 4.44
C ASN A 24 -7.07 36.24 3.14
N ARG A 25 -6.90 35.02 2.61
CA ARG A 25 -6.09 34.90 1.38
C ARG A 25 -6.79 35.62 0.21
N ALA A 26 -8.12 35.50 0.12
CA ALA A 26 -8.83 36.18 -1.00
C ALA A 26 -8.67 37.69 -0.86
N ALA A 27 -8.81 38.20 0.37
CA ALA A 27 -8.63 39.65 0.62
C ALA A 27 -7.21 40.09 0.24
N MET A 28 -6.19 39.31 0.58
CA MET A 28 -4.79 39.68 0.21
C MET A 28 -4.67 39.83 -1.31
N HIS A 29 -5.54 39.15 -2.07
CA HIS A 29 -5.47 39.23 -3.55
C HIS A 29 -6.47 40.23 -4.12
N GLY A 30 -6.90 41.20 -3.29
CA GLY A 30 -7.74 42.30 -3.80
C GLY A 30 -9.23 41.99 -3.87
N ALA A 31 -9.69 40.82 -3.44
CA ALA A 31 -11.13 40.54 -3.49
C ALA A 31 -11.86 41.31 -2.40
N LYS A 32 -13.10 41.70 -2.68
CA LYS A 32 -14.02 42.33 -1.68
C LYS A 32 -14.72 41.13 -0.99
N VAL A 33 -14.37 40.85 0.27
CA VAL A 33 -14.79 39.60 0.95
C VAL A 33 -15.71 39.87 2.13
N LEU A 34 -16.76 39.06 2.26
CA LEU A 34 -17.69 39.11 3.42
C LEU A 34 -17.68 37.74 4.10
N LEU A 35 -17.40 37.71 5.39
CA LEU A 35 -17.37 36.44 6.15
C LEU A 35 -18.48 36.48 7.21
N ALA A 36 -19.30 35.43 7.25
CA ALA A 36 -20.37 35.30 8.26
C ALA A 36 -19.96 34.23 9.27
N GLU A 37 -20.15 34.53 10.55
CA GLU A 37 -19.86 33.57 11.64
C GLU A 37 -21.01 33.69 12.65
N GLY A 38 -21.80 32.63 12.83
CA GLY A 38 -22.98 32.68 13.72
C GLY A 38 -22.66 32.48 15.18
N LYS A 39 -21.46 31.97 15.50
CA LYS A 39 -21.06 31.67 16.89
C LYS A 39 -19.78 32.44 17.22
N GLU A 40 -18.70 31.74 17.60
CA GLU A 40 -17.42 32.42 17.98
C GLU A 40 -16.45 32.36 16.81
N ILE A 41 -15.62 33.39 16.66
CA ILE A 41 -14.61 33.32 15.55
C ILE A 41 -13.60 32.23 15.92
N GLY A 42 -13.03 31.56 14.92
CA GLY A 42 -12.04 30.48 15.14
C GLY A 42 -12.67 29.09 15.03
N GLY A 43 -14.02 29.02 15.06
CA GLY A 43 -14.72 27.73 14.88
C GLY A 43 -14.39 26.68 15.91
N THR A 44 -14.46 25.42 15.49
CA THR A 44 -14.25 24.27 16.40
C THR A 44 -12.83 24.27 16.96
N CYS A 45 -11.86 24.46 16.08
CA CYS A 45 -10.43 24.42 16.42
C CYS A 45 -10.08 25.31 17.62
N VAL A 46 -10.42 26.59 17.54
CA VAL A 46 -10.04 27.55 18.62
C VAL A 46 -10.91 27.37 19.86
N ASN A 47 -12.21 27.13 19.69
CA ASN A 47 -13.15 27.15 20.84
C ASN A 47 -13.48 25.78 21.44
N LEU A 48 -13.49 24.71 20.65
CA LEU A 48 -13.97 23.39 21.16
C LEU A 48 -13.18 22.23 20.54
N GLY A 49 -11.95 22.48 20.10
CA GLY A 49 -11.17 21.42 19.45
C GLY A 49 -9.69 21.51 19.81
N CYS A 50 -8.85 21.66 18.79
CA CYS A 50 -7.37 21.60 18.90
C CYS A 50 -6.84 22.38 20.09
N VAL A 51 -7.24 23.64 20.24
CA VAL A 51 -6.61 24.54 21.27
C VAL A 51 -6.98 24.15 22.69
N PRO A 52 -8.27 24.17 23.09
CA PRO A 52 -8.64 23.78 24.45
C PRO A 52 -8.19 22.34 24.75
N LYS A 53 -8.25 21.45 23.77
CA LYS A 53 -7.79 20.04 23.94
C LYS A 53 -6.31 20.02 24.32
N LYS A 54 -5.47 20.81 23.63
CA LYS A 54 -4.00 20.83 23.88
C LYS A 54 -3.73 21.47 25.25
N VAL A 55 -4.45 22.53 25.58
CA VAL A 55 -4.27 23.15 26.91
C VAL A 55 -4.56 22.09 27.98
N MET A 56 -5.65 21.32 27.83
CA MET A 56 -5.99 20.29 28.85
C MET A 56 -4.93 19.17 28.84
N TRP A 57 -4.35 18.90 27.67
CA TRP A 57 -3.30 17.85 27.57
C TRP A 57 -2.07 18.34 28.34
N TYR A 58 -1.75 19.62 28.24
CA TYR A 58 -0.61 20.14 29.04
C TYR A 58 -0.93 20.01 30.53
N GLY A 59 -2.19 20.22 30.91
CA GLY A 59 -2.55 20.06 32.33
C GLY A 59 -2.32 18.62 32.77
N ALA A 60 -2.63 17.67 31.88
CA ALA A 60 -2.43 16.23 32.15
C ALA A 60 -0.93 15.95 32.30
N GLN A 61 -0.08 16.55 31.46
CA GLN A 61 1.40 16.33 31.57
C GLN A 61 1.89 16.85 32.92
N VAL A 62 1.37 18.01 33.35
CA VAL A 62 1.76 18.59 34.67
C VAL A 62 1.27 17.64 35.76
N ALA A 63 0.05 17.13 35.64
CA ALA A 63 -0.48 16.18 36.66
C ALA A 63 0.45 14.95 36.77
N ASP A 64 0.92 14.43 35.62
CA ASP A 64 1.80 13.24 35.59
C ASP A 64 3.14 13.58 36.24
N ILE A 65 3.62 14.81 36.08
CA ILE A 65 4.90 15.23 36.73
C ILE A 65 4.68 15.21 38.25
N LEU A 66 3.65 15.90 38.73
CA LEU A 66 3.38 16.01 40.19
C LEU A 66 3.04 14.63 40.78
N GLY A 67 2.24 13.84 40.09
CA GLY A 67 1.74 12.58 40.65
C GLY A 67 2.62 11.37 40.41
N THR A 68 3.47 11.38 39.36
CA THR A 68 4.24 10.15 39.06
C THR A 68 5.76 10.37 39.01
N TYR A 69 6.23 11.36 38.24
CA TYR A 69 7.70 11.47 37.98
C TYR A 69 8.51 12.34 38.95
N ALA A 70 7.90 13.35 39.59
CA ALA A 70 8.73 14.28 40.41
C ALA A 70 9.58 13.55 41.48
N LYS A 71 8.97 12.56 42.12
N LYS A 71 8.99 12.59 42.21
CA LYS A 71 9.57 11.75 43.22
CA LYS A 71 9.74 11.90 43.29
C LYS A 71 10.93 11.18 42.80
C LYS A 71 11.03 11.25 42.77
N ASP A 72 11.01 10.64 41.58
CA ASP A 72 12.26 9.99 41.09
C ASP A 72 13.29 11.06 40.65
N TYR A 73 12.87 12.33 40.56
CA TYR A 73 13.82 13.44 40.23
C TYR A 73 14.24 14.15 41.51
N GLY A 74 13.83 13.62 42.67
CA GLY A 74 14.25 14.13 44.00
C GLY A 74 13.31 15.16 44.62
N PHE A 75 12.13 15.39 44.04
CA PHE A 75 11.19 16.41 44.56
C PHE A 75 10.09 15.77 45.40
N ASP A 76 9.80 16.41 46.54
CA ASP A 76 8.76 15.94 47.46
C ASP A 76 7.86 17.13 47.80
N PHE A 77 6.61 16.86 48.18
CA PHE A 77 5.70 17.96 48.59
C PHE A 77 4.47 17.32 49.23
N LYS A 78 3.61 18.14 49.82
CA LYS A 78 2.42 17.59 50.50
C LYS A 78 1.20 18.48 50.23
N GLU A 79 0.04 17.92 50.57
CA GLU A 79 -1.29 18.57 50.47
C GLU A 79 -1.54 19.04 49.03
N LYS A 80 -1.25 18.18 48.06
N LYS A 80 -1.28 18.17 48.06
CA LYS A 80 -1.50 18.54 46.64
CA LYS A 80 -1.51 18.44 46.62
C LYS A 80 -2.98 18.86 46.47
C LYS A 80 -2.98 18.80 46.41
N ALA A 81 -3.28 19.87 45.66
CA ALA A 81 -4.68 20.29 45.40
C ALA A 81 -4.79 20.66 43.92
N PHE A 82 -5.97 20.46 43.34
CA PHE A 82 -6.16 20.77 41.91
C PHE A 82 -7.41 21.63 41.76
N ASP A 83 -7.23 22.84 41.24
CA ASP A 83 -8.31 23.83 41.04
C ASP A 83 -8.65 23.82 39.54
N PHE A 84 -9.61 22.97 39.19
CA PHE A 84 -10.02 22.81 37.77
C PHE A 84 -10.55 24.14 37.21
N LYS A 85 -11.31 24.90 38.03
CA LYS A 85 -11.89 26.18 37.56
C LYS A 85 -10.79 27.18 37.20
N GLN A 86 -9.64 27.13 37.87
CA GLN A 86 -8.53 28.08 37.55
C GLN A 86 -7.94 27.69 36.19
N LEU A 87 -7.67 26.38 35.99
CA LEU A 87 -7.15 25.90 34.68
C LEU A 87 -8.13 26.30 33.59
N LYS A 88 -9.42 26.10 33.83
CA LYS A 88 -10.43 26.44 32.79
C LYS A 88 -10.42 27.95 32.52
N ALA A 89 -10.30 28.79 33.56
CA ALA A 89 -10.33 30.26 33.38
C ALA A 89 -9.13 30.72 32.52
N ASN A 90 -7.95 30.22 32.85
CA ASN A 90 -6.72 30.56 32.09
C ASN A 90 -6.86 30.09 30.64
N ARG A 91 -7.46 28.91 30.44
CA ARG A 91 -7.69 28.33 29.09
C ARG A 91 -8.60 29.26 28.29
N GLN A 92 -9.73 29.69 28.88
N GLN A 92 -9.72 29.69 28.89
CA GLN A 92 -10.69 30.57 28.13
CA GLN A 92 -10.69 30.58 28.20
C GLN A 92 -10.10 31.97 27.91
C GLN A 92 -10.07 31.95 27.89
N ALA A 93 -9.28 32.48 28.83
CA ALA A 93 -8.64 33.81 28.63
C ALA A 93 -7.69 33.73 27.42
N TYR A 94 -6.99 32.60 27.27
CA TYR A 94 -6.08 32.37 26.11
C TYR A 94 -6.91 32.35 24.83
N ILE A 95 -8.05 31.67 24.88
CA ILE A 95 -8.94 31.60 23.67
C ILE A 95 -9.47 33.02 23.37
N ASP A 96 -9.78 33.81 24.39
CA ASP A 96 -10.26 35.20 24.13
C ASP A 96 -9.16 35.99 23.40
N ARG A 97 -7.90 35.78 23.79
CA ARG A 97 -6.78 36.51 23.10
C ARG A 97 -6.68 36.00 21.66
N ILE A 98 -6.88 34.70 21.43
CA ILE A 98 -6.85 34.19 20.03
C ILE A 98 -7.97 34.88 19.23
N HIS A 99 -9.17 35.03 19.81
CA HIS A 99 -10.25 35.73 19.05
C HIS A 99 -9.76 37.11 18.59
N ALA A 100 -9.15 37.86 19.52
CA ALA A 100 -8.71 39.24 19.22
C ALA A 100 -7.63 39.22 18.12
N SER A 101 -6.80 38.18 18.09
CA SER A 101 -5.76 38.10 17.02
C SER A 101 -6.46 37.95 15.68
N TYR A 102 -7.56 37.19 15.61
CA TYR A 102 -8.24 37.03 14.30
C TYR A 102 -8.88 38.36 13.87
N GLU A 103 -9.47 39.10 14.81
CA GLU A 103 -10.07 40.42 14.45
C GLU A 103 -8.97 41.36 13.90
N ARG A 104 -7.81 41.38 14.55
CA ARG A 104 -6.63 42.21 14.16
C ARG A 104 -6.26 41.84 12.72
N GLY A 105 -6.23 40.55 12.39
CA GLY A 105 -5.90 40.10 11.02
C GLY A 105 -6.96 40.53 10.01
N PHE A 106 -8.24 40.46 10.38
CA PHE A 106 -9.29 40.90 9.41
C PHE A 106 -9.14 42.40 9.14
N GLU A 107 -8.82 43.18 10.19
CA GLU A 107 -8.63 44.62 10.00
C GLU A 107 -7.47 44.87 9.04
N GLN A 108 -6.32 44.20 9.24
N GLN A 108 -6.35 44.17 9.23
CA GLN A 108 -5.13 44.38 8.38
CA GLN A 108 -5.13 44.37 8.41
C GLN A 108 -5.43 44.00 6.92
C GLN A 108 -5.38 43.96 6.94
N ASN A 109 -6.03 42.82 6.70
CA ASN A 109 -6.27 42.31 5.31
C ASN A 109 -7.50 42.96 4.64
N GLY A 110 -8.42 43.56 5.41
CA GLY A 110 -9.60 44.21 4.79
C GLY A 110 -10.78 43.27 4.60
N VAL A 111 -10.94 42.26 5.46
CA VAL A 111 -12.11 41.33 5.38
C VAL A 111 -13.30 41.96 6.12
N ASP A 112 -14.47 42.05 5.47
CA ASP A 112 -15.69 42.51 6.17
C ASP A 112 -16.26 41.28 6.90
N ARG A 113 -16.66 41.43 8.17
CA ARG A 113 -17.20 40.27 8.95
C ARG A 113 -18.56 40.62 9.53
N ILE A 114 -19.48 39.65 9.57
CA ILE A 114 -20.76 39.88 10.31
C ILE A 114 -20.95 38.68 11.23
N TYR A 115 -21.12 38.95 12.52
CA TYR A 115 -21.28 37.89 13.53
C TYR A 115 -22.77 37.54 13.67
N ASP A 116 -23.28 36.96 12.59
CA ASP A 116 -24.68 36.48 12.46
C ASP A 116 -24.69 35.25 11.54
N TYR A 117 -25.79 34.52 11.55
CA TYR A 117 -25.98 33.27 10.77
C TYR A 117 -26.38 33.63 9.33
N ALA A 118 -25.71 33.04 8.33
CA ALA A 118 -26.01 33.28 6.90
C ALA A 118 -26.92 32.18 6.39
N VAL A 119 -27.94 32.55 5.61
CA VAL A 119 -28.91 31.59 5.03
C VAL A 119 -29.01 31.86 3.52
N PHE A 120 -28.98 30.81 2.71
CA PHE A 120 -29.11 31.00 1.24
C PHE A 120 -30.55 31.39 0.89
N LYS A 121 -30.67 32.33 -0.06
CA LYS A 121 -31.96 32.74 -0.68
C LYS A 121 -32.03 32.01 -2.02
N ASP A 122 -30.88 31.89 -2.69
CA ASP A 122 -30.73 31.14 -3.96
C ASP A 122 -29.23 30.78 -4.10
N ALA A 123 -28.82 30.29 -5.27
CA ALA A 123 -27.42 29.84 -5.47
C ALA A 123 -26.40 30.97 -5.29
N HIS A 124 -26.79 32.23 -5.48
CA HIS A 124 -25.77 33.32 -5.44
C HIS A 124 -26.14 34.41 -4.42
N THR A 125 -27.12 34.17 -3.55
CA THR A 125 -27.56 35.22 -2.59
C THR A 125 -27.74 34.64 -1.18
N VAL A 126 -27.28 35.37 -0.16
CA VAL A 126 -27.49 34.91 1.24
C VAL A 126 -28.14 36.05 2.01
N GLU A 127 -28.85 35.71 3.08
CA GLU A 127 -29.48 36.73 3.96
C GLU A 127 -28.77 36.65 5.30
N ILE A 128 -28.29 37.80 5.78
CA ILE A 128 -27.57 37.86 7.08
C ILE A 128 -28.15 39.06 7.83
N ALA A 129 -28.71 38.82 9.01
CA ALA A 129 -29.30 39.92 9.81
C ALA A 129 -30.31 40.71 8.96
N GLY A 130 -31.14 40.05 8.15
CA GLY A 130 -32.21 40.73 7.38
C GLY A 130 -31.73 41.47 6.14
N GLN A 131 -30.45 41.38 5.81
CA GLN A 131 -29.86 42.06 4.64
C GLN A 131 -29.42 41.01 3.62
N LEU A 132 -29.70 41.25 2.33
CA LEU A 132 -29.30 40.33 1.26
C LEU A 132 -27.91 40.72 0.72
N TYR A 133 -27.07 39.71 0.51
CA TYR A 133 -25.73 39.90 -0.07
C TYR A 133 -25.57 38.92 -1.25
N THR A 134 -24.95 39.36 -2.34
CA THR A 134 -24.77 38.44 -3.50
C THR A 134 -23.29 38.44 -3.91
N ALA A 135 -22.85 37.33 -4.48
CA ALA A 135 -21.45 37.19 -4.95
C ALA A 135 -21.37 36.03 -5.91
N PRO A 136 -20.53 36.11 -6.96
CA PRO A 136 -20.38 35.02 -7.92
C PRO A 136 -19.58 33.86 -7.33
N HIS A 137 -19.02 34.09 -6.13
CA HIS A 137 -18.21 33.05 -5.42
C HIS A 137 -18.68 32.96 -3.98
N ILE A 138 -19.15 31.80 -3.57
CA ILE A 138 -19.63 31.58 -2.18
C ILE A 138 -18.99 30.30 -1.65
N LEU A 139 -18.30 30.39 -0.52
CA LEU A 139 -17.63 29.24 0.11
C LEU A 139 -18.48 28.72 1.26
N ILE A 140 -18.89 27.45 1.21
CA ILE A 140 -19.56 26.83 2.38
C ILE A 140 -18.44 26.23 3.24
N ALA A 141 -18.24 26.76 4.45
CA ALA A 141 -17.17 26.32 5.38
C ALA A 141 -17.81 26.20 6.75
N THR A 142 -18.90 25.43 6.79
CA THR A 142 -19.80 25.34 7.97
C THR A 142 -19.35 24.30 9.00
N GLY A 143 -18.32 23.49 8.71
CA GLY A 143 -17.82 22.50 9.69
C GLY A 143 -18.82 21.39 10.01
N GLY A 144 -18.64 20.80 11.19
CA GLY A 144 -19.50 19.70 11.64
C GLY A 144 -19.91 19.87 13.09
N HIS A 145 -20.50 18.82 13.66
CA HIS A 145 -20.96 18.87 15.07
C HIS A 145 -20.93 17.48 15.66
N PRO A 146 -20.83 17.34 16.99
CA PRO A 146 -20.85 16.02 17.60
C PRO A 146 -22.30 15.51 17.59
N VAL A 147 -22.44 14.19 17.54
CA VAL A 147 -23.80 13.59 17.61
C VAL A 147 -23.86 12.63 18.79
N PHE A 148 -25.08 12.41 19.28
CA PHE A 148 -25.45 11.49 20.37
C PHE A 148 -26.05 10.25 19.74
N PRO A 149 -25.79 9.04 20.30
CA PRO A 149 -26.41 7.83 19.76
C PRO A 149 -27.94 7.90 19.97
N ASP A 150 -28.70 7.22 19.12
CA ASP A 150 -30.18 7.22 19.26
C ASP A 150 -30.57 6.07 20.21
N ILE A 151 -30.30 6.25 21.50
CA ILE A 151 -30.65 5.24 22.54
C ILE A 151 -31.30 5.95 23.74
N GLU A 152 -32.01 5.18 24.57
N GLU A 152 -32.05 5.20 24.54
CA GLU A 152 -32.67 5.70 25.78
CA GLU A 152 -32.70 5.75 25.76
C GLU A 152 -31.59 6.22 26.75
C GLU A 152 -31.60 6.24 26.71
N GLY A 153 -31.75 7.45 27.25
CA GLY A 153 -30.80 8.06 28.21
C GLY A 153 -29.60 8.72 27.57
N ALA A 154 -29.53 8.75 26.25
CA ALA A 154 -28.36 9.37 25.59
C ALA A 154 -28.20 10.83 26.06
N GLN A 155 -29.29 11.46 26.51
CA GLN A 155 -29.27 12.89 26.91
C GLN A 155 -28.44 13.06 28.18
N TYR A 156 -28.16 11.95 28.88
CA TYR A 156 -27.40 12.03 30.15
C TYR A 156 -25.90 12.12 29.85
N GLY A 157 -25.52 11.75 28.63
CA GLY A 157 -24.11 11.85 28.24
C GLY A 157 -23.79 13.25 27.76
N ILE A 158 -22.51 13.53 27.55
CA ILE A 158 -22.06 14.84 27.03
C ILE A 158 -21.16 14.58 25.84
N SER A 159 -21.03 15.55 24.93
CA SER A 159 -20.09 15.41 23.79
C SER A 159 -18.72 15.96 24.22
N SER A 160 -17.79 16.05 23.28
CA SER A 160 -16.50 16.71 23.60
C SER A 160 -16.78 18.16 24.03
N ASP A 161 -17.83 18.78 23.47
CA ASP A 161 -18.20 20.17 23.86
C ASP A 161 -18.50 20.17 25.36
N GLY A 162 -19.20 19.14 25.84
CA GLY A 162 -19.55 19.02 27.27
C GLY A 162 -18.31 18.81 28.13
N PHE A 163 -17.31 18.10 27.58
CA PHE A 163 -16.02 17.93 28.30
C PHE A 163 -15.45 19.32 28.60
N PHE A 164 -15.44 20.20 27.59
CA PHE A 164 -14.88 21.56 27.80
C PHE A 164 -15.77 22.39 28.74
N ALA A 165 -17.02 21.99 28.91
CA ALA A 165 -17.96 22.71 29.80
C ALA A 165 -17.79 22.23 31.25
N LEU A 166 -17.07 21.11 31.46
CA LEU A 166 -16.87 20.58 32.83
C LEU A 166 -16.16 21.62 33.70
N ASP A 167 -16.53 21.70 34.98
CA ASP A 167 -15.92 22.65 35.97
C ASP A 167 -15.17 21.85 37.03
N GLU A 168 -15.25 20.52 36.99
CA GLU A 168 -14.52 19.68 37.97
C GLU A 168 -14.23 18.33 37.33
N VAL A 169 -13.27 17.61 37.88
CA VAL A 169 -12.91 16.28 37.33
C VAL A 169 -13.96 15.30 37.86
N PRO A 170 -14.67 14.57 37.00
CA PRO A 170 -15.66 13.60 37.48
C PRO A 170 -14.95 12.46 38.23
N LYS A 171 -15.52 11.98 39.33
CA LYS A 171 -14.86 10.87 40.06
C LYS A 171 -14.72 9.64 39.15
N ARG A 172 -15.72 9.42 38.31
CA ARG A 172 -15.75 8.24 37.40
C ARG A 172 -16.27 8.73 36.05
N THR A 173 -15.53 8.43 34.99
CA THR A 173 -15.96 8.87 33.65
C THR A 173 -15.93 7.69 32.68
N ALA A 174 -17.01 7.54 31.91
CA ALA A 174 -17.05 6.58 30.79
C ALA A 174 -16.84 7.40 29.51
N VAL A 175 -15.98 6.93 28.62
CA VAL A 175 -15.77 7.56 27.30
C VAL A 175 -16.14 6.50 26.28
N VAL A 176 -17.10 6.80 25.42
CA VAL A 176 -17.56 5.80 24.40
C VAL A 176 -17.08 6.28 23.02
N GLY A 177 -16.21 5.51 22.39
CA GLY A 177 -15.66 5.91 21.09
C GLY A 177 -14.32 5.24 20.87
N ALA A 178 -13.85 5.22 19.61
CA ALA A 178 -12.60 4.50 19.29
C ALA A 178 -11.69 5.36 18.40
N GLY A 179 -12.05 6.61 18.17
CA GLY A 179 -11.26 7.56 17.36
C GLY A 179 -10.30 8.37 18.23
N TYR A 180 -9.60 9.32 17.62
CA TYR A 180 -8.59 10.10 18.36
C TYR A 180 -9.25 10.91 19.49
N ILE A 181 -10.46 11.44 19.27
CA ILE A 181 -11.10 12.26 20.34
C ILE A 181 -11.35 11.41 21.60
N ALA A 182 -11.94 10.22 21.46
CA ALA A 182 -12.17 9.37 22.66
C ALA A 182 -10.85 9.01 23.32
N VAL A 183 -9.84 8.64 22.54
CA VAL A 183 -8.54 8.22 23.14
C VAL A 183 -7.91 9.42 23.85
N GLU A 184 -7.97 10.61 23.26
CA GLU A 184 -7.31 11.80 23.89
C GLU A 184 -8.05 12.19 25.17
N LEU A 185 -9.38 12.25 25.13
CA LEU A 185 -10.14 12.65 26.34
C LEU A 185 -10.02 11.59 27.45
N ALA A 186 -9.97 10.29 27.11
CA ALA A 186 -9.80 9.26 28.17
C ALA A 186 -8.44 9.44 28.87
N GLY A 187 -7.39 9.72 28.09
CA GLY A 187 -6.04 9.90 28.66
C GLY A 187 -5.98 11.13 29.56
N VAL A 188 -6.63 12.21 29.15
CA VAL A 188 -6.61 13.47 29.95
C VAL A 188 -7.39 13.24 31.25
N LEU A 189 -8.60 12.68 31.16
CA LEU A 189 -9.41 12.40 32.38
C LEU A 189 -8.62 11.49 33.33
N HIS A 190 -7.98 10.45 32.81
CA HIS A 190 -7.20 9.53 33.68
C HIS A 190 -6.05 10.27 34.37
N ALA A 191 -5.31 11.08 33.62
CA ALA A 191 -4.16 11.82 34.22
C ALA A 191 -4.65 12.80 35.29
N LEU A 192 -5.85 13.36 35.10
CA LEU A 192 -6.40 14.36 36.06
C LEU A 192 -7.07 13.67 37.26
N GLY A 193 -7.06 12.34 37.30
CA GLY A 193 -7.53 11.65 38.51
C GLY A 193 -8.86 10.94 38.39
N SER A 194 -9.56 11.03 37.27
CA SER A 194 -10.87 10.35 37.15
C SER A 194 -10.69 8.84 36.88
N LYS A 195 -11.51 8.00 37.50
N LYS A 195 -11.48 7.99 37.52
CA LYS A 195 -11.47 6.53 37.23
CA LYS A 195 -11.43 6.52 37.22
C LYS A 195 -12.14 6.40 35.85
C LYS A 195 -12.13 6.40 35.86
N THR A 196 -11.34 6.18 34.82
CA THR A 196 -11.85 6.22 33.43
C THR A 196 -11.97 4.84 32.79
N ASP A 197 -13.10 4.66 32.11
CA ASP A 197 -13.41 3.45 31.32
C ASP A 197 -13.65 3.90 29.88
N LEU A 198 -12.97 3.26 28.93
CA LEU A 198 -13.08 3.53 27.47
C LEU A 198 -13.79 2.34 26.81
N PHE A 199 -14.89 2.62 26.11
CA PHE A 199 -15.71 1.56 25.45
C PHE A 199 -15.56 1.68 23.93
N ILE A 200 -15.14 0.59 23.27
CA ILE A 200 -14.99 0.58 21.79
C ILE A 200 -15.86 -0.56 21.25
N ARG A 201 -16.48 -0.35 20.08
CA ARG A 201 -17.35 -1.41 19.49
C ARG A 201 -16.53 -2.58 18.94
N HIS A 202 -15.26 -2.37 18.59
CA HIS A 202 -14.48 -3.46 17.94
C HIS A 202 -13.32 -3.97 18.80
N ASP A 203 -12.28 -4.48 18.15
CA ASP A 203 -11.16 -5.17 18.84
C ASP A 203 -10.11 -4.22 19.40
N ARG A 204 -9.88 -3.09 18.73
N ARG A 204 -9.91 -3.08 18.74
CA ARG A 204 -8.84 -2.12 19.19
CA ARG A 204 -8.85 -2.14 19.19
C ARG A 204 -9.22 -0.72 18.75
C ARG A 204 -9.22 -0.72 18.74
N PRO A 205 -8.76 0.33 19.46
CA PRO A 205 -9.03 1.69 19.06
C PRO A 205 -8.12 2.08 17.88
N LEU A 206 -8.40 3.25 17.29
CA LEU A 206 -7.58 3.83 16.21
C LEU A 206 -7.30 2.75 15.17
N ARG A 207 -8.36 2.14 14.67
CA ARG A 207 -8.23 0.98 13.77
C ARG A 207 -7.51 1.37 12.49
N SER A 208 -7.59 2.65 12.08
CA SER A 208 -6.95 3.04 10.79
C SER A 208 -5.44 3.25 10.96
N PHE A 209 -4.92 3.25 12.19
CA PHE A 209 -3.46 3.49 12.40
C PHE A 209 -2.69 2.15 12.45
N ASP A 210 -1.39 2.22 12.20
CA ASP A 210 -0.51 1.02 12.19
C ASP A 210 -0.75 0.24 13.48
N LYS A 211 -1.03 -1.04 13.35
CA LYS A 211 -1.35 -1.92 14.51
C LYS A 211 -0.16 -2.04 15.46
N THR A 212 1.06 -1.99 14.96
CA THR A 212 2.25 -2.13 15.85
C THR A 212 2.24 -0.97 16.86
N ILE A 213 1.96 0.23 16.37
CA ILE A 213 1.92 1.46 17.20
C ILE A 213 0.76 1.36 18.20
N VAL A 214 -0.45 1.13 17.70
CA VAL A 214 -1.65 1.06 18.60
C VAL A 214 -1.50 -0.05 19.66
N ASP A 215 -0.84 -1.17 19.35
CA ASP A 215 -0.66 -2.26 20.36
C ASP A 215 0.14 -1.73 21.55
N VAL A 216 1.13 -0.85 21.30
CA VAL A 216 1.90 -0.25 22.44
C VAL A 216 0.93 0.60 23.27
N LEU A 217 0.07 1.40 22.62
CA LEU A 217 -0.94 2.22 23.34
C LEU A 217 -1.87 1.32 24.18
N VAL A 218 -2.41 0.27 23.57
CA VAL A 218 -3.34 -0.66 24.28
C VAL A 218 -2.65 -1.31 25.48
N ASP A 219 -1.39 -1.75 25.32
CA ASP A 219 -0.62 -2.40 26.42
C ASP A 219 -0.36 -1.39 27.55
N GLU A 220 -0.06 -0.13 27.20
N GLU A 220 -0.08 -0.13 27.21
CA GLU A 220 0.19 0.92 28.22
CA GLU A 220 0.19 0.89 28.27
C GLU A 220 -1.10 1.19 29.02
C GLU A 220 -1.11 1.23 29.02
N MET A 221 -2.26 1.18 28.34
CA MET A 221 -3.56 1.43 29.04
C MET A 221 -3.82 0.30 30.04
N ALA A 222 -3.48 -0.93 29.67
CA ALA A 222 -3.69 -2.12 30.53
C ALA A 222 -2.84 -2.03 31.80
N VAL A 223 -1.62 -1.53 31.68
CA VAL A 223 -0.67 -1.40 32.84
C VAL A 223 -1.04 -0.18 33.69
N ASN A 224 -1.41 0.95 33.08
CA ASN A 224 -1.60 2.17 33.91
C ASN A 224 -2.81 3.01 33.56
N GLY A 225 -3.17 3.10 32.27
CA GLY A 225 -4.20 4.04 31.78
C GLY A 225 -5.65 3.63 32.04
N PRO A 226 -6.58 4.20 31.25
CA PRO A 226 -7.99 3.87 31.36
C PRO A 226 -8.25 2.37 31.12
N ARG A 227 -9.31 1.85 31.72
CA ARG A 227 -9.71 0.43 31.52
C ARG A 227 -10.43 0.35 30.16
N LEU A 228 -9.87 -0.41 29.23
CA LEU A 228 -10.47 -0.52 27.88
C LEU A 228 -11.50 -1.65 27.85
N HIS A 229 -12.70 -1.38 27.34
CA HIS A 229 -13.75 -2.41 27.14
C HIS A 229 -13.89 -2.59 25.62
N THR A 230 -13.57 -3.78 25.11
CA THR A 230 -13.65 -4.08 23.65
C THR A 230 -14.98 -4.79 23.33
N HIS A 231 -15.41 -4.75 22.07
CA HIS A 231 -16.67 -5.41 21.65
C HIS A 231 -17.82 -4.94 22.56
N ALA A 232 -17.86 -3.64 22.87
CA ALA A 232 -18.89 -3.05 23.76
C ALA A 232 -19.90 -2.25 22.94
N GLU A 233 -21.19 -2.52 23.13
CA GLU A 233 -22.26 -1.73 22.50
C GLU A 233 -23.14 -1.17 23.63
N VAL A 234 -23.24 0.16 23.76
CA VAL A 234 -24.11 0.72 24.83
C VAL A 234 -25.58 0.56 24.39
N ALA A 235 -26.38 -0.12 25.21
CA ALA A 235 -27.81 -0.38 24.91
C ALA A 235 -28.67 0.78 25.42
N LYS A 236 -28.38 1.24 26.63
CA LYS A 236 -29.16 2.35 27.20
C LYS A 236 -28.36 2.94 28.34
N VAL A 237 -28.77 4.12 28.79
CA VAL A 237 -28.14 4.77 29.96
C VAL A 237 -29.28 5.07 30.94
N VAL A 238 -29.08 4.74 32.21
CA VAL A 238 -30.10 5.00 33.26
C VAL A 238 -29.56 6.05 34.23
N LYS A 239 -30.38 7.04 34.57
CA LYS A 239 -29.94 8.04 35.58
C LYS A 239 -30.44 7.51 36.93
N ASN A 240 -29.51 7.24 37.83
CA ASN A 240 -29.84 6.69 39.18
C ASN A 240 -30.35 7.82 40.09
N THR A 241 -31.03 7.43 41.18
CA THR A 241 -31.60 8.46 42.09
C THR A 241 -30.47 9.30 42.69
N ASP A 242 -29.25 8.76 42.82
CA ASP A 242 -28.14 9.54 43.42
C ASP A 242 -27.48 10.42 42.34
N GLU A 243 -28.07 10.47 41.14
CA GLU A 243 -27.63 11.33 39.99
C GLU A 243 -26.46 10.66 39.23
N SER A 244 -25.91 9.56 39.74
CA SER A 244 -24.89 8.80 38.96
C SER A 244 -25.60 8.20 37.75
N LEU A 245 -24.84 7.68 36.78
CA LEU A 245 -25.40 7.09 35.55
C LEU A 245 -24.94 5.63 35.45
N THR A 246 -25.81 4.76 34.96
CA THR A 246 -25.39 3.36 34.74
C THR A 246 -25.45 3.05 33.24
N LEU A 247 -24.34 2.68 32.63
CA LEU A 247 -24.36 2.26 31.21
C LEU A 247 -24.77 0.79 31.16
N TYR A 248 -25.78 0.46 30.36
CA TYR A 248 -26.14 -0.96 30.15
C TYR A 248 -25.57 -1.38 28.78
N LEU A 249 -24.68 -2.37 28.76
CA LEU A 249 -24.11 -2.85 27.48
C LEU A 249 -25.06 -3.91 26.90
N LYS A 250 -24.97 -4.16 25.60
CA LYS A 250 -25.83 -5.16 24.95
C LYS A 250 -25.55 -6.55 25.57
N ASP A 251 -24.32 -6.81 26.04
CA ASP A 251 -24.02 -8.15 26.61
C ASP A 251 -24.57 -8.25 28.04
N GLY A 252 -25.18 -7.18 28.55
CA GLY A 252 -25.79 -7.20 29.90
C GLY A 252 -24.93 -6.56 30.97
N GLN A 253 -23.64 -6.27 30.69
CA GLN A 253 -22.80 -5.63 31.73
C GLN A 253 -23.32 -4.24 32.09
N GLU A 254 -23.13 -3.87 33.36
CA GLU A 254 -23.51 -2.54 33.89
C GLU A 254 -22.26 -1.87 34.47
N VAL A 255 -22.04 -0.61 34.11
CA VAL A 255 -20.89 0.20 34.61
C VAL A 255 -21.47 1.54 35.09
N GLU A 256 -21.27 1.84 36.37
CA GLU A 256 -21.80 3.08 36.98
C GLU A 256 -20.72 4.15 36.93
N VAL A 257 -21.07 5.34 36.44
CA VAL A 257 -20.12 6.48 36.33
C VAL A 257 -20.83 7.78 36.71
N ASP A 258 -20.08 8.88 36.76
CA ASP A 258 -20.62 10.23 37.11
C ASP A 258 -20.86 11.00 35.81
N GLN A 259 -20.00 10.78 34.80
CA GLN A 259 -20.15 11.45 33.49
C GLN A 259 -19.87 10.43 32.38
N LEU A 260 -20.60 10.59 31.29
CA LEU A 260 -20.44 9.71 30.13
C LEU A 260 -20.18 10.60 28.92
N ILE A 261 -19.00 10.46 28.30
CA ILE A 261 -18.68 11.26 27.08
C ILE A 261 -18.90 10.43 25.81
N TRP A 262 -19.78 10.92 24.94
CA TRP A 262 -20.02 10.34 23.60
C TRP A 262 -18.97 10.92 22.63
N ALA A 263 -18.11 10.08 22.07
CA ALA A 263 -17.12 10.48 21.05
C ALA A 263 -17.19 9.43 19.94
N ILE A 264 -18.39 9.27 19.38
CA ILE A 264 -18.69 8.20 18.38
C ILE A 264 -18.67 8.75 16.96
N GLY A 265 -18.29 10.01 16.78
CA GLY A 265 -18.26 10.58 15.42
C GLY A 265 -18.92 11.93 15.37
N ARG A 266 -18.57 12.70 14.34
CA ARG A 266 -19.13 14.05 14.05
C ARG A 266 -19.87 13.97 12.72
N LYS A 267 -20.84 14.87 12.53
CA LYS A 267 -21.61 14.93 11.27
C LYS A 267 -21.46 16.34 10.70
N PRO A 268 -21.53 16.50 9.37
CA PRO A 268 -21.39 17.82 8.75
C PRO A 268 -22.58 18.76 9.02
N ASN A 269 -22.29 20.06 9.13
CA ASN A 269 -23.33 21.11 9.32
C ASN A 269 -23.97 21.40 7.96
N LEU A 270 -25.13 20.77 7.70
CA LEU A 270 -25.82 20.89 6.38
C LEU A 270 -27.21 21.49 6.55
N GLU A 271 -27.70 21.58 7.78
CA GLU A 271 -29.11 22.00 8.00
C GLU A 271 -29.20 23.41 8.61
N GLY A 272 -30.30 24.09 8.33
CA GLY A 272 -30.64 25.40 8.95
C GLY A 272 -30.26 26.61 8.12
N PHE A 273 -29.51 26.45 7.04
CA PHE A 273 -29.08 27.62 6.23
C PHE A 273 -29.61 27.53 4.79
N SER A 274 -30.70 26.78 4.58
CA SER A 274 -31.36 26.65 3.26
C SER A 274 -30.42 26.17 2.15
N LEU A 275 -29.56 25.19 2.47
CA LEU A 275 -28.72 24.54 1.41
C LEU A 275 -29.67 23.95 0.35
N ASP A 276 -30.91 23.63 0.74
CA ASP A 276 -31.92 23.05 -0.20
C ASP A 276 -32.37 24.08 -1.25
N LYS A 277 -31.99 25.35 -1.11
CA LYS A 277 -32.36 26.36 -2.15
C LYS A 277 -31.20 26.56 -3.14
N THR A 278 -30.08 25.85 -2.97
CA THR A 278 -28.90 26.07 -3.87
C THR A 278 -28.79 25.00 -4.96
N GLY A 279 -29.29 23.80 -4.69
CA GLY A 279 -29.09 22.69 -5.66
C GLY A 279 -27.82 21.91 -5.34
N VAL A 280 -27.02 22.36 -4.37
CA VAL A 280 -25.77 21.62 -4.02
C VAL A 280 -26.13 20.17 -3.63
N THR A 281 -25.42 19.20 -4.21
CA THR A 281 -25.74 17.76 -3.92
C THR A 281 -24.75 17.21 -2.88
N LEU A 282 -25.20 16.15 -2.20
CA LEU A 282 -24.38 15.41 -1.21
C LEU A 282 -23.79 14.19 -1.91
N ASN A 283 -22.64 13.71 -1.42
CA ASN A 283 -22.02 12.46 -1.96
C ASN A 283 -22.63 11.27 -1.19
N ASP A 284 -22.26 10.05 -1.56
CA ASP A 284 -22.90 8.87 -0.91
C ASP A 284 -22.39 8.68 0.52
N LYS A 285 -21.47 9.53 1.00
CA LYS A 285 -21.01 9.48 2.42
C LYS A 285 -21.82 10.51 3.23
N GLY A 286 -22.72 11.26 2.59
CA GLY A 286 -23.53 12.27 3.32
C GLY A 286 -22.83 13.63 3.47
N TYR A 287 -21.71 13.86 2.78
CA TYR A 287 -21.01 15.19 2.86
C TYR A 287 -21.32 16.01 1.61
N ILE A 288 -20.99 17.31 1.60
CA ILE A 288 -21.19 18.11 0.35
C ILE A 288 -20.28 17.51 -0.72
N GLU A 289 -20.86 17.20 -1.88
CA GLU A 289 -20.07 16.60 -2.97
C GLU A 289 -19.12 17.67 -3.55
N THR A 290 -17.85 17.31 -3.75
CA THR A 290 -16.89 18.26 -4.36
C THR A 290 -15.93 17.53 -5.29
N ASP A 291 -15.30 18.30 -6.19
CA ASP A 291 -14.21 17.76 -7.05
C ASP A 291 -12.88 18.06 -6.34
N ALA A 292 -11.77 17.85 -7.02
CA ALA A 292 -10.42 18.06 -6.41
C ALA A 292 -10.17 19.55 -6.12
N TYR A 293 -10.97 20.46 -6.72
CA TYR A 293 -10.79 21.93 -6.63
C TYR A 293 -11.78 22.56 -5.65
N GLU A 294 -12.46 21.71 -4.89
CA GLU A 294 -13.44 22.11 -3.85
C GLU A 294 -14.71 22.69 -4.48
N ASN A 295 -14.92 22.48 -5.79
CA ASN A 295 -16.17 22.93 -6.45
C ASN A 295 -17.35 22.03 -6.05
N THR A 296 -18.48 22.62 -5.61
CA THR A 296 -19.71 21.82 -5.36
C THR A 296 -20.32 21.48 -6.73
N SER A 297 -21.50 20.85 -6.75
CA SER A 297 -22.19 20.54 -8.03
C SER A 297 -22.74 21.82 -8.68
N VAL A 298 -22.68 22.95 -7.98
CA VAL A 298 -23.25 24.25 -8.47
C VAL A 298 -22.11 25.23 -8.72
N LYS A 299 -22.04 25.75 -9.94
CA LYS A 299 -20.97 26.70 -10.34
C LYS A 299 -21.01 27.93 -9.41
N GLY A 300 -19.85 28.30 -8.87
CA GLY A 300 -19.78 29.50 -8.00
C GLY A 300 -19.99 29.16 -6.54
N ILE A 301 -20.19 27.89 -6.20
CA ILE A 301 -20.32 27.51 -4.76
C ILE A 301 -19.24 26.45 -4.51
N TYR A 302 -18.52 26.59 -3.41
CA TYR A 302 -17.37 25.72 -3.02
C TYR A 302 -17.61 25.22 -1.59
N ALA A 303 -16.92 24.14 -1.22
CA ALA A 303 -17.07 23.56 0.12
C ALA A 303 -15.70 23.10 0.57
N VAL A 304 -15.22 23.67 1.67
CA VAL A 304 -13.88 23.36 2.20
C VAL A 304 -14.00 23.03 3.69
N GLY A 305 -13.09 22.19 4.19
CA GLY A 305 -13.11 21.81 5.61
C GLY A 305 -13.97 20.59 5.89
N ASP A 306 -14.32 20.39 7.16
CA ASP A 306 -15.09 19.19 7.62
C ASP A 306 -16.37 18.95 6.80
N VAL A 307 -17.03 20.02 6.33
CA VAL A 307 -18.33 19.84 5.61
C VAL A 307 -18.14 19.01 4.32
N ASN A 308 -16.92 18.92 3.76
CA ASN A 308 -16.73 18.15 2.49
C ASN A 308 -16.27 16.73 2.80
N GLY A 309 -16.06 16.40 4.09
CA GLY A 309 -15.72 15.04 4.59
C GLY A 309 -14.36 14.48 4.13
N LYS A 310 -13.49 15.27 3.51
CA LYS A 310 -12.23 14.68 2.98
C LYS A 310 -11.24 14.33 4.11
N LEU A 311 -10.93 15.24 5.01
CA LEU A 311 -9.97 14.91 6.09
C LEU A 311 -10.17 15.97 7.16
N ALA A 312 -10.71 15.56 8.31
CA ALA A 312 -11.10 16.49 9.40
C ALA A 312 -9.90 16.91 10.25
N LEU A 313 -9.05 17.76 9.67
CA LEU A 313 -7.87 18.33 10.37
C LEU A 313 -7.84 19.82 10.10
N THR A 314 -7.41 20.61 11.09
CA THR A 314 -7.33 22.09 10.91
C THR A 314 -6.38 22.47 9.77
N PRO A 315 -5.11 21.99 9.73
CA PRO A 315 -4.19 22.39 8.67
C PRO A 315 -4.69 22.07 7.25
N VAL A 316 -5.54 21.05 7.13
CA VAL A 316 -6.11 20.65 5.82
C VAL A 316 -7.13 21.70 5.41
N ALA A 317 -8.03 22.06 6.32
CA ALA A 317 -9.04 23.11 6.07
C ALA A 317 -8.33 24.40 5.66
N VAL A 318 -7.22 24.71 6.36
CA VAL A 318 -6.46 25.97 6.13
C VAL A 318 -5.81 25.96 4.74
N ALA A 319 -5.09 24.89 4.40
CA ALA A 319 -4.38 24.83 3.10
C ALA A 319 -5.36 24.80 1.92
N ALA A 320 -6.43 24.00 2.03
CA ALA A 320 -7.43 23.92 0.94
C ALA A 320 -8.10 25.28 0.74
N GLY A 321 -8.45 25.95 1.85
CA GLY A 321 -9.09 27.28 1.78
C GLY A 321 -8.17 28.30 1.13
N ARG A 322 -6.88 28.24 1.47
CA ARG A 322 -5.88 29.17 0.90
C ARG A 322 -5.70 28.86 -0.59
N ARG A 323 -5.51 27.60 -0.94
CA ARG A 323 -5.32 27.22 -2.37
C ARG A 323 -6.57 27.55 -3.18
N LEU A 324 -7.76 27.48 -2.56
CA LEU A 324 -8.99 27.83 -3.33
C LEU A 324 -8.94 29.31 -3.69
N SER A 325 -8.51 30.13 -2.74
CA SER A 325 -8.49 31.58 -2.99
C SER A 325 -7.39 31.89 -3.99
N GLU A 326 -6.27 31.16 -3.93
CA GLU A 326 -5.21 31.34 -4.96
C GLU A 326 -5.81 31.05 -6.34
N ARG A 327 -6.66 30.03 -6.44
CA ARG A 327 -7.26 29.66 -7.74
C ARG A 327 -8.31 30.69 -8.18
N LEU A 328 -9.19 31.13 -7.29
CA LEU A 328 -10.28 32.05 -7.70
C LEU A 328 -9.81 33.50 -7.86
N PHE A 329 -8.87 33.95 -7.02
CA PHE A 329 -8.55 35.41 -7.04
C PHE A 329 -7.11 35.70 -7.46
N ASN A 330 -6.24 34.68 -7.60
CA ASN A 330 -4.86 34.95 -8.05
C ASN A 330 -4.59 34.21 -9.37
N GLY A 331 -5.65 33.81 -10.09
CA GLY A 331 -5.59 33.13 -11.41
C GLY A 331 -4.80 31.81 -11.42
N LYS A 332 -4.59 31.16 -10.27
CA LYS A 332 -3.85 29.86 -10.24
C LYS A 332 -4.84 28.74 -10.59
N THR A 333 -5.09 28.59 -11.89
CA THR A 333 -6.12 27.68 -12.48
C THR A 333 -6.04 26.23 -11.97
N ASP A 334 -4.84 25.69 -11.77
CA ASP A 334 -4.67 24.26 -11.38
C ASP A 334 -4.39 24.11 -9.89
N GLU A 335 -4.48 25.18 -9.12
CA GLU A 335 -4.15 25.10 -7.67
C GLU A 335 -5.19 24.24 -6.96
N LYS A 336 -4.70 23.30 -6.13
N LYS A 336 -4.71 23.33 -6.10
CA LYS A 336 -5.54 22.36 -5.35
CA LYS A 336 -5.58 22.44 -5.28
C LYS A 336 -4.69 21.74 -4.23
C LYS A 336 -4.71 21.77 -4.22
N LEU A 337 -5.33 21.22 -3.18
CA LEU A 337 -4.57 20.57 -2.08
C LEU A 337 -4.38 19.07 -2.38
N ASP A 338 -3.18 18.57 -2.05
CA ASP A 338 -2.87 17.12 -2.12
C ASP A 338 -3.27 16.57 -0.75
N TYR A 339 -4.32 15.75 -0.69
CA TYR A 339 -4.83 15.21 0.60
C TYR A 339 -4.08 13.93 1.03
N GLN A 340 -3.05 13.52 0.30
N GLN A 340 -3.03 13.57 0.29
CA GLN A 340 -2.29 12.29 0.68
CA GLN A 340 -2.21 12.37 0.63
C GLN A 340 -1.00 12.71 1.41
C GLN A 340 -1.01 12.77 1.48
N ASN A 341 -0.48 11.83 2.26
CA ASN A 341 0.76 12.07 3.06
C ASN A 341 0.57 13.23 4.06
N VAL A 342 -0.66 13.41 4.55
CA VAL A 342 -0.87 14.48 5.57
C VAL A 342 -0.54 13.87 6.94
N ALA A 343 0.35 14.51 7.68
CA ALA A 343 0.79 13.99 8.98
C ALA A 343 -0.26 14.31 10.06
N THR A 344 -0.32 13.45 11.08
N THR A 344 -0.33 13.46 11.09
CA THR A 344 -1.26 13.66 12.21
CA THR A 344 -1.31 13.64 12.20
C THR A 344 -0.54 13.33 13.52
C THR A 344 -0.65 13.26 13.52
N VAL A 345 -0.95 14.01 14.58
CA VAL A 345 -0.44 13.71 15.94
C VAL A 345 -1.68 13.49 16.79
N ILE A 346 -1.70 12.39 17.55
CA ILE A 346 -2.80 12.04 18.48
C ILE A 346 -2.22 12.22 19.88
N PHE A 347 -2.84 13.08 20.68
CA PHE A 347 -2.31 13.37 22.03
C PHE A 347 -2.83 12.32 23.01
N SER A 348 -2.54 11.07 22.70
CA SER A 348 -2.81 9.91 23.57
C SER A 348 -1.66 9.83 24.59
N HIS A 349 -1.69 8.82 25.47
CA HIS A 349 -0.63 8.60 26.50
C HIS A 349 -0.06 7.19 26.33
N PRO A 350 1.14 7.00 25.72
CA PRO A 350 1.96 8.08 25.19
C PRO A 350 1.42 8.60 23.85
N VAL A 351 1.97 9.74 23.42
CA VAL A 351 1.59 10.43 22.15
C VAL A 351 1.92 9.56 20.92
N ILE A 352 1.04 9.64 19.91
CA ILE A 352 1.20 8.94 18.60
C ILE A 352 1.39 9.98 17.50
N GLY A 353 2.38 9.73 16.63
CA GLY A 353 2.70 10.54 15.45
C GLY A 353 2.69 9.64 14.23
N SER A 354 2.13 10.10 13.12
CA SER A 354 1.98 9.20 11.96
C SER A 354 1.94 10.00 10.68
N VAL A 355 2.66 9.52 9.66
CA VAL A 355 2.59 10.16 8.32
C VAL A 355 2.73 9.05 7.28
N GLY A 356 1.80 9.02 6.33
CA GLY A 356 1.86 8.02 5.26
C GLY A 356 1.21 6.71 5.63
N LEU A 357 1.62 5.64 4.94
CA LEU A 357 0.96 4.33 5.04
C LEU A 357 1.40 3.51 6.24
N SER A 358 0.42 2.86 6.87
CA SER A 358 0.69 1.82 7.88
C SER A 358 1.34 0.64 7.14
N GLU A 359 1.98 -0.27 7.87
CA GLU A 359 2.55 -1.49 7.23
C GLU A 359 1.42 -2.22 6.50
N GLU A 360 0.27 -2.42 7.15
CA GLU A 360 -0.87 -3.14 6.49
C GLU A 360 -1.30 -2.44 5.19
N ALA A 361 -1.44 -1.12 5.19
CA ALA A 361 -1.87 -0.37 3.98
C ALA A 361 -0.79 -0.46 2.88
N ALA A 362 0.48 -0.40 3.24
CA ALA A 362 1.55 -0.51 2.24
C ALA A 362 1.52 -1.91 1.59
N VAL A 363 1.39 -2.96 2.40
CA VAL A 363 1.37 -4.36 1.88
C VAL A 363 0.15 -4.52 0.96
N LYS A 364 -0.97 -3.87 1.29
CA LYS A 364 -2.17 -3.97 0.42
C LYS A 364 -1.92 -3.29 -0.94
N GLN A 365 -1.27 -2.13 -0.98
CA GLN A 365 -1.07 -1.40 -2.27
CA GLN A 365 -1.05 -1.39 -2.26
C GLN A 365 0.12 -1.96 -3.07
N TYR A 366 1.22 -2.33 -2.41
CA TYR A 366 2.44 -2.77 -3.16
C TYR A 366 2.76 -4.27 -3.04
N GLY A 367 2.13 -5.00 -2.12
CA GLY A 367 2.42 -6.44 -1.97
C GLY A 367 3.56 -6.64 -0.99
N GLN A 368 3.49 -7.69 -0.18
CA GLN A 368 4.55 -7.98 0.83
C GLN A 368 5.94 -8.03 0.18
N GLU A 369 6.04 -8.57 -1.03
CA GLU A 369 7.34 -8.74 -1.74
C GLU A 369 8.06 -7.39 -1.90
N ALA A 370 7.32 -6.28 -1.96
CA ALA A 370 7.93 -4.96 -2.21
C ALA A 370 8.05 -4.12 -0.94
N VAL A 371 7.53 -4.61 0.20
CA VAL A 371 7.52 -3.81 1.47
C VAL A 371 8.52 -4.35 2.49
N LYS A 372 9.30 -3.45 3.09
CA LYS A 372 10.23 -3.81 4.19
C LYS A 372 10.06 -2.77 5.30
N THR A 373 9.83 -3.23 6.53
CA THR A 373 9.68 -2.28 7.66
C THR A 373 10.91 -2.31 8.57
N TYR A 374 11.15 -1.20 9.23
CA TYR A 374 12.25 -1.04 10.22
C TYR A 374 11.61 -0.55 11.52
N GLN A 375 12.20 -0.91 12.65
CA GLN A 375 11.65 -0.51 13.95
C GLN A 375 12.77 -0.23 14.93
N SER A 376 12.47 0.66 15.87
CA SER A 376 13.38 0.96 17.00
C SER A 376 12.50 0.94 18.25
N ARG A 377 12.86 0.10 19.22
CA ARG A 377 12.11 -0.03 20.48
C ARG A 377 13.04 0.42 21.60
N PHE A 378 12.60 1.36 22.42
CA PHE A 378 13.50 1.89 23.49
C PHE A 378 12.66 2.55 24.57
N THR A 379 13.31 3.00 25.63
CA THR A 379 12.61 3.71 26.73
C THR A 379 13.05 5.17 26.69
N SER A 380 12.09 6.09 26.81
CA SER A 380 12.42 7.53 26.86
C SER A 380 13.31 7.79 28.09
N MET A 381 14.44 8.49 27.90
CA MET A 381 15.38 8.78 29.00
C MET A 381 14.64 9.46 30.17
N PHE A 382 13.68 10.31 29.85
CA PHE A 382 12.93 11.05 30.89
C PHE A 382 12.32 10.08 31.90
N THR A 383 11.72 8.98 31.42
CA THR A 383 11.08 7.98 32.32
C THR A 383 12.08 6.90 32.75
N ALA A 384 13.20 6.74 32.04
CA ALA A 384 14.15 5.62 32.30
C ALA A 384 14.80 5.72 33.69
N ILE A 385 14.96 6.92 34.24
CA ILE A 385 15.61 7.00 35.58
C ILE A 385 14.57 6.73 36.67
N THR A 386 13.28 6.62 36.30
CA THR A 386 12.19 6.46 37.31
C THR A 386 11.74 5.01 37.43
N ASN A 387 10.77 4.76 38.31
N ASN A 387 10.77 4.76 38.31
CA ASN A 387 10.18 3.42 38.53
CA ASN A 387 10.17 3.43 38.53
C ASN A 387 9.02 3.23 37.55
C ASN A 387 9.00 3.23 37.56
N HIS A 388 8.66 4.27 36.80
CA HIS A 388 7.55 4.23 35.81
C HIS A 388 8.11 4.40 34.39
N ARG A 389 8.87 3.42 33.93
CA ARG A 389 9.48 3.46 32.57
C ARG A 389 8.38 3.38 31.51
N GLN A 390 8.46 4.25 30.51
CA GLN A 390 7.44 4.29 29.44
C GLN A 390 8.08 3.83 28.14
N PRO A 391 7.40 2.96 27.36
CA PRO A 391 7.98 2.50 26.11
C PRO A 391 7.83 3.51 24.96
N CYS A 392 8.77 3.43 24.03
CA CYS A 392 8.72 4.20 22.77
C CYS A 392 8.88 3.19 21.64
N LEU A 393 8.22 3.44 20.52
CA LEU A 393 8.38 2.53 19.37
C LEU A 393 8.23 3.40 18.14
N MET A 394 9.21 3.29 17.25
CA MET A 394 9.24 4.03 15.97
C MET A 394 9.38 3.03 14.83
N LYS A 395 8.70 3.32 13.73
CA LYS A 395 8.62 2.36 12.61
C LYS A 395 8.68 3.11 11.29
N LEU A 396 9.45 2.55 10.35
CA LEU A 396 9.57 3.06 8.97
C LEU A 396 9.00 1.97 8.05
N VAL A 397 8.15 2.38 7.12
CA VAL A 397 7.55 1.46 6.10
C VAL A 397 8.18 1.85 4.75
N THR A 398 8.99 0.95 4.18
CA THR A 398 9.70 1.24 2.91
C THR A 398 9.14 0.37 1.77
N VAL A 399 9.30 0.86 0.54
CA VAL A 399 8.81 0.15 -0.68
C VAL A 399 9.93 0.10 -1.73
N GLY A 400 10.07 -1.05 -2.39
CA GLY A 400 11.01 -1.25 -3.53
C GLY A 400 12.47 -1.30 -3.15
N ASP A 401 13.33 -1.43 -4.18
CA ASP A 401 14.81 -1.53 -4.06
C ASP A 401 15.42 -0.26 -3.45
N THR A 402 14.87 0.93 -3.74
CA THR A 402 15.43 2.19 -3.18
C THR A 402 14.91 2.41 -1.74
N GLU A 403 14.05 1.54 -1.24
CA GLU A 403 13.47 1.64 0.14
C GLU A 403 12.89 3.05 0.34
N LYS A 404 11.97 3.44 -0.54
CA LYS A 404 11.30 4.75 -0.43
C LYS A 404 10.44 4.74 0.85
N ILE A 405 10.56 5.78 1.68
CA ILE A 405 9.79 5.86 2.95
C ILE A 405 8.35 6.22 2.57
N VAL A 406 7.43 5.26 2.63
CA VAL A 406 6.01 5.55 2.32
C VAL A 406 5.25 5.75 3.64
N GLY A 407 5.85 5.39 4.78
CA GLY A 407 5.15 5.57 6.06
C GLY A 407 6.13 5.75 7.19
N LEU A 408 5.81 6.66 8.12
CA LEU A 408 6.67 6.89 9.30
C LEU A 408 5.73 7.03 10.49
N HIS A 409 6.00 6.27 11.55
CA HIS A 409 5.04 6.26 12.69
C HIS A 409 5.80 6.13 14.00
N GLY A 410 5.30 6.79 15.03
CA GLY A 410 5.98 6.67 16.33
C GLY A 410 5.00 6.77 17.47
N ILE A 411 5.39 6.21 18.61
CA ILE A 411 4.64 6.35 19.88
C ILE A 411 5.68 6.55 20.98
N GLY A 412 5.52 7.59 21.79
CA GLY A 412 6.51 7.81 22.85
C GLY A 412 6.59 9.26 23.28
N TYR A 413 7.30 9.49 24.39
CA TYR A 413 7.47 10.83 24.97
C TYR A 413 8.13 11.75 23.95
N GLY A 414 7.48 12.87 23.63
CA GLY A 414 7.99 13.92 22.74
C GLY A 414 7.70 13.74 21.26
N VAL A 415 7.03 12.65 20.87
CA VAL A 415 6.79 12.37 19.42
C VAL A 415 5.96 13.50 18.78
N ASP A 416 5.13 14.17 19.55
CA ASP A 416 4.27 15.26 18.99
C ASP A 416 5.10 16.29 18.21
N GLU A 417 6.33 16.55 18.66
CA GLU A 417 7.11 17.63 17.98
C GLU A 417 8.09 17.04 16.94
N MET A 418 8.21 15.73 16.84
CA MET A 418 9.21 15.13 15.91
C MET A 418 8.72 15.01 14.47
N ILE A 419 7.42 14.86 14.26
CA ILE A 419 6.89 14.45 12.92
C ILE A 419 6.99 15.53 11.83
N GLN A 420 6.71 16.79 12.13
CA GLN A 420 6.63 17.86 11.07
C GLN A 420 7.81 17.79 10.08
N GLY A 421 9.04 17.77 10.58
CA GLY A 421 10.21 17.73 9.69
C GLY A 421 10.26 16.48 8.83
N PHE A 422 9.97 15.33 9.41
CA PHE A 422 9.97 14.07 8.63
C PHE A 422 8.87 14.15 7.56
N ALA A 423 7.76 14.81 7.86
CA ALA A 423 6.64 14.98 6.90
C ALA A 423 7.16 15.73 5.67
N VAL A 424 8.10 16.66 5.86
CA VAL A 424 8.68 17.40 4.71
C VAL A 424 9.53 16.41 3.90
N ALA A 425 10.34 15.61 4.59
CA ALA A 425 11.26 14.63 3.93
C ALA A 425 10.45 13.64 3.10
N ILE A 426 9.33 13.15 3.65
CA ILE A 426 8.46 12.16 2.95
C ILE A 426 7.74 12.83 1.76
N LYS A 427 7.34 14.11 1.90
N LYS A 427 7.37 14.12 1.88
CA LYS A 427 6.72 14.83 0.76
CA LYS A 427 6.69 14.81 0.75
C LYS A 427 7.73 14.90 -0.39
C LYS A 427 7.70 15.06 -0.38
N MET A 428 9.01 15.07 -0.07
CA MET A 428 10.12 15.21 -1.05
C MET A 428 10.58 13.84 -1.59
N GLY A 429 10.00 12.72 -1.15
CA GLY A 429 10.40 11.40 -1.69
C GLY A 429 11.65 10.80 -1.04
N ALA A 430 11.79 10.94 0.26
CA ALA A 430 12.96 10.40 1.01
C ALA A 430 13.05 8.87 0.90
N THR A 431 14.27 8.36 0.98
CA THR A 431 14.54 6.91 1.01
C THR A 431 15.24 6.56 2.33
N LYS A 432 15.41 5.27 2.60
CA LYS A 432 16.14 4.88 3.83
C LYS A 432 17.55 5.46 3.73
N ALA A 433 18.10 5.57 2.50
CA ALA A 433 19.48 6.09 2.33
C ALA A 433 19.52 7.56 2.78
N ASP A 434 18.48 8.33 2.46
CA ASP A 434 18.44 9.75 2.91
C ASP A 434 18.45 9.80 4.45
N PHE A 435 17.72 8.90 5.10
CA PHE A 435 17.70 8.89 6.59
C PHE A 435 19.08 8.49 7.12
N ASP A 436 19.66 7.40 6.59
CA ASP A 436 20.97 6.89 7.03
C ASP A 436 22.06 7.97 6.88
N ASN A 437 21.93 8.84 5.88
CA ASN A 437 22.97 9.87 5.59
C ASN A 437 22.77 11.12 6.45
N THR A 438 21.73 11.15 7.29
CA THR A 438 21.52 12.34 8.16
C THR A 438 22.14 12.04 9.53
N VAL A 439 23.03 12.91 10.03
CA VAL A 439 23.66 12.65 11.35
C VAL A 439 22.60 12.85 12.44
N ALA A 440 22.65 11.99 13.46
CA ALA A 440 21.67 12.03 14.58
C ALA A 440 21.93 13.21 15.52
N ILE A 441 20.91 13.53 16.31
CA ILE A 441 20.99 14.57 17.36
C ILE A 441 20.88 13.82 18.70
N HIS A 442 21.93 13.84 19.50
CA HIS A 442 21.96 13.08 20.77
C HIS A 442 22.11 14.01 21.97
N PRO A 443 21.39 13.78 23.09
CA PRO A 443 20.40 12.72 23.21
C PRO A 443 18.98 13.27 22.97
N THR A 444 18.23 12.61 22.09
CA THR A 444 16.82 12.93 21.75
C THR A 444 16.10 11.64 21.38
N GLY A 445 14.78 11.65 21.45
CA GLY A 445 14.02 10.47 20.99
C GLY A 445 14.02 10.45 19.47
N SER A 446 14.04 11.64 18.86
CA SER A 446 13.94 11.79 17.38
C SER A 446 15.12 11.10 16.68
N GLU A 447 16.27 10.95 17.35
CA GLU A 447 17.40 10.32 16.63
C GLU A 447 17.10 8.86 16.30
N GLU A 448 16.14 8.24 16.99
CA GLU A 448 15.86 6.80 16.74
C GLU A 448 15.25 6.61 15.36
N PHE A 449 14.65 7.65 14.77
CA PHE A 449 14.07 7.53 13.41
C PHE A 449 15.16 7.44 12.35
N VAL A 450 16.38 7.90 12.65
CA VAL A 450 17.44 7.88 11.59
C VAL A 450 18.54 6.87 11.92
N THR A 451 18.39 6.06 12.97
CA THR A 451 19.45 5.07 13.31
C THR A 451 18.90 3.63 13.35
N MET A 452 17.86 3.33 12.57
CA MET A 452 17.29 1.97 12.53
C MET A 452 18.10 1.09 11.56
N ARG A 453 18.25 -0.19 11.87
CA ARG A 453 18.97 -1.14 10.97
C ARG A 453 18.15 -2.44 10.88
N MET B 4 56.89 -12.28 23.20
CA MET B 4 55.57 -12.83 22.74
C MET B 4 54.57 -11.67 22.57
N VAL B 5 54.17 -11.39 21.31
CA VAL B 5 53.21 -10.29 21.01
C VAL B 5 51.91 -10.91 20.48
N ILE B 6 50.77 -10.55 21.10
CA ILE B 6 49.44 -11.09 20.71
C ILE B 6 48.88 -10.28 19.54
N PRO B 7 48.52 -10.92 18.41
CA PRO B 7 47.97 -10.20 17.26
C PRO B 7 46.44 -10.11 17.21
N TYR B 8 45.94 -8.98 16.71
CA TYR B 8 44.51 -8.68 16.51
C TYR B 8 44.33 -8.08 15.11
N ASP B 9 43.11 -8.03 14.61
CA ASP B 9 42.87 -7.37 13.30
C ASP B 9 42.72 -5.86 13.53
N TYR B 10 42.29 -5.48 14.74
CA TYR B 10 41.99 -4.07 15.04
C TYR B 10 42.22 -3.78 16.52
N ILE B 11 42.95 -2.72 16.82
CA ILE B 11 43.16 -2.29 18.23
C ILE B 11 42.53 -0.91 18.35
N VAL B 12 41.59 -0.75 19.29
CA VAL B 12 40.88 0.55 19.49
C VAL B 12 41.37 1.15 20.81
N ILE B 13 41.98 2.32 20.74
CA ILE B 13 42.45 3.01 21.98
C ILE B 13 41.37 4.00 22.40
N GLY B 14 40.61 3.66 23.45
CA GLY B 14 39.54 4.53 23.98
C GLY B 14 38.17 3.89 23.82
N GLY B 15 37.44 3.72 24.92
CA GLY B 15 36.09 3.12 24.93
C GLY B 15 35.02 4.17 25.02
N GLY B 16 35.16 5.25 24.25
CA GLY B 16 34.14 6.32 24.22
C GLY B 16 33.21 6.16 23.05
N SER B 17 32.52 7.24 22.64
CA SER B 17 31.54 7.19 21.52
C SER B 17 32.22 6.66 20.24
N ALA B 18 33.40 7.18 19.92
CA ALA B 18 34.13 6.78 18.69
C ALA B 18 34.60 5.31 18.78
N GLY B 19 35.33 4.96 19.83
CA GLY B 19 35.88 3.60 20.00
C GLY B 19 34.84 2.51 20.06
N ILE B 20 33.84 2.65 20.93
CA ILE B 20 32.78 1.59 21.04
C ILE B 20 32.11 1.37 19.68
N ALA B 21 31.61 2.44 19.06
CA ALA B 21 30.93 2.31 17.75
C ALA B 21 31.84 1.59 16.74
N SER B 22 33.08 2.06 16.57
CA SER B 22 34.01 1.46 15.56
C SER B 22 34.34 0.01 15.93
N ALA B 23 34.56 -0.26 17.22
CA ALA B 23 34.90 -1.64 17.67
C ALA B 23 33.76 -2.61 17.33
N ASN B 24 32.54 -2.30 17.77
CA ASN B 24 31.35 -3.17 17.53
C ASN B 24 31.12 -3.39 16.03
N ARG B 25 31.18 -2.34 15.22
CA ARG B 25 30.93 -2.49 13.77
C ARG B 25 32.02 -3.38 13.13
N ALA B 26 33.26 -3.24 13.60
CA ALA B 26 34.39 -4.05 13.07
C ALA B 26 34.16 -5.53 13.42
N ALA B 27 33.70 -5.77 14.65
CA ALA B 27 33.42 -7.14 15.14
C ALA B 27 32.27 -7.74 14.31
N MET B 28 31.28 -6.91 13.98
CA MET B 28 30.11 -7.35 13.17
C MET B 28 30.60 -7.88 11.82
N HIS B 29 31.75 -7.38 11.34
CA HIS B 29 32.26 -7.80 10.02
C HIS B 29 33.42 -8.80 10.14
N GLY B 30 33.47 -9.56 11.24
CA GLY B 30 34.43 -10.67 11.40
C GLY B 30 35.82 -10.27 11.88
N ALA B 31 36.04 -9.00 12.22
CA ALA B 31 37.41 -8.67 12.67
C ALA B 31 37.62 -9.06 14.13
N LYS B 32 38.82 -9.47 14.47
CA LYS B 32 39.25 -9.77 15.85
C LYS B 32 39.62 -8.39 16.43
N VAL B 33 38.84 -7.91 17.39
CA VAL B 33 39.01 -6.50 17.87
C VAL B 33 39.42 -6.47 19.34
N LEU B 34 40.38 -5.61 19.66
CA LEU B 34 40.82 -5.38 21.07
C LEU B 34 40.50 -3.93 21.42
N LEU B 35 39.74 -3.71 22.50
CA LEU B 35 39.39 -2.32 22.88
C LEU B 35 39.98 -2.03 24.26
N ALA B 36 40.76 -0.95 24.36
CA ALA B 36 41.37 -0.53 25.65
C ALA B 36 40.61 0.69 26.16
N GLU B 37 40.36 0.72 27.47
CA GLU B 37 39.66 1.85 28.13
C GLU B 37 40.30 2.00 29.51
N GLY B 38 40.96 3.13 29.75
CA GLY B 38 41.66 3.39 31.03
C GLY B 38 40.73 3.86 32.12
N LYS B 39 39.51 4.29 31.79
CA LYS B 39 38.56 4.77 32.83
C LYS B 39 37.28 3.94 32.76
N GLU B 40 36.11 4.58 32.63
CA GLU B 40 34.83 3.83 32.56
C GLU B 40 34.39 3.72 31.11
N ILE B 41 33.70 2.62 30.78
CA ILE B 41 33.20 2.38 29.40
C ILE B 41 32.15 3.45 29.10
N GLY B 42 32.06 3.91 27.85
CA GLY B 42 31.09 4.94 27.43
C GLY B 42 31.74 6.30 27.32
N GLY B 43 32.96 6.45 27.84
CA GLY B 43 33.69 7.73 27.75
C GLY B 43 32.92 8.92 28.30
N THR B 44 33.18 10.08 27.71
CA THR B 44 32.61 11.38 28.14
C THR B 44 31.09 11.40 28.01
N CYS B 45 30.55 11.04 26.85
CA CYS B 45 29.08 11.05 26.59
C CYS B 45 28.28 10.38 27.72
N VAL B 46 28.64 9.14 28.06
CA VAL B 46 27.88 8.34 29.07
C VAL B 46 28.19 8.77 30.51
N ASN B 47 29.45 9.06 30.84
CA ASN B 47 29.83 9.30 32.25
C ASN B 47 29.89 10.79 32.64
N LEU B 48 30.34 11.68 31.76
CA LEU B 48 30.52 13.11 32.13
C LEU B 48 30.03 14.04 31.03
N GLY B 49 29.02 13.65 30.26
CA GLY B 49 28.60 14.51 29.13
C GLY B 49 27.11 14.44 28.84
N CYS B 50 26.77 14.14 27.58
CA CYS B 50 25.38 14.11 27.06
C CYS B 50 24.39 13.50 28.05
N VAL B 51 24.63 12.27 28.47
CA VAL B 51 23.67 11.50 29.30
C VAL B 51 23.39 12.15 30.65
N PRO B 52 24.37 12.24 31.58
CA PRO B 52 24.09 12.86 32.87
C PRO B 52 23.63 14.32 32.71
N LYS B 53 24.12 15.01 31.68
CA LYS B 53 23.72 16.42 31.43
C LYS B 53 22.23 16.46 31.13
N LYS B 54 21.75 15.53 30.30
CA LYS B 54 20.31 15.50 29.90
C LYS B 54 19.47 15.10 31.12
N VAL B 55 19.95 14.14 31.91
CA VAL B 55 19.19 13.73 33.13
C VAL B 55 19.04 14.96 34.03
N MET B 56 20.12 15.74 34.22
CA MET B 56 20.03 16.94 35.09
C MET B 56 19.12 17.99 34.42
N TRP B 57 19.11 18.04 33.09
CA TRP B 57 18.23 18.98 32.38
C TRP B 57 16.77 18.58 32.62
N TYR B 58 16.46 17.28 32.60
CA TYR B 58 15.07 16.86 32.88
C TYR B 58 14.72 17.24 34.32
N GLY B 59 15.71 17.13 35.22
CA GLY B 59 15.52 17.55 36.62
C GLY B 59 15.17 19.01 36.67
N ALA B 60 15.83 19.82 35.83
CA ALA B 60 15.53 21.26 35.74
C ALA B 60 14.10 21.48 35.21
N GLN B 61 13.67 20.71 34.19
CA GLN B 61 12.31 20.89 33.60
C GLN B 61 11.25 20.57 34.67
N VAL B 62 11.53 19.61 35.56
CA VAL B 62 10.59 19.23 36.66
C VAL B 62 10.61 20.38 37.67
N ALA B 63 11.78 20.93 37.95
CA ALA B 63 11.91 22.06 38.91
C ALA B 63 11.08 23.26 38.40
N ASP B 64 11.11 23.53 37.09
CA ASP B 64 10.34 24.66 36.49
C ASP B 64 8.84 24.35 36.62
N ILE B 65 8.45 23.10 36.39
CA ILE B 65 7.01 22.71 36.55
C ILE B 65 6.57 23.02 37.99
N LEU B 66 7.30 22.52 38.99
CA LEU B 66 6.85 22.70 40.39
C LEU B 66 6.92 24.16 40.84
N GLY B 67 7.98 24.88 40.51
CA GLY B 67 8.15 26.24 41.06
C GLY B 67 7.55 27.35 40.24
N THR B 68 7.19 27.09 38.97
CA THR B 68 6.73 28.20 38.12
C THR B 68 5.39 27.91 37.41
N TYR B 69 5.30 26.80 36.69
CA TYR B 69 4.11 26.59 35.83
C TYR B 69 2.94 25.88 36.52
N ALA B 70 3.19 24.96 37.46
CA ALA B 70 2.08 24.16 38.02
C ALA B 70 0.95 25.06 38.55
N LYS B 71 1.29 26.16 39.22
CA LYS B 71 0.25 27.03 39.80
C LYS B 71 -0.76 27.50 38.74
N ASP B 72 -0.30 27.89 37.56
CA ASP B 72 -1.21 28.42 36.51
C ASP B 72 -1.98 27.27 35.84
N TYR B 73 -1.62 26.00 36.10
CA TYR B 73 -2.42 24.86 35.60
C TYR B 73 -3.40 24.42 36.70
N GLY B 74 -3.47 25.19 37.79
CA GLY B 74 -4.43 24.90 38.88
C GLY B 74 -3.87 24.00 39.99
N PHE B 75 -2.59 23.66 39.96
CA PHE B 75 -2.01 22.73 40.98
C PHE B 75 -1.29 23.51 42.07
N ASP B 76 -1.61 23.19 43.32
CA ASP B 76 -1.00 23.84 44.52
C ASP B 76 -0.48 22.72 45.44
N PHE B 77 0.45 23.07 46.34
CA PHE B 77 1.03 22.09 47.29
C PHE B 77 1.92 22.87 48.26
N LYS B 78 2.49 22.20 49.27
CA LYS B 78 3.40 22.90 50.22
C LYS B 78 4.44 21.94 50.77
N GLU B 79 5.40 22.48 51.54
CA GLU B 79 6.52 21.71 52.12
C GLU B 79 7.34 21.13 50.96
N LYS B 80 7.45 21.87 49.85
CA LYS B 80 8.26 21.35 48.73
C LYS B 80 9.70 21.17 49.23
N ALA B 81 10.34 20.07 48.84
CA ALA B 81 11.71 19.77 49.26
C ALA B 81 12.44 19.18 48.06
N PHE B 82 13.76 19.39 47.98
CA PHE B 82 14.53 18.82 46.86
C PHE B 82 15.71 18.05 47.43
N ASP B 83 15.83 16.79 47.02
CA ASP B 83 16.90 15.86 47.47
C ASP B 83 17.83 15.62 46.29
N PHE B 84 18.86 16.45 46.16
CA PHE B 84 19.83 16.34 45.03
C PHE B 84 20.47 14.94 45.01
N LYS B 85 20.80 14.40 46.18
CA LYS B 85 21.43 13.05 46.26
C LYS B 85 20.52 11.99 45.63
N GLN B 86 19.20 12.15 45.72
CA GLN B 86 18.31 11.12 45.14
C GLN B 86 18.36 11.23 43.60
N LEU B 87 18.37 12.45 43.09
CA LEU B 87 18.43 12.64 41.62
C LEU B 87 19.76 12.09 41.12
N LYS B 88 20.84 12.33 41.87
CA LYS B 88 22.18 11.85 41.42
C LYS B 88 22.23 10.31 41.50
N ALA B 89 21.72 9.72 42.57
CA ALA B 89 21.70 8.24 42.71
C ALA B 89 20.92 7.62 41.55
N ASN B 90 19.78 8.22 41.17
CA ASN B 90 18.95 7.70 40.04
C ASN B 90 19.70 7.94 38.73
N ARG B 91 20.40 9.06 38.62
CA ARG B 91 21.21 9.36 37.42
C ARG B 91 22.34 8.32 37.28
N GLN B 92 22.99 7.99 38.39
CA GLN B 92 24.14 7.04 38.34
C GLN B 92 23.63 5.62 38.08
N ALA B 93 22.47 5.25 38.64
CA ALA B 93 21.91 3.90 38.41
C ALA B 93 21.63 3.71 36.90
N TYR B 94 21.16 4.75 36.23
CA TYR B 94 20.84 4.69 34.78
C TYR B 94 22.15 4.50 33.98
N ILE B 95 23.18 5.28 34.32
CA ILE B 95 24.50 5.14 33.66
C ILE B 95 25.05 3.73 33.89
N ASP B 96 24.95 3.23 35.13
CA ASP B 96 25.45 1.86 35.48
C ASP B 96 24.76 0.81 34.60
N ARG B 97 23.50 1.05 34.22
CA ARG B 97 22.79 0.09 33.33
C ARG B 97 23.31 0.27 31.89
N ILE B 98 23.79 1.46 31.54
CA ILE B 98 24.33 1.65 30.16
C ILE B 98 25.66 0.89 30.10
N HIS B 99 26.44 0.94 31.18
CA HIS B 99 27.74 0.21 31.23
C HIS B 99 27.48 -1.29 31.02
N ALA B 100 26.56 -1.86 31.81
CA ALA B 100 26.24 -3.31 31.76
C ALA B 100 25.78 -3.68 30.34
N SER B 101 25.00 -2.80 29.71
CA SER B 101 24.48 -3.04 28.33
C SER B 101 25.65 -3.13 27.33
N TYR B 102 26.60 -2.20 27.41
CA TYR B 102 27.75 -2.25 26.47
C TYR B 102 28.51 -3.57 26.64
N GLU B 103 28.77 -3.98 27.89
CA GLU B 103 29.47 -5.26 28.19
C GLU B 103 28.72 -6.44 27.55
N ARG B 104 27.41 -6.57 27.79
N ARG B 104 27.40 -6.53 27.78
CA ARG B 104 26.64 -7.68 27.13
CA ARG B 104 26.56 -7.60 27.17
C ARG B 104 26.85 -7.62 25.62
C ARG B 104 26.72 -7.60 25.65
N GLY B 105 26.82 -6.41 25.03
CA GLY B 105 27.04 -6.28 23.59
C GLY B 105 28.40 -6.84 23.20
N PHE B 106 29.42 -6.57 24.01
CA PHE B 106 30.79 -7.05 23.71
C PHE B 106 30.86 -8.58 23.85
N GLU B 107 30.10 -9.14 24.79
CA GLU B 107 30.04 -10.60 25.01
C GLU B 107 29.33 -11.26 23.81
N GLN B 108 28.34 -10.58 23.23
N GLN B 108 28.35 -10.56 23.23
CA GLN B 108 27.58 -11.14 22.08
CA GLN B 108 27.52 -11.08 22.11
C GLN B 108 28.40 -11.07 20.79
C GLN B 108 28.27 -10.99 20.77
N ASN B 109 29.08 -9.94 20.55
CA ASN B 109 29.84 -9.78 19.27
C ASN B 109 31.30 -10.25 19.41
N GLY B 110 31.75 -10.61 20.62
CA GLY B 110 33.10 -11.16 20.81
C GLY B 110 34.22 -10.13 20.86
N VAL B 111 33.88 -8.84 21.04
CA VAL B 111 34.95 -7.80 21.18
C VAL B 111 35.75 -8.11 22.45
N ASP B 112 37.08 -8.10 22.36
CA ASP B 112 37.93 -8.29 23.58
C ASP B 112 38.17 -6.90 24.19
N ARG B 113 38.00 -6.76 25.51
CA ARG B 113 38.21 -5.44 26.17
C ARG B 113 39.25 -5.59 27.28
N ILE B 114 40.10 -4.58 27.42
CA ILE B 114 41.07 -4.53 28.56
C ILE B 114 40.84 -3.16 29.20
N TYR B 115 40.37 -3.17 30.45
CA TYR B 115 40.11 -1.92 31.18
C TYR B 115 41.42 -1.43 31.78
N ASP B 116 42.32 -0.98 30.89
CA ASP B 116 43.62 -0.42 31.32
C ASP B 116 44.09 0.54 30.23
N TYR B 117 45.16 1.28 30.52
N TYR B 117 45.08 1.39 30.54
CA TYR B 117 45.74 2.34 29.65
CA TYR B 117 45.59 2.39 29.57
C TYR B 117 46.61 1.73 28.54
C TYR B 117 46.55 1.75 28.56
N ALA B 118 46.32 2.04 27.28
CA ALA B 118 47.15 1.52 26.16
C ALA B 118 48.24 2.54 25.83
N VAL B 119 49.49 2.06 25.71
CA VAL B 119 50.65 2.95 25.41
C VAL B 119 51.34 2.40 24.16
N PHE B 120 51.65 3.26 23.20
CA PHE B 120 52.35 2.81 21.98
C PHE B 120 53.81 2.46 22.30
N LYS B 121 54.32 1.45 21.57
CA LYS B 121 55.73 0.99 21.55
C LYS B 121 56.32 1.46 20.22
N ASP B 122 55.50 1.37 19.17
CA ASP B 122 55.86 1.83 17.81
C ASP B 122 54.56 2.07 17.05
N ALA B 123 54.60 2.14 15.71
CA ALA B 123 53.41 2.49 14.89
C ALA B 123 52.33 1.40 14.89
N HIS B 124 52.69 0.14 15.14
CA HIS B 124 51.64 -0.93 15.05
C HIS B 124 51.63 -1.84 16.28
N THR B 125 52.24 -1.39 17.39
N THR B 125 52.25 -1.40 17.38
CA THR B 125 52.29 -2.21 18.62
CA THR B 125 52.29 -2.21 18.62
C THR B 125 52.00 -1.35 19.85
C THR B 125 51.99 -1.34 19.84
N VAL B 126 51.13 -1.83 20.74
CA VAL B 126 50.78 -1.10 21.99
C VAL B 126 51.06 -2.02 23.19
N GLU B 127 51.36 -1.41 24.34
CA GLU B 127 51.59 -2.16 25.60
C GLU B 127 50.43 -1.84 26.56
N ILE B 128 49.77 -2.90 27.05
CA ILE B 128 48.63 -2.79 28.00
C ILE B 128 48.88 -3.76 29.15
N ALA B 129 49.05 -3.22 30.37
CA ALA B 129 49.30 -4.07 31.56
C ALA B 129 50.54 -4.95 31.35
N GLY B 130 51.61 -4.43 30.74
CA GLY B 130 52.85 -5.19 30.57
C GLY B 130 52.80 -6.27 29.49
N GLN B 131 51.74 -6.26 28.65
CA GLN B 131 51.59 -7.24 27.52
C GLN B 131 51.61 -6.47 26.19
N LEU B 132 52.34 -7.00 25.21
CA LEU B 132 52.39 -6.35 23.87
C LEU B 132 51.28 -6.92 22.98
N TYR B 133 50.61 -6.04 22.25
CA TYR B 133 49.52 -6.34 21.29
C TYR B 133 49.86 -5.63 19.98
N THR B 134 49.58 -6.25 18.84
CA THR B 134 49.91 -5.62 17.53
C THR B 134 48.73 -5.78 16.56
N ALA B 135 48.54 -4.80 15.68
CA ALA B 135 47.48 -4.89 14.65
C ALA B 135 47.87 -4.01 13.48
N PRO B 136 47.49 -4.38 12.23
CA PRO B 136 47.75 -3.56 11.06
C PRO B 136 46.79 -2.37 11.02
N HIS B 137 45.79 -2.37 11.91
CA HIS B 137 44.81 -1.24 12.00
C HIS B 137 44.68 -0.82 13.46
N ILE B 138 45.04 0.43 13.75
CA ILE B 138 44.92 0.95 15.14
C ILE B 138 44.14 2.26 15.12
N LEU B 139 43.07 2.32 15.91
CA LEU B 139 42.22 3.53 16.01
C LEU B 139 42.56 4.31 17.28
N ILE B 140 43.00 5.56 17.10
CA ILE B 140 43.19 6.47 18.27
C ILE B 140 41.84 7.14 18.49
N ALA B 141 41.18 6.84 19.60
CA ALA B 141 39.84 7.44 19.90
C ALA B 141 39.86 7.89 21.35
N THR B 142 40.87 8.71 21.70
CA THR B 142 41.20 9.11 23.09
C THR B 142 40.39 10.30 23.62
N GLY B 143 39.60 10.95 22.78
CA GLY B 143 38.75 12.07 23.24
C GLY B 143 39.55 13.29 23.66
N GLY B 144 38.94 14.13 24.51
CA GLY B 144 39.55 15.37 25.02
C GLY B 144 39.33 15.51 26.52
N HIS B 145 39.65 16.69 27.04
CA HIS B 145 39.56 16.98 28.50
C HIS B 145 39.28 18.47 28.69
N PRO B 146 38.66 18.88 29.82
CA PRO B 146 38.39 20.29 30.11
C PRO B 146 39.68 21.10 30.36
N VAL B 147 39.64 22.39 30.02
CA VAL B 147 40.81 23.29 30.20
C VAL B 147 40.57 24.19 31.42
N PHE B 148 41.60 24.35 32.25
CA PHE B 148 41.60 25.32 33.37
C PHE B 148 42.43 26.50 32.91
N PRO B 149 42.01 27.75 33.17
CA PRO B 149 42.79 28.91 32.76
C PRO B 149 44.04 29.08 33.63
N ASP B 150 45.04 29.82 33.11
CA ASP B 150 46.29 30.11 33.84
C ASP B 150 46.12 31.38 34.68
N ILE B 151 45.14 31.34 35.58
N ILE B 151 45.11 31.40 35.55
CA ILE B 151 44.73 32.46 36.48
CA ILE B 151 44.95 32.59 36.44
C ILE B 151 45.00 32.09 37.94
C ILE B 151 45.11 32.11 37.89
N GLU B 152 45.57 33.00 38.74
CA GLU B 152 45.77 32.70 40.18
C GLU B 152 44.43 32.31 40.79
N GLY B 153 44.39 31.16 41.47
CA GLY B 153 43.18 30.64 42.13
C GLY B 153 42.28 29.80 41.21
N ALA B 154 42.66 29.61 39.94
CA ALA B 154 41.82 28.83 39.00
C ALA B 154 41.58 27.42 39.56
N GLN B 155 42.52 26.92 40.37
CA GLN B 155 42.42 25.55 40.94
C GLN B 155 41.28 25.47 41.98
N TYR B 156 40.75 26.60 42.44
CA TYR B 156 39.64 26.51 43.41
C TYR B 156 38.33 26.24 42.65
N GLY B 157 38.36 26.40 41.33
CA GLY B 157 37.16 26.16 40.51
C GLY B 157 37.09 24.71 40.08
N ILE B 158 36.00 24.35 39.40
CA ILE B 158 35.80 22.97 38.87
C ILE B 158 35.45 23.06 37.38
N SER B 159 35.51 21.94 36.68
CA SER B 159 35.09 21.89 35.25
C SER B 159 33.75 21.17 35.18
N SER B 160 33.27 20.87 33.98
CA SER B 160 32.01 20.08 33.88
C SER B 160 32.16 18.73 34.63
N ASP B 161 33.37 18.15 34.65
CA ASP B 161 33.59 16.89 35.42
C ASP B 161 33.20 17.14 36.88
N GLY B 162 33.62 18.29 37.41
CA GLY B 162 33.32 18.71 38.80
C GLY B 162 31.83 18.94 39.00
N PHE B 163 31.14 19.43 37.97
CA PHE B 163 29.66 19.62 38.09
C PHE B 163 29.00 18.28 38.39
N PHE B 164 29.43 17.21 37.73
CA PHE B 164 28.81 15.87 37.96
C PHE B 164 29.25 15.29 39.32
N ALA B 165 30.29 15.84 39.94
CA ALA B 165 30.74 15.34 41.27
C ALA B 165 30.01 16.07 42.40
N LEU B 166 29.29 17.15 42.10
CA LEU B 166 28.56 17.88 43.17
C LEU B 166 27.51 16.94 43.76
N ASP B 167 27.29 17.03 45.08
CA ASP B 167 26.31 16.24 45.88
C ASP B 167 25.15 17.12 46.35
N GLU B 168 25.23 18.43 46.09
N GLU B 168 25.22 18.43 46.08
CA GLU B 168 24.18 19.40 46.53
CA GLU B 168 24.11 19.35 46.46
C GLU B 168 24.21 20.65 45.65
C GLU B 168 24.19 20.62 45.63
N VAL B 169 23.09 21.35 45.54
CA VAL B 169 22.99 22.61 44.75
C VAL B 169 23.77 23.69 45.51
N PRO B 170 24.80 24.33 44.91
CA PRO B 170 25.50 25.41 45.59
C PRO B 170 24.56 26.61 45.78
N LYS B 171 24.68 27.32 46.89
CA LYS B 171 23.80 28.50 47.12
C LYS B 171 24.08 29.52 46.03
N ARG B 172 25.37 29.66 45.69
CA ARG B 172 25.81 30.67 44.70
C ARG B 172 26.82 30.02 43.77
N THR B 173 26.57 30.09 42.46
CA THR B 173 27.52 29.50 41.48
C THR B 173 27.92 30.51 40.41
N ALA B 174 29.22 30.58 40.11
CA ALA B 174 29.73 31.38 38.98
C ALA B 174 30.02 30.39 37.84
N VAL B 175 29.53 30.68 36.64
CA VAL B 175 29.91 29.86 35.45
C VAL B 175 30.69 30.79 34.52
N VAL B 176 31.90 30.39 34.13
CA VAL B 176 32.74 31.22 33.23
C VAL B 176 32.91 30.46 31.91
N GLY B 177 32.45 31.05 30.82
CA GLY B 177 32.48 30.44 29.49
C GLY B 177 31.32 30.96 28.64
N ALA B 178 31.39 30.76 27.33
CA ALA B 178 30.37 31.34 26.43
C ALA B 178 29.91 30.32 25.40
N GLY B 179 30.29 29.05 25.59
CA GLY B 179 29.88 27.95 24.69
C GLY B 179 28.66 27.23 25.19
N TYR B 180 28.28 26.14 24.53
CA TYR B 180 27.03 25.42 24.91
C TYR B 180 27.09 24.83 26.33
N ILE B 181 28.26 24.37 26.79
CA ILE B 181 28.37 23.75 28.15
C ILE B 181 28.14 24.84 29.21
N ALA B 182 28.73 26.01 29.01
CA ALA B 182 28.55 27.11 29.99
C ALA B 182 27.06 27.43 30.09
N VAL B 183 26.42 27.64 28.95
CA VAL B 183 24.98 28.03 28.91
C VAL B 183 24.09 26.92 29.50
N GLU B 184 24.37 25.66 29.17
CA GLU B 184 23.57 24.51 29.69
C GLU B 184 23.69 24.42 31.22
N LEU B 185 24.92 24.34 31.71
CA LEU B 185 25.15 24.20 33.18
C LEU B 185 24.59 25.41 33.91
N ALA B 186 24.75 26.63 33.38
CA ALA B 186 24.21 27.82 34.07
C ALA B 186 22.67 27.70 34.18
N GLY B 187 22.01 27.25 33.11
CA GLY B 187 20.53 27.13 33.12
C GLY B 187 20.06 26.08 34.10
N VAL B 188 20.76 24.94 34.17
CA VAL B 188 20.38 23.84 35.10
C VAL B 188 20.55 24.32 36.55
N LEU B 189 21.71 24.91 36.89
CA LEU B 189 21.91 25.39 38.29
C LEU B 189 20.85 26.44 38.64
N HIS B 190 20.52 27.33 37.71
CA HIS B 190 19.50 28.37 37.99
C HIS B 190 18.13 27.70 38.27
N ALA B 191 17.75 26.75 37.44
CA ALA B 191 16.46 26.04 37.60
C ALA B 191 16.43 25.29 38.93
N LEU B 192 17.60 24.77 39.37
CA LEU B 192 17.66 23.95 40.61
C LEU B 192 17.81 24.83 41.85
N GLY B 193 17.82 26.17 41.69
CA GLY B 193 17.78 27.10 42.84
C GLY B 193 19.11 27.76 43.21
N SER B 194 20.17 27.60 42.42
CA SER B 194 21.46 28.28 42.76
C SER B 194 21.40 29.73 42.27
N LYS B 195 21.94 30.67 43.07
CA LYS B 195 22.07 32.06 42.56
C LYS B 195 23.17 31.97 41.53
N THR B 196 22.81 32.10 40.26
CA THR B 196 23.80 31.80 39.21
C THR B 196 24.23 33.05 38.43
N ASP B 197 25.55 33.19 38.27
CA ASP B 197 26.13 34.29 37.47
C ASP B 197 26.93 33.67 36.30
N LEU B 198 26.64 34.08 35.07
CA LEU B 198 27.34 33.58 33.85
C LEU B 198 28.26 34.69 33.32
N PHE B 199 29.55 34.40 33.15
CA PHE B 199 30.54 35.42 32.71
C PHE B 199 31.09 35.09 31.31
N ILE B 200 30.89 36.01 30.38
CA ILE B 200 31.43 35.81 29.00
C ILE B 200 32.40 36.95 28.70
N ARG B 201 33.43 36.67 27.91
CA ARG B 201 34.50 37.65 27.62
C ARG B 201 34.08 38.66 26.55
N HIS B 202 33.18 38.28 25.65
CA HIS B 202 32.81 39.19 24.53
C HIS B 202 31.39 39.75 24.69
N ASP B 203 30.71 40.03 23.57
CA ASP B 203 29.40 40.73 23.61
C ASP B 203 28.21 39.78 23.82
N ARG B 204 28.25 38.57 23.25
CA ARG B 204 27.08 37.67 23.44
C ARG B 204 27.54 36.22 23.51
N PRO B 205 26.76 35.32 24.15
CA PRO B 205 27.14 33.92 24.19
C PRO B 205 26.83 33.22 22.86
N LEU B 206 27.35 31.99 22.70
CA LEU B 206 27.09 31.13 21.52
C LEU B 206 27.33 31.91 20.24
N ARG B 207 28.53 32.49 20.11
CA ARG B 207 28.90 33.34 18.96
C ARG B 207 28.71 32.61 17.62
N SER B 208 28.86 31.30 17.57
CA SER B 208 28.73 30.58 16.27
C SER B 208 27.25 30.42 15.86
N PHE B 209 26.31 30.62 16.78
CA PHE B 209 24.87 30.43 16.45
C PHE B 209 24.24 31.75 15.97
N ASP B 210 23.18 31.62 15.18
CA ASP B 210 22.42 32.75 14.59
C ASP B 210 22.12 33.78 15.69
N LYS B 211 22.46 35.04 15.43
CA LYS B 211 22.30 36.13 16.43
CA LYS B 211 22.28 36.18 16.38
C LYS B 211 20.81 36.35 16.78
N THR B 212 19.90 36.25 15.80
CA THR B 212 18.45 36.48 16.12
C THR B 212 17.99 35.47 17.18
N ILE B 213 18.52 34.25 17.12
CA ILE B 213 18.15 33.14 18.04
C ILE B 213 18.77 33.40 19.42
N VAL B 214 20.07 33.71 19.44
CA VAL B 214 20.75 33.92 20.75
C VAL B 214 20.20 35.17 21.44
N ASP B 215 19.78 36.19 20.67
CA ASP B 215 19.22 37.42 21.32
C ASP B 215 17.97 37.05 22.14
N VAL B 216 17.17 36.07 21.68
CA VAL B 216 15.98 35.63 22.45
C VAL B 216 16.47 35.00 23.76
N LEU B 217 17.52 34.18 23.68
CA LEU B 217 18.06 33.53 24.90
C LEU B 217 18.56 34.62 25.87
N VAL B 218 19.34 35.58 25.37
CA VAL B 218 19.86 36.69 26.25
C VAL B 218 18.70 37.44 26.92
N ASP B 219 17.65 37.77 26.18
CA ASP B 219 16.48 38.52 26.77
C ASP B 219 15.80 37.68 27.84
N GLU B 220 15.62 36.39 27.59
N GLU B 220 15.61 36.38 27.58
CA GLU B 220 14.93 35.52 28.59
CA GLU B 220 14.95 35.47 28.54
C GLU B 220 15.82 35.35 29.82
C GLU B 220 15.81 35.36 29.81
N MET B 221 17.15 35.32 29.65
CA MET B 221 18.05 35.21 30.83
C MET B 221 17.91 36.47 31.68
N ALA B 222 17.78 37.63 31.04
CA ALA B 222 17.64 38.90 31.78
C ALA B 222 16.29 38.93 32.51
N VAL B 223 15.29 38.20 32.01
CA VAL B 223 13.94 38.22 32.66
C VAL B 223 13.87 37.19 33.78
N ASN B 224 14.39 35.99 33.56
CA ASN B 224 14.30 34.89 34.54
C ASN B 224 15.68 34.34 34.92
N GLY B 225 16.33 33.73 33.93
CA GLY B 225 17.60 32.96 33.99
C GLY B 225 18.72 33.57 34.81
N PRO B 226 19.94 33.01 34.63
CA PRO B 226 21.12 33.49 35.32
C PRO B 226 21.47 34.94 34.92
N ARG B 227 22.19 35.62 35.80
CA ARG B 227 22.65 37.01 35.50
CA ARG B 227 22.65 37.01 35.50
C ARG B 227 23.84 36.91 34.55
N LEU B 228 23.69 37.46 33.34
CA LEU B 228 24.80 37.44 32.34
C LEU B 228 25.70 38.64 32.55
N HIS B 229 27.01 38.41 32.59
CA HIS B 229 28.02 39.49 32.68
C HIS B 229 28.80 39.44 31.37
N THR B 230 28.64 40.43 30.50
CA THR B 230 29.40 40.43 29.21
C THR B 230 30.70 41.24 29.35
N HIS B 231 31.62 41.11 28.38
CA HIS B 231 32.92 41.85 28.42
C HIS B 231 33.62 41.62 29.78
N ALA B 232 33.54 40.38 30.30
CA ALA B 232 34.08 40.05 31.63
C ALA B 232 35.36 39.23 31.50
N GLU B 233 36.39 39.60 32.26
CA GLU B 233 37.65 38.80 32.27
C GLU B 233 38.00 38.55 33.73
N VAL B 234 38.20 37.29 34.10
CA VAL B 234 38.54 37.03 35.53
C VAL B 234 40.01 37.35 35.75
N ALA B 235 40.32 38.21 36.73
CA ALA B 235 41.72 38.56 37.07
C ALA B 235 42.30 37.51 38.02
N LYS B 236 41.53 37.14 39.05
CA LYS B 236 42.02 36.13 40.03
C LYS B 236 40.85 35.57 40.83
N VAL B 237 41.10 34.48 41.55
CA VAL B 237 40.10 33.82 42.41
C VAL B 237 40.76 33.62 43.76
N VAL B 238 40.16 34.15 44.82
CA VAL B 238 40.74 34.04 46.19
C VAL B 238 39.84 33.13 47.02
N LYS B 239 40.45 32.18 47.74
CA LYS B 239 39.61 31.37 48.65
C LYS B 239 39.74 31.92 50.07
N ASN B 240 38.63 32.49 50.55
CA ASN B 240 38.47 33.06 51.90
C ASN B 240 38.63 31.91 52.91
N THR B 241 38.94 32.20 54.18
CA THR B 241 39.09 31.11 55.18
C THR B 241 37.73 30.46 55.47
N ASP B 242 36.63 31.14 55.13
CA ASP B 242 35.26 30.58 55.35
C ASP B 242 34.88 29.63 54.18
N GLU B 243 35.84 29.32 53.29
CA GLU B 243 35.66 28.35 52.16
C GLU B 243 34.98 28.99 50.93
N SER B 244 34.41 30.18 51.01
CA SER B 244 33.78 30.80 49.80
C SER B 244 34.87 31.31 48.84
N LEU B 245 34.50 31.56 47.59
CA LEU B 245 35.45 32.05 46.56
C LEU B 245 35.06 33.48 46.15
N THR B 246 36.05 34.33 45.96
CA THR B 246 35.80 35.71 45.50
C THR B 246 36.38 35.82 44.09
N LEU B 247 35.53 36.09 43.09
CA LEU B 247 36.00 36.30 41.69
C LEU B 247 36.27 37.78 41.51
N TYR B 248 37.48 38.10 41.09
CA TYR B 248 37.87 39.50 40.81
C TYR B 248 37.91 39.67 39.30
N LEU B 249 37.13 40.63 38.78
CA LEU B 249 37.15 40.90 37.32
C LEU B 249 38.15 42.01 37.02
N LYS B 250 38.70 42.03 35.82
CA LYS B 250 39.66 43.09 35.38
C LYS B 250 39.00 44.47 35.45
N ASP B 251 37.67 44.53 35.38
CA ASP B 251 37.02 45.87 35.39
C ASP B 251 36.80 46.39 36.83
N GLY B 252 37.28 45.67 37.85
CA GLY B 252 37.14 46.13 39.26
C GLY B 252 35.96 45.51 39.99
N GLN B 253 35.05 44.83 39.28
CA GLN B 253 33.88 44.18 39.93
C GLN B 253 34.31 42.90 40.65
N GLU B 254 33.49 42.45 41.61
CA GLU B 254 33.80 41.18 42.31
C GLU B 254 32.49 40.45 42.67
N VAL B 255 32.53 39.12 42.66
CA VAL B 255 31.33 38.34 43.07
C VAL B 255 31.80 37.22 43.99
N GLU B 256 31.08 37.01 45.10
CA GLU B 256 31.44 35.90 46.03
C GLU B 256 30.53 34.71 45.69
N VAL B 257 31.13 33.52 45.57
CA VAL B 257 30.33 32.32 45.21
C VAL B 257 30.76 31.13 46.08
N ASP B 258 30.02 30.04 45.95
CA ASP B 258 30.29 28.77 46.68
C ASP B 258 31.04 27.83 45.72
N GLN B 259 30.75 27.92 44.42
CA GLN B 259 31.39 27.06 43.39
C GLN B 259 31.62 27.91 42.15
N LEU B 260 32.74 27.66 41.47
CA LEU B 260 33.11 28.36 40.23
C LEU B 260 33.34 27.29 39.16
N ILE B 261 32.55 27.31 38.10
CA ILE B 261 32.70 26.30 37.01
C ILE B 261 33.39 26.95 35.81
N TRP B 262 34.52 26.37 35.40
CA TRP B 262 35.21 26.82 34.18
C TRP B 262 34.69 25.99 33.00
N ALA B 263 34.11 26.63 32.02
CA ALA B 263 33.68 25.95 30.77
C ALA B 263 34.21 26.82 29.65
N ILE B 264 35.54 26.90 29.55
CA ILE B 264 36.25 27.78 28.58
C ILE B 264 36.88 26.98 27.44
N GLY B 265 36.55 25.71 27.32
CA GLY B 265 37.09 24.92 26.20
C GLY B 265 37.57 23.57 26.64
N ARG B 266 37.85 22.74 25.65
CA ARG B 266 38.38 21.37 25.83
C ARG B 266 39.58 21.23 24.91
N LYS B 267 40.49 20.31 25.23
CA LYS B 267 41.68 20.03 24.40
C LYS B 267 41.80 18.52 24.25
N PRO B 268 42.41 18.06 23.16
CA PRO B 268 42.51 16.62 22.88
C PRO B 268 43.49 15.89 23.80
N ASN B 269 43.20 14.61 24.09
CA ASN B 269 44.08 13.75 24.92
C ASN B 269 45.19 13.22 23.99
N LEU B 270 46.35 13.89 24.00
CA LEU B 270 47.47 13.53 23.09
C LEU B 270 48.70 13.08 23.87
N GLU B 271 48.73 13.28 25.20
CA GLU B 271 49.97 12.96 25.96
C GLU B 271 49.74 11.80 26.94
N GLY B 272 50.84 11.17 27.37
CA GLY B 272 50.84 10.05 28.33
C GLY B 272 50.78 8.67 27.69
N PHE B 273 50.60 8.57 26.36
CA PHE B 273 50.52 7.22 25.74
C PHE B 273 51.50 7.04 24.57
N SER B 274 52.68 7.67 24.66
CA SER B 274 53.77 7.57 23.65
C SER B 274 53.27 7.78 22.21
N LEU B 275 52.32 8.70 22.01
CA LEU B 275 51.88 9.01 20.62
C LEU B 275 53.13 9.41 19.81
N ASP B 276 54.14 9.96 20.48
CA ASP B 276 55.35 10.47 19.79
C ASP B 276 56.16 9.30 19.18
N LYS B 277 55.88 8.06 19.57
CA LYS B 277 56.64 6.89 19.04
C LYS B 277 55.99 6.31 17.77
N THR B 278 54.86 6.90 17.33
CA THR B 278 54.11 6.40 16.14
C THR B 278 54.46 7.21 14.89
N GLY B 279 54.83 8.48 15.04
CA GLY B 279 55.15 9.35 13.89
C GLY B 279 53.92 10.14 13.45
N VAL B 280 52.78 9.92 14.11
CA VAL B 280 51.51 10.66 13.79
C VAL B 280 51.76 12.16 13.95
N THR B 281 51.29 12.96 13.00
CA THR B 281 51.48 14.42 13.04
C THR B 281 50.18 15.12 13.45
N LEU B 282 50.32 16.32 14.02
CA LEU B 282 49.18 17.16 14.47
C LEU B 282 48.97 18.25 13.42
N ASN B 283 47.77 18.84 13.36
CA ASN B 283 47.50 19.95 12.42
C ASN B 283 47.82 21.27 13.15
N ASP B 284 47.62 22.41 12.47
CA ASP B 284 47.87 23.76 13.08
C ASP B 284 47.00 23.99 14.30
N LYS B 285 45.80 23.39 14.33
CA LYS B 285 44.84 23.53 15.44
C LYS B 285 45.32 22.74 16.69
N GLY B 286 46.30 21.84 16.56
CA GLY B 286 46.82 21.03 17.69
C GLY B 286 46.11 19.67 17.82
N TYR B 287 45.29 19.30 16.85
CA TYR B 287 44.59 17.99 16.85
C TYR B 287 45.34 17.02 15.93
N ILE B 288 45.05 15.71 16.04
CA ILE B 288 45.70 14.71 15.14
C ILE B 288 45.24 15.01 13.72
N GLU B 289 46.21 15.14 12.80
CA GLU B 289 45.87 15.46 11.39
C GLU B 289 45.25 14.23 10.73
N THR B 290 44.11 14.39 10.05
CA THR B 290 43.48 13.25 9.36
C THR B 290 42.98 13.68 7.98
N ASP B 291 42.71 12.71 7.10
CA ASP B 291 42.11 13.02 5.78
C ASP B 291 40.59 12.82 5.93
N ALA B 292 39.85 12.82 4.82
CA ALA B 292 38.38 12.68 4.92
C ALA B 292 38.01 11.26 5.40
N TYR B 293 38.96 10.31 5.34
CA TYR B 293 38.73 8.89 5.70
C TYR B 293 39.31 8.57 7.08
N GLU B 294 39.63 9.62 7.85
CA GLU B 294 40.13 9.50 9.25
C GLU B 294 41.51 8.85 9.27
N ASN B 295 42.20 8.84 8.14
CA ASN B 295 43.61 8.33 8.11
C ASN B 295 44.55 9.33 8.79
N THR B 296 45.43 8.87 9.67
CA THR B 296 46.45 9.76 10.25
C THR B 296 47.57 9.91 9.21
N SER B 297 48.67 10.58 9.57
CA SER B 297 49.82 10.72 8.64
C SER B 297 50.55 9.36 8.55
N VAL B 298 50.17 8.40 9.40
CA VAL B 298 50.85 7.07 9.41
C VAL B 298 49.87 6.00 8.92
N LYS B 299 50.29 5.20 7.93
CA LYS B 299 49.39 4.16 7.35
C LYS B 299 49.12 3.11 8.43
N GLY B 300 47.85 2.72 8.58
CA GLY B 300 47.45 1.73 9.60
C GLY B 300 47.02 2.39 10.91
N ILE B 301 47.06 3.72 10.96
CA ILE B 301 46.64 4.47 12.20
C ILE B 301 45.57 5.47 11.77
N TYR B 302 44.43 5.43 12.45
CA TYR B 302 43.26 6.30 12.18
C TYR B 302 42.97 7.13 13.44
N ALA B 303 42.23 8.23 13.27
CA ALA B 303 41.87 9.10 14.40
C ALA B 303 40.44 9.57 14.20
N VAL B 304 39.57 9.20 15.16
CA VAL B 304 38.12 9.47 15.11
C VAL B 304 37.67 10.09 16.44
N GLY B 305 36.73 11.02 16.36
CA GLY B 305 36.17 11.65 17.57
C GLY B 305 36.82 12.99 17.88
N ASP B 306 36.61 13.46 19.12
CA ASP B 306 37.15 14.77 19.58
C ASP B 306 38.66 14.89 19.31
N VAL B 307 39.41 13.78 19.33
CA VAL B 307 40.89 13.89 19.20
C VAL B 307 41.29 14.39 17.79
N ASN B 308 40.37 14.31 16.81
CA ASN B 308 40.71 14.77 15.43
C ASN B 308 40.19 16.20 15.24
N GLY B 309 39.46 16.74 16.24
CA GLY B 309 39.01 18.14 16.27
C GLY B 309 38.00 18.56 15.20
N LYS B 310 37.39 17.64 14.47
CA LYS B 310 36.47 18.08 13.38
C LYS B 310 35.16 18.66 13.96
N LEU B 311 34.39 17.85 14.68
N LEU B 311 34.41 17.87 14.72
CA LEU B 311 33.12 18.29 15.32
CA LEU B 311 33.12 18.33 15.31
C LEU B 311 32.94 17.48 16.60
C LEU B 311 32.86 17.51 16.58
N ALA B 312 32.99 18.16 17.76
CA ALA B 312 32.87 17.46 19.06
C ALA B 312 31.41 17.15 19.41
N LEU B 313 30.84 16.15 18.75
CA LEU B 313 29.44 15.67 18.98
C LEU B 313 29.46 14.14 19.03
N THR B 314 28.66 13.54 19.90
CA THR B 314 28.65 12.06 20.00
C THR B 314 28.29 11.42 18.67
N PRO B 315 27.19 11.81 17.98
CA PRO B 315 26.77 11.18 16.73
C PRO B 315 27.79 11.29 15.59
N VAL B 316 28.64 12.31 15.63
CA VAL B 316 29.70 12.47 14.61
C VAL B 316 30.76 11.39 14.90
N ALA B 317 31.18 11.29 16.15
CA ALA B 317 32.16 10.26 16.56
C ALA B 317 31.65 8.84 16.25
N VAL B 318 30.36 8.61 16.52
CA VAL B 318 29.73 7.27 16.30
C VAL B 318 29.69 6.97 14.81
N ALA B 319 29.23 7.92 13.99
CA ALA B 319 29.04 7.62 12.56
C ALA B 319 30.40 7.50 11.89
N ALA B 320 31.36 8.34 12.28
CA ALA B 320 32.70 8.31 11.65
C ALA B 320 33.36 6.96 11.97
N GLY B 321 33.15 6.47 13.20
CA GLY B 321 33.78 5.21 13.65
C GLY B 321 33.17 4.01 12.94
N ARG B 322 31.86 4.02 12.72
CA ARG B 322 31.14 2.94 12.02
C ARG B 322 31.52 2.95 10.54
N ARG B 323 31.60 4.14 9.95
CA ARG B 323 31.93 4.24 8.51
C ARG B 323 33.39 3.79 8.31
N LEU B 324 34.27 4.08 9.28
CA LEU B 324 35.68 3.61 9.18
C LEU B 324 35.71 2.07 9.20
N SER B 325 34.99 1.46 10.16
CA SER B 325 34.97 -0.02 10.24
C SER B 325 34.43 -0.59 8.91
N GLU B 326 33.37 0.02 8.35
CA GLU B 326 32.82 -0.40 7.04
C GLU B 326 33.92 -0.36 5.97
N ARG B 327 34.72 0.70 5.98
CA ARG B 327 35.80 0.88 4.97
C ARG B 327 36.88 -0.19 5.16
N LEU B 328 37.40 -0.32 6.38
CA LEU B 328 38.52 -1.25 6.67
C LEU B 328 38.09 -2.73 6.67
N PHE B 329 36.85 -3.04 7.05
CA PHE B 329 36.51 -4.48 7.24
C PHE B 329 35.28 -4.93 6.43
N ASN B 330 34.59 -4.05 5.72
CA ASN B 330 33.42 -4.51 4.91
C ASN B 330 33.64 -4.11 3.44
N GLY B 331 34.90 -3.89 3.06
CA GLY B 331 35.29 -3.54 1.67
C GLY B 331 34.65 -2.27 1.12
N LYS B 332 34.20 -1.35 2.00
CA LYS B 332 33.55 -0.09 1.52
C LYS B 332 34.63 1.01 1.35
N THR B 333 35.43 0.87 0.28
CA THR B 333 36.58 1.75 -0.06
C THR B 333 36.27 3.24 0.08
N ASP B 334 35.14 3.71 -0.47
CA ASP B 334 34.79 5.16 -0.50
C ASP B 334 34.02 5.63 0.76
N GLU B 335 33.71 4.74 1.70
CA GLU B 335 32.93 5.11 2.93
C GLU B 335 33.65 6.20 3.76
N LYS B 336 32.88 7.22 4.16
CA LYS B 336 33.37 8.36 4.98
C LYS B 336 32.18 9.21 5.43
N LEU B 337 32.38 9.98 6.49
CA LEU B 337 31.31 10.84 7.05
C LEU B 337 31.34 12.22 6.39
N ASP B 338 30.16 12.73 6.04
CA ASP B 338 30.00 14.13 5.57
C ASP B 338 29.84 14.96 6.86
N TYR B 339 30.79 15.87 7.15
CA TYR B 339 30.73 16.67 8.41
C TYR B 339 29.92 17.96 8.20
N GLN B 340 29.29 18.11 7.04
CA GLN B 340 28.53 19.35 6.69
C GLN B 340 27.06 19.22 7.11
N ASN B 341 26.43 20.31 7.57
CA ASN B 341 24.98 20.32 7.91
C ASN B 341 24.65 19.35 9.05
N VAL B 342 25.53 19.23 10.05
CA VAL B 342 25.21 18.35 11.20
C VAL B 342 24.33 19.18 12.15
N ALA B 343 23.19 18.62 12.55
CA ALA B 343 22.24 19.33 13.43
C ALA B 343 22.75 19.28 14.87
N THR B 344 22.42 20.30 15.65
CA THR B 344 22.82 20.35 17.08
C THR B 344 21.62 20.86 17.88
N VAL B 345 21.55 20.42 19.13
CA VAL B 345 20.50 20.94 20.06
C VAL B 345 21.24 21.33 21.34
N ILE B 346 20.99 22.55 21.80
CA ILE B 346 21.59 23.11 23.05
C ILE B 346 20.50 23.12 24.12
N PHE B 347 20.74 22.45 25.24
CA PHE B 347 19.73 22.33 26.32
C PHE B 347 19.80 23.56 27.22
N SER B 348 19.68 24.73 26.58
CA SER B 348 19.58 26.05 27.24
C SER B 348 18.12 26.24 27.66
N HIS B 349 17.80 27.36 28.30
CA HIS B 349 16.40 27.64 28.71
C HIS B 349 15.99 29.00 28.14
N PRO B 350 15.15 29.06 27.07
CA PRO B 350 14.63 27.88 26.38
C PRO B 350 15.65 27.18 25.48
N VAL B 351 15.28 26.01 25.00
CA VAL B 351 16.14 25.12 24.16
C VAL B 351 16.39 25.73 22.78
N ILE B 352 17.61 25.57 22.28
CA ILE B 352 18.00 26.03 20.92
C ILE B 352 18.28 24.79 20.06
N GLY B 353 17.74 24.79 18.84
CA GLY B 353 17.94 23.71 17.86
C GLY B 353 18.46 24.35 16.60
N SER B 354 19.43 23.73 15.94
CA SER B 354 20.01 24.40 14.75
C SER B 354 20.55 23.37 13.74
N VAL B 355 20.39 23.65 12.47
CA VAL B 355 21.02 22.83 11.42
C VAL B 355 21.40 23.77 10.27
N GLY B 356 22.63 23.67 9.79
CA GLY B 356 23.06 24.50 8.66
C GLY B 356 23.59 25.86 9.07
N LEU B 357 23.56 26.80 8.12
CA LEU B 357 24.19 28.13 8.31
C LEU B 357 23.30 29.16 8.99
N SER B 358 23.92 29.89 9.91
CA SER B 358 23.30 31.10 10.48
C SER B 358 23.12 32.08 9.32
N GLU B 359 22.32 33.13 9.51
CA GLU B 359 22.17 34.18 8.46
C GLU B 359 23.57 34.75 8.14
N GLU B 360 24.35 35.08 9.17
CA GLU B 360 25.71 35.68 9.01
C GLU B 360 26.60 34.76 8.15
N ALA B 361 26.63 33.46 8.45
CA ALA B 361 27.48 32.53 7.67
C ALA B 361 26.97 32.41 6.23
N ALA B 362 25.66 32.41 6.03
CA ALA B 362 25.13 32.29 4.65
C ALA B 362 25.54 33.54 3.87
N VAL B 363 25.44 34.70 4.52
CA VAL B 363 25.80 35.99 3.85
C VAL B 363 27.29 35.97 3.50
N LYS B 364 28.13 35.44 4.39
CA LYS B 364 29.59 35.38 4.11
C LYS B 364 29.87 34.39 2.97
N GLN B 365 29.13 33.27 2.89
CA GLN B 365 29.40 32.28 1.82
C GLN B 365 28.70 32.63 0.50
N TYR B 366 27.47 33.18 0.52
CA TYR B 366 26.73 33.39 -0.76
C TYR B 366 26.52 34.87 -1.12
N GLY B 367 26.81 35.82 -0.23
CA GLY B 367 26.57 37.25 -0.53
C GLY B 367 25.19 37.67 -0.03
N GLN B 368 25.04 38.94 0.35
CA GLN B 368 23.79 39.49 0.95
C GLN B 368 22.60 39.40 -0.02
N GLU B 369 22.80 39.67 -1.31
CA GLU B 369 21.66 39.68 -2.28
C GLU B 369 21.04 38.29 -2.42
N ALA B 370 21.85 37.23 -2.32
CA ALA B 370 21.39 35.84 -2.52
C ALA B 370 20.63 35.31 -1.28
N VAL B 371 20.82 35.92 -0.11
CA VAL B 371 20.22 35.37 1.14
C VAL B 371 18.88 36.03 1.47
N LYS B 372 17.89 35.20 1.80
CA LYS B 372 16.58 35.70 2.27
C LYS B 372 16.21 34.84 3.47
N THR B 373 15.78 35.49 4.55
CA THR B 373 15.38 34.77 5.78
C THR B 373 13.86 34.90 5.97
N TYR B 374 13.31 33.90 6.62
CA TYR B 374 11.88 33.88 7.03
C TYR B 374 11.93 33.62 8.53
N GLN B 375 11.06 34.29 9.28
CA GLN B 375 11.06 34.05 10.74
C GLN B 375 9.64 34.17 11.29
N SER B 376 9.40 33.49 12.40
CA SER B 376 8.09 33.56 13.07
C SER B 376 8.34 33.60 14.57
N ARG B 377 7.73 34.58 15.24
N ARG B 377 7.74 34.57 15.25
CA ARG B 377 7.82 34.74 16.72
CA ARG B 377 7.87 34.70 16.73
C ARG B 377 6.44 34.43 17.30
C ARG B 377 6.48 34.48 17.34
N PHE B 378 6.38 33.71 18.41
CA PHE B 378 5.07 33.41 19.05
C PHE B 378 5.32 32.95 20.49
N THR B 379 4.25 32.85 21.26
CA THR B 379 4.40 32.33 22.63
C THR B 379 4.04 30.85 22.59
N SER B 380 4.85 29.99 23.19
CA SER B 380 4.55 28.55 23.28
C SER B 380 3.22 28.40 24.03
N MET B 381 2.28 27.62 23.49
CA MET B 381 0.96 27.43 24.15
C MET B 381 1.16 26.97 25.60
N PHE B 382 2.16 26.11 25.84
CA PHE B 382 2.38 25.62 27.22
C PHE B 382 2.52 26.78 28.21
N THR B 383 3.25 27.82 27.84
CA THR B 383 3.46 28.97 28.77
C THR B 383 2.42 30.08 28.54
N ALA B 384 1.68 30.04 27.43
CA ALA B 384 0.74 31.13 27.09
C ALA B 384 -0.43 31.25 28.08
N ILE B 385 -0.79 30.19 28.80
CA ILE B 385 -1.93 30.29 29.75
C ILE B 385 -1.40 30.71 31.13
N THR B 386 -0.09 30.88 31.27
CA THR B 386 0.55 31.17 32.59
C THR B 386 0.97 32.65 32.73
N ASN B 387 1.48 32.99 33.91
CA ASN B 387 2.00 34.34 34.23
C ASN B 387 3.50 34.39 33.91
N HIS B 388 4.02 33.37 33.21
CA HIS B 388 5.43 33.32 32.78
C HIS B 388 5.48 32.94 31.30
N ARG B 389 4.95 33.82 30.44
N ARG B 389 4.94 33.81 30.44
CA ARG B 389 4.91 33.59 28.97
CA ARG B 389 4.92 33.53 28.99
C ARG B 389 6.35 33.51 28.45
C ARG B 389 6.36 33.48 28.49
N GLN B 390 6.65 32.52 27.61
CA GLN B 390 8.02 32.32 27.07
C GLN B 390 7.94 32.44 25.56
N PRO B 391 8.83 33.22 24.93
CA PRO B 391 8.81 33.37 23.48
C PRO B 391 9.43 32.17 22.77
N CYS B 392 9.02 32.01 21.52
CA CYS B 392 9.61 31.04 20.58
C CYS B 392 9.99 31.84 19.34
N LEU B 393 11.05 31.42 18.66
CA LEU B 393 11.45 32.09 17.41
C LEU B 393 12.01 30.99 16.50
N MET B 394 11.41 30.87 15.33
CA MET B 394 11.84 29.86 14.36
C MET B 394 12.25 30.63 13.11
N LYS B 395 13.36 30.24 12.52
CA LYS B 395 13.94 31.03 11.41
C LYS B 395 14.45 30.11 10.29
N LEU B 396 14.22 30.51 9.04
CA LEU B 396 14.76 29.80 7.86
C LEU B 396 15.72 30.74 7.15
N VAL B 397 16.87 30.21 6.74
CA VAL B 397 17.89 30.94 5.95
C VAL B 397 17.89 30.27 4.57
N THR B 398 17.50 31.01 3.53
CA THR B 398 17.36 30.48 2.16
C THR B 398 18.34 31.19 1.22
N VAL B 399 18.69 30.55 0.11
N VAL B 399 18.67 30.54 0.10
CA VAL B 399 19.62 31.18 -0.87
CA VAL B 399 19.65 31.10 -0.89
C VAL B 399 19.14 30.93 -2.31
C VAL B 399 19.14 30.91 -2.32
N GLY B 400 19.39 31.90 -3.18
CA GLY B 400 19.06 31.82 -4.61
C GLY B 400 17.57 31.95 -4.91
N ASP B 401 17.27 31.97 -6.21
CA ASP B 401 15.89 32.11 -6.75
C ASP B 401 15.01 30.93 -6.32
N THR B 402 15.58 29.72 -6.15
CA THR B 402 14.74 28.57 -5.69
C THR B 402 14.60 28.56 -4.17
N GLU B 403 15.25 29.51 -3.47
CA GLU B 403 15.15 29.62 -1.98
C GLU B 403 15.48 28.27 -1.34
N LYS B 404 16.63 27.71 -1.70
CA LYS B 404 17.15 26.47 -1.06
C LYS B 404 17.34 26.77 0.44
N ILE B 405 16.91 25.86 1.31
CA ILE B 405 17.04 26.06 2.78
C ILE B 405 18.46 25.66 3.18
N VAL B 406 19.31 26.63 3.50
CA VAL B 406 20.72 26.32 3.91
C VAL B 406 20.84 26.36 5.44
N GLY B 407 19.82 26.86 6.14
CA GLY B 407 19.83 26.91 7.61
C GLY B 407 18.44 26.90 8.18
N LEU B 408 18.27 26.23 9.31
CA LEU B 408 16.98 26.15 10.04
C LEU B 408 17.33 26.23 11.52
N HIS B 409 16.73 27.17 12.22
CA HIS B 409 17.09 27.42 13.63
C HIS B 409 15.84 27.71 14.43
N GLY B 410 15.84 27.32 15.70
CA GLY B 410 14.67 27.57 16.53
C GLY B 410 15.08 27.72 17.97
N ILE B 411 14.28 28.47 18.71
CA ILE B 411 14.46 28.58 20.19
C ILE B 411 13.05 28.55 20.76
N GLY B 412 12.82 27.73 21.78
CA GLY B 412 11.48 27.67 22.36
C GLY B 412 11.17 26.30 22.94
N TYR B 413 10.04 26.22 23.62
CA TYR B 413 9.62 24.98 24.29
C TYR B 413 9.46 23.83 23.28
N GLY B 414 10.11 22.69 23.56
CA GLY B 414 10.02 21.47 22.74
C GLY B 414 10.87 21.48 21.47
N VAL B 415 11.67 22.51 21.21
CA VAL B 415 12.48 22.57 19.95
C VAL B 415 13.48 21.41 19.88
N ASP B 416 13.90 20.88 21.03
CA ASP B 416 14.90 19.79 21.08
C ASP B 416 14.48 18.59 20.20
N GLU B 417 13.17 18.31 20.08
CA GLU B 417 12.72 17.11 19.32
C GLU B 417 12.30 17.46 17.89
N MET B 418 12.31 18.74 17.51
CA MET B 418 11.80 19.17 16.18
C MET B 418 12.83 19.07 15.04
N ILE B 419 14.11 19.25 15.35
CA ILE B 419 15.17 19.44 14.32
C ILE B 419 15.52 18.21 13.48
N GLN B 420 15.50 17.01 14.05
CA GLN B 420 16.02 15.80 13.35
C GLN B 420 15.35 15.63 11.99
N GLY B 421 14.01 15.73 11.92
CA GLY B 421 13.30 15.53 10.64
C GLY B 421 13.68 16.55 9.60
N PHE B 422 13.79 17.83 9.99
CA PHE B 422 14.18 18.93 9.08
C PHE B 422 15.63 18.73 8.60
N ALA B 423 16.50 18.16 9.45
CA ALA B 423 17.90 17.90 9.07
C ALA B 423 17.93 16.90 7.89
N VAL B 424 16.94 16.01 7.83
CA VAL B 424 16.84 15.05 6.70
C VAL B 424 16.46 15.84 5.45
N ALA B 425 15.46 16.73 5.56
CA ALA B 425 15.02 17.53 4.39
C ALA B 425 16.16 18.41 3.87
N ILE B 426 16.91 19.03 4.77
CA ILE B 426 18.05 19.90 4.32
C ILE B 426 19.12 19.04 3.66
N LYS B 427 19.43 17.87 4.23
CA LYS B 427 20.40 16.94 3.61
C LYS B 427 19.92 16.60 2.18
N MET B 428 18.60 16.50 1.97
CA MET B 428 18.02 16.15 0.65
C MET B 428 17.91 17.39 -0.29
N GLY B 429 18.34 18.57 0.15
CA GLY B 429 18.27 19.78 -0.71
C GLY B 429 16.90 20.45 -0.69
N ALA B 430 16.19 20.48 0.44
CA ALA B 430 14.87 21.11 0.51
C ALA B 430 14.91 22.59 0.11
N THR B 431 13.84 23.04 -0.52
CA THR B 431 13.58 24.45 -0.89
C THR B 431 12.39 24.96 -0.08
N LYS B 432 12.20 26.28 -0.03
CA LYS B 432 11.02 26.87 0.65
C LYS B 432 9.74 26.27 0.05
N ALA B 433 9.73 25.92 -1.25
CA ALA B 433 8.54 25.33 -1.92
C ALA B 433 8.22 23.95 -1.33
N ASP B 434 9.24 23.15 -1.00
CA ASP B 434 9.07 21.81 -0.37
C ASP B 434 8.42 22.01 1.02
N PHE B 435 8.88 23.01 1.75
CA PHE B 435 8.29 23.30 3.08
C PHE B 435 6.84 23.73 2.89
N ASP B 436 6.60 24.62 1.93
CA ASP B 436 5.23 25.17 1.69
C ASP B 436 4.27 24.06 1.26
N ASN B 437 4.78 23.02 0.58
CA ASN B 437 3.94 21.92 0.05
C ASN B 437 3.68 20.86 1.13
N THR B 438 4.21 21.05 2.33
CA THR B 438 4.03 20.09 3.43
C THR B 438 2.92 20.62 4.34
N VAL B 439 1.90 19.80 4.53
CA VAL B 439 0.77 20.22 5.39
C VAL B 439 1.23 20.26 6.83
N ALA B 440 0.77 21.26 7.58
CA ALA B 440 1.17 21.46 8.99
C ALA B 440 0.51 20.43 9.91
N ILE B 441 1.11 20.27 11.09
CA ILE B 441 0.56 19.45 12.21
C ILE B 441 0.16 20.47 13.28
N HIS B 442 -1.13 20.52 13.62
CA HIS B 442 -1.67 21.52 14.59
C HIS B 442 -2.33 20.81 15.75
N PRO B 443 -2.14 21.29 17.01
CA PRO B 443 -1.28 22.42 17.34
C PRO B 443 0.09 21.93 17.83
N THR B 444 1.16 22.44 17.22
CA THR B 444 2.53 22.09 17.65
C THR B 444 3.40 23.32 17.43
N GLY B 445 4.57 23.39 18.05
CA GLY B 445 5.43 24.52 17.71
C GLY B 445 6.09 24.25 16.37
N SER B 446 6.29 22.95 16.04
CA SER B 446 7.02 22.58 14.80
C SER B 446 6.31 23.11 13.56
N GLU B 447 4.98 23.30 13.59
CA GLU B 447 4.29 23.76 12.36
C GLU B 447 4.75 25.15 11.90
N GLU B 448 5.20 26.01 12.82
CA GLU B 448 5.65 27.36 12.46
C GLU B 448 6.83 27.29 11.47
N PHE B 449 7.54 26.17 11.42
CA PHE B 449 8.66 26.03 10.44
C PHE B 449 8.13 25.94 9.01
N VAL B 450 6.90 25.42 8.82
CA VAL B 450 6.37 25.20 7.44
C VAL B 450 5.25 26.20 7.08
N THR B 451 4.97 27.20 7.92
CA THR B 451 3.89 28.18 7.60
C THR B 451 4.41 29.62 7.55
N MET B 452 5.72 29.82 7.38
CA MET B 452 6.23 31.22 7.29
C MET B 452 5.99 31.77 5.87
N ARG B 453 5.70 33.06 5.78
CA ARG B 453 5.56 33.75 4.47
C ARG B 453 6.31 35.09 4.50
N MET C 4 -64.09 -16.01 -32.25
CA MET C 4 -63.61 -17.10 -31.35
C MET C 4 -62.19 -16.77 -30.85
N VAL C 5 -61.77 -17.47 -29.80
CA VAL C 5 -60.43 -17.29 -29.17
C VAL C 5 -59.64 -18.59 -29.35
N ILE C 6 -58.39 -18.49 -29.83
CA ILE C 6 -57.51 -19.68 -30.05
C ILE C 6 -56.83 -20.00 -28.72
N PRO C 7 -57.00 -21.23 -28.18
CA PRO C 7 -56.35 -21.59 -26.92
C PRO C 7 -54.93 -22.17 -27.05
N TYR C 8 -54.09 -21.80 -26.07
CA TYR C 8 -52.70 -22.30 -25.92
C TYR C 8 -52.49 -22.66 -24.45
N ASP C 9 -51.44 -23.41 -24.14
CA ASP C 9 -51.11 -23.75 -22.72
C ASP C 9 -50.25 -22.63 -22.13
N TYR C 10 -49.54 -21.90 -23.01
CA TYR C 10 -48.58 -20.86 -22.59
C TYR C 10 -48.45 -19.80 -23.69
N ILE C 11 -48.62 -18.53 -23.33
CA ILE C 11 -48.37 -17.42 -24.28
C ILE C 11 -47.17 -16.65 -23.73
N VAL C 12 -46.14 -16.47 -24.56
CA VAL C 12 -44.93 -15.73 -24.12
C VAL C 12 -44.93 -14.40 -24.87
N ILE C 13 -44.91 -13.30 -24.11
CA ILE C 13 -44.89 -11.96 -24.77
C ILE C 13 -43.45 -11.48 -24.78
N GLY C 14 -42.79 -11.52 -25.96
CA GLY C 14 -41.40 -11.07 -26.08
C GLY C 14 -40.48 -12.23 -26.44
N GLY C 15 -39.73 -12.08 -27.54
CA GLY C 15 -38.81 -13.14 -28.02
C GLY C 15 -37.37 -12.81 -27.73
N GLY C 16 -37.08 -12.39 -26.50
CA GLY C 16 -35.71 -12.11 -26.05
C GLY C 16 -35.13 -13.27 -25.25
N SER C 17 -34.11 -13.01 -24.43
CA SER C 17 -33.43 -14.07 -23.64
C SER C 17 -34.44 -14.80 -22.74
N ALA C 18 -35.29 -14.04 -22.05
CA ALA C 18 -36.27 -14.66 -21.11
C ALA C 18 -37.32 -15.47 -21.89
N GLY C 19 -37.99 -14.85 -22.85
CA GLY C 19 -39.08 -15.48 -23.61
C GLY C 19 -38.65 -16.69 -24.40
N ILE C 20 -37.58 -16.55 -25.18
CA ILE C 20 -37.12 -17.71 -26.00
C ILE C 20 -36.81 -18.90 -25.07
N ALA C 21 -35.99 -18.67 -24.05
CA ALA C 21 -35.60 -19.75 -23.11
C ALA C 21 -36.84 -20.39 -22.48
N SER C 22 -37.74 -19.58 -21.90
CA SER C 22 -38.93 -20.17 -21.22
C SER C 22 -39.82 -20.91 -22.23
N ALA C 23 -39.98 -20.37 -23.44
CA ALA C 23 -40.84 -20.99 -24.47
C ALA C 23 -40.29 -22.36 -24.88
N ASN C 24 -39.01 -22.42 -25.22
CA ASN C 24 -38.37 -23.71 -25.63
C ASN C 24 -38.51 -24.74 -24.50
N ARG C 25 -38.18 -24.37 -23.26
CA ARG C 25 -38.27 -25.37 -22.16
C ARG C 25 -39.73 -25.82 -21.97
N ALA C 26 -40.70 -24.92 -22.15
CA ALA C 26 -42.13 -25.29 -22.00
C ALA C 26 -42.52 -26.32 -23.07
N ALA C 27 -42.10 -26.07 -24.31
CA ALA C 27 -42.42 -26.98 -25.44
C ALA C 27 -41.75 -28.34 -25.22
N MET C 28 -40.56 -28.35 -24.61
N MET C 28 -40.57 -28.31 -24.59
CA MET C 28 -39.86 -29.64 -24.38
CA MET C 28 -39.75 -29.51 -24.27
C MET C 28 -40.70 -30.49 -23.41
C MET C 28 -40.48 -30.38 -23.25
N HIS C 29 -41.48 -29.84 -22.55
CA HIS C 29 -42.29 -30.59 -21.54
C HIS C 29 -43.74 -30.80 -21.99
N GLY C 30 -44.00 -30.68 -23.30
CA GLY C 30 -45.31 -30.98 -23.89
C GLY C 30 -46.28 -29.82 -23.95
N ALA C 31 -45.87 -28.62 -23.55
CA ALA C 31 -46.84 -27.50 -23.58
C ALA C 31 -46.99 -26.96 -25.00
N LYS C 32 -48.23 -26.62 -25.36
CA LYS C 32 -48.60 -25.94 -26.62
C LYS C 32 -48.24 -24.47 -26.36
N VAL C 33 -47.20 -23.96 -27.03
CA VAL C 33 -46.67 -22.60 -26.71
C VAL C 33 -46.82 -21.63 -27.89
N LEU C 34 -47.19 -20.39 -27.60
CA LEU C 34 -47.28 -19.28 -28.58
C LEU C 34 -46.29 -18.18 -28.16
N LEU C 35 -45.40 -17.76 -29.07
CA LEU C 35 -44.43 -16.71 -28.71
C LEU C 35 -44.61 -15.52 -29.65
N ALA C 36 -44.87 -14.34 -29.06
CA ALA C 36 -45.05 -13.08 -29.81
C ALA C 36 -43.77 -12.27 -29.74
N GLU C 37 -43.33 -11.70 -30.86
CA GLU C 37 -42.13 -10.85 -30.92
C GLU C 37 -42.41 -9.72 -31.91
N GLY C 38 -42.48 -8.48 -31.42
CA GLY C 38 -42.80 -7.33 -32.29
C GLY C 38 -41.63 -6.85 -33.13
N LYS C 39 -40.39 -7.24 -32.79
CA LYS C 39 -39.21 -6.80 -33.57
C LYS C 39 -38.41 -8.03 -34.04
N GLU C 40 -37.09 -8.03 -33.85
CA GLU C 40 -36.19 -9.14 -34.26
C GLU C 40 -36.16 -10.22 -33.20
N ILE C 41 -36.12 -11.49 -33.61
CA ILE C 41 -36.01 -12.64 -32.66
C ILE C 41 -34.64 -12.51 -31.97
N GLY C 42 -34.56 -12.88 -30.69
CA GLY C 42 -33.28 -12.77 -29.96
C GLY C 42 -33.26 -11.59 -29.00
N GLY C 43 -34.15 -10.61 -29.20
CA GLY C 43 -34.24 -9.43 -28.31
C GLY C 43 -32.99 -8.56 -28.28
N THR C 44 -32.73 -7.95 -27.13
CA THR C 44 -31.58 -7.02 -26.95
C THR C 44 -30.25 -7.78 -26.99
N CYS C 45 -30.16 -8.90 -26.28
CA CYS C 45 -28.90 -9.69 -26.25
C CYS C 45 -28.35 -9.95 -27.65
N VAL C 46 -29.17 -10.50 -28.54
CA VAL C 46 -28.72 -10.90 -29.90
C VAL C 46 -28.57 -9.69 -30.84
N ASN C 47 -29.49 -8.74 -30.79
CA ASN C 47 -29.52 -7.66 -31.83
C ASN C 47 -28.86 -6.34 -31.41
N LEU C 48 -28.94 -5.95 -30.13
CA LEU C 48 -28.44 -4.63 -29.69
C LEU C 48 -27.76 -4.73 -28.33
N GLY C 49 -27.14 -5.87 -28.01
CA GLY C 49 -26.55 -6.04 -26.67
C GLY C 49 -25.31 -6.90 -26.66
N CYS C 50 -25.30 -7.92 -25.79
CA CYS C 50 -24.17 -8.84 -25.55
C CYS C 50 -23.41 -9.21 -26.84
N VAL C 51 -24.12 -9.79 -27.81
CA VAL C 51 -23.49 -10.35 -29.04
C VAL C 51 -22.78 -9.29 -29.88
N PRO C 52 -23.48 -8.29 -30.49
CA PRO C 52 -22.81 -7.27 -31.29
C PRO C 52 -21.78 -6.49 -30.45
N LYS C 53 -22.04 -6.35 -29.16
CA LYS C 53 -21.07 -5.64 -28.28
C LYS C 53 -19.76 -6.43 -28.21
N LYS C 54 -19.86 -7.75 -28.01
CA LYS C 54 -18.65 -8.63 -27.90
C LYS C 54 -17.93 -8.65 -29.24
N VAL C 55 -18.67 -8.72 -30.35
CA VAL C 55 -18.03 -8.72 -31.70
C VAL C 55 -17.23 -7.42 -31.85
N MET C 56 -17.82 -6.27 -31.49
CA MET C 56 -17.07 -4.99 -31.61
C MET C 56 -15.89 -4.98 -30.61
N TRP C 57 -16.03 -5.65 -29.47
CA TRP C 57 -14.90 -5.72 -28.50
C TRP C 57 -13.76 -6.52 -29.16
N TYR C 58 -14.06 -7.64 -29.81
CA TYR C 58 -12.98 -8.41 -30.49
C TYR C 58 -12.34 -7.52 -31.56
N GLY C 59 -13.16 -6.72 -32.26
CA GLY C 59 -12.60 -5.77 -33.24
C GLY C 59 -11.62 -4.84 -32.54
N ALA C 60 -11.98 -4.37 -31.34
CA ALA C 60 -11.08 -3.50 -30.55
C ALA C 60 -9.82 -4.26 -30.13
N GLN C 61 -9.93 -5.53 -29.77
CA GLN C 61 -8.72 -6.31 -29.35
C GLN C 61 -7.79 -6.44 -30.57
N VAL C 62 -8.34 -6.67 -31.76
CA VAL C 62 -7.52 -6.76 -33.00
C VAL C 62 -6.87 -5.40 -33.28
N ALA C 63 -7.62 -4.31 -33.08
CA ALA C 63 -7.07 -2.95 -33.32
C ALA C 63 -5.86 -2.73 -32.39
N ASP C 64 -5.97 -3.12 -31.12
CA ASP C 64 -4.85 -2.96 -30.14
C ASP C 64 -3.66 -3.80 -30.60
N ILE C 65 -3.88 -5.02 -31.11
CA ILE C 65 -2.75 -5.86 -31.61
C ILE C 65 -2.03 -5.10 -32.73
N LEU C 66 -2.78 -4.59 -33.70
CA LEU C 66 -2.14 -3.92 -34.87
C LEU C 66 -1.52 -2.57 -34.49
N GLY C 67 -2.20 -1.77 -33.68
CA GLY C 67 -1.69 -0.42 -33.42
C GLY C 67 -0.73 -0.33 -32.24
N THR C 68 -0.71 -1.33 -31.36
CA THR C 68 0.13 -1.17 -30.14
C THR C 68 1.07 -2.34 -29.88
N TYR C 69 0.55 -3.56 -29.85
CA TYR C 69 1.39 -4.70 -29.40
C TYR C 69 2.20 -5.38 -30.51
N ALA C 70 1.72 -5.42 -31.75
CA ALA C 70 2.41 -6.18 -32.81
C ALA C 70 3.89 -5.80 -32.95
N LYS C 71 4.25 -4.52 -32.80
CA LYS C 71 5.66 -4.08 -33.02
C LYS C 71 6.61 -4.70 -32.00
N ASP C 72 6.18 -4.91 -30.75
CA ASP C 72 7.08 -5.43 -29.70
C ASP C 72 7.17 -6.97 -29.80
N TYR C 73 6.32 -7.58 -30.64
CA TYR C 73 6.41 -9.03 -30.95
C TYR C 73 7.22 -9.21 -32.24
N GLY C 74 7.80 -8.12 -32.76
CA GLY C 74 8.67 -8.18 -33.95
C GLY C 74 7.92 -8.03 -35.27
N PHE C 75 6.61 -7.71 -35.26
CA PHE C 75 5.82 -7.60 -36.52
C PHE C 75 5.66 -6.14 -36.93
N ASP C 76 5.92 -5.88 -38.21
CA ASP C 76 5.85 -4.53 -38.81
C ASP C 76 5.03 -4.61 -40.11
N PHE C 77 4.43 -3.49 -40.54
CA PHE C 77 3.61 -3.45 -41.77
C PHE C 77 3.34 -1.99 -42.13
N LYS C 78 2.82 -1.75 -43.34
CA LYS C 78 2.57 -0.36 -43.81
C LYS C 78 1.14 -0.22 -44.35
N GLU C 79 0.69 1.03 -44.46
CA GLU C 79 -0.63 1.43 -45.01
C GLU C 79 -1.77 0.70 -44.31
N LYS C 80 -1.77 0.70 -42.97
CA LYS C 80 -2.90 0.06 -42.25
C LYS C 80 -4.17 0.83 -42.61
N ALA C 81 -5.25 0.11 -42.88
CA ALA C 81 -6.55 0.69 -43.25
C ALA C 81 -7.61 -0.07 -42.45
N PHE C 82 -8.71 0.60 -42.11
CA PHE C 82 -9.79 -0.09 -41.36
C PHE C 82 -11.13 0.20 -42.05
N ASP C 83 -11.82 -0.86 -42.46
CA ASP C 83 -13.15 -0.79 -43.12
C ASP C 83 -14.21 -1.17 -42.09
N PHE C 84 -14.75 -0.18 -41.37
CA PHE C 84 -15.78 -0.40 -40.34
C PHE C 84 -16.98 -1.17 -40.93
N LYS C 85 -17.42 -0.80 -42.13
CA LYS C 85 -18.56 -1.45 -42.83
C LYS C 85 -18.31 -2.95 -43.03
N GLN C 86 -17.05 -3.36 -43.22
N GLN C 86 -17.04 -3.33 -43.23
CA GLN C 86 -16.84 -4.82 -43.40
CA GLN C 86 -16.66 -4.76 -43.40
C GLN C 86 -17.01 -5.49 -42.04
C GLN C 86 -16.89 -5.50 -42.08
N LEU C 87 -16.49 -4.87 -40.96
CA LEU C 87 -16.68 -5.45 -39.61
C LEU C 87 -18.19 -5.47 -39.30
N LYS C 88 -18.93 -4.44 -39.67
CA LYS C 88 -20.38 -4.42 -39.36
C LYS C 88 -21.09 -5.49 -40.19
N ALA C 89 -20.78 -5.61 -41.48
CA ALA C 89 -21.40 -6.62 -42.36
C ALA C 89 -21.17 -8.02 -41.77
N ASN C 90 -19.96 -8.31 -41.31
CA ASN C 90 -19.58 -9.65 -40.74
C ASN C 90 -20.30 -9.84 -39.41
N ARG C 91 -20.45 -8.77 -38.64
CA ARG C 91 -21.19 -8.82 -37.35
C ARG C 91 -22.66 -9.13 -37.62
N GLN C 92 -23.26 -8.52 -38.65
CA GLN C 92 -24.71 -8.74 -38.92
CA GLN C 92 -24.71 -8.74 -38.94
C GLN C 92 -24.91 -10.14 -39.53
N ALA C 93 -23.96 -10.62 -40.36
CA ALA C 93 -24.13 -11.98 -40.94
C ALA C 93 -24.19 -13.02 -39.81
N TYR C 94 -23.37 -12.83 -38.78
CA TYR C 94 -23.31 -13.76 -37.63
C TYR C 94 -24.65 -13.70 -36.87
N ILE C 95 -25.15 -12.49 -36.66
CA ILE C 95 -26.44 -12.34 -35.93
C ILE C 95 -27.55 -12.98 -36.77
N ASP C 96 -27.49 -12.76 -38.09
CA ASP C 96 -28.53 -13.31 -39.02
C ASP C 96 -28.53 -14.85 -38.94
N ARG C 97 -27.37 -15.46 -38.68
CA ARG C 97 -27.31 -16.95 -38.54
C ARG C 97 -27.87 -17.34 -37.17
N ILE C 98 -27.73 -16.48 -36.18
CA ILE C 98 -28.31 -16.82 -34.85
C ILE C 98 -29.83 -16.80 -35.01
N HIS C 99 -30.37 -15.82 -35.74
CA HIS C 99 -31.85 -15.75 -35.95
C HIS C 99 -32.36 -17.05 -36.60
N ALA C 100 -31.66 -17.50 -37.66
CA ALA C 100 -32.06 -18.71 -38.41
C ALA C 100 -32.03 -19.94 -37.49
N SER C 101 -31.02 -20.01 -36.62
N SER C 101 -31.02 -19.99 -36.61
CA SER C 101 -30.88 -21.14 -35.66
CA SER C 101 -30.86 -21.11 -35.64
C SER C 101 -32.07 -21.18 -34.69
C SER C 101 -32.07 -21.18 -34.71
N TYR C 102 -32.49 -20.02 -34.18
CA TYR C 102 -33.66 -20.00 -33.25
C TYR C 102 -34.91 -20.53 -33.97
N GLU C 103 -35.16 -20.04 -35.19
CA GLU C 103 -36.31 -20.48 -36.02
C GLU C 103 -36.22 -21.99 -36.26
N ARG C 104 -35.03 -22.50 -36.62
CA ARG C 104 -34.85 -23.94 -36.84
C ARG C 104 -35.20 -24.69 -35.54
N GLY C 105 -34.85 -24.12 -34.38
CA GLY C 105 -35.16 -24.75 -33.08
C GLY C 105 -36.66 -24.73 -32.83
N PHE C 106 -37.33 -23.64 -33.24
CA PHE C 106 -38.79 -23.53 -33.04
C PHE C 106 -39.48 -24.57 -33.94
N GLU C 107 -38.94 -24.82 -35.14
CA GLU C 107 -39.55 -25.83 -36.04
C GLU C 107 -39.40 -27.22 -35.43
N GLN C 108 -38.27 -27.49 -34.76
N GLN C 108 -38.27 -27.47 -34.75
CA GLN C 108 -38.02 -28.83 -34.15
CA GLN C 108 -37.95 -28.79 -34.15
C GLN C 108 -38.92 -29.07 -32.94
C GLN C 108 -38.82 -29.09 -32.91
N ASN C 109 -39.02 -28.11 -32.01
CA ASN C 109 -39.82 -28.34 -30.77
C ASN C 109 -41.30 -27.93 -30.94
N GLY C 110 -41.70 -27.39 -32.09
CA GLY C 110 -43.13 -27.08 -32.35
C GLY C 110 -43.65 -25.80 -31.71
N VAL C 111 -42.75 -24.90 -31.28
CA VAL C 111 -43.19 -23.58 -30.70
C VAL C 111 -43.85 -22.78 -31.81
N ASP C 112 -45.03 -22.20 -31.55
CA ASP C 112 -45.67 -21.32 -32.57
C ASP C 112 -45.21 -19.88 -32.33
N ARG C 113 -44.82 -19.17 -33.39
CA ARG C 113 -44.36 -17.77 -33.27
C ARG C 113 -45.21 -16.86 -34.16
N ILE C 114 -45.50 -15.67 -33.66
CA ILE C 114 -46.21 -14.62 -34.45
C ILE C 114 -45.33 -13.39 -34.31
N TYR C 115 -44.75 -12.94 -35.41
CA TYR C 115 -43.84 -11.76 -35.42
C TYR C 115 -44.71 -10.50 -35.49
N ASP C 116 -45.44 -10.25 -34.42
CA ASP C 116 -46.27 -9.03 -34.30
C ASP C 116 -46.37 -8.68 -32.80
N TYR C 117 -47.00 -7.53 -32.51
N TYR C 117 -46.90 -7.49 -32.49
CA TYR C 117 -47.11 -6.97 -31.14
CA TYR C 117 -46.99 -7.03 -31.08
C TYR C 117 -48.31 -7.56 -30.39
C TYR C 117 -48.25 -7.58 -30.40
N ALA C 118 -48.06 -8.14 -29.20
CA ALA C 118 -49.17 -8.70 -28.40
C ALA C 118 -49.70 -7.64 -27.42
N VAL C 119 -51.02 -7.45 -27.42
CA VAL C 119 -51.69 -6.45 -26.54
C VAL C 119 -52.71 -7.20 -25.69
N PHE C 120 -52.68 -7.00 -24.36
CA PHE C 120 -53.68 -7.69 -23.52
C PHE C 120 -55.08 -7.12 -23.77
N LYS C 121 -56.08 -7.98 -23.60
CA LYS C 121 -57.50 -7.55 -23.61
C LYS C 121 -58.04 -7.76 -22.20
N ASP C 122 -57.50 -8.76 -21.49
CA ASP C 122 -57.86 -9.03 -20.06
C ASP C 122 -56.72 -9.86 -19.46
N ALA C 123 -56.92 -10.40 -18.26
CA ALA C 123 -55.85 -11.13 -17.54
C ALA C 123 -55.38 -12.40 -18.26
N HIS C 124 -56.23 -13.04 -19.07
CA HIS C 124 -55.80 -14.32 -19.70
C HIS C 124 -56.01 -14.32 -21.22
N THR C 125 -56.14 -13.14 -21.84
CA THR C 125 -56.39 -13.06 -23.29
C THR C 125 -55.55 -11.94 -23.92
N VAL C 126 -54.91 -12.22 -25.06
CA VAL C 126 -54.11 -11.18 -25.76
C VAL C 126 -54.58 -11.11 -27.21
N GLU C 127 -54.44 -9.93 -27.83
CA GLU C 127 -54.78 -9.73 -29.27
C GLU C 127 -53.47 -9.55 -30.05
N ILE C 128 -53.32 -10.34 -31.11
CA ILE C 128 -52.12 -10.29 -31.99
C ILE C 128 -52.63 -10.27 -33.44
N ALA C 129 -52.41 -9.16 -34.14
CA ALA C 129 -52.82 -9.03 -35.56
C ALA C 129 -54.34 -9.28 -35.72
N GLY C 130 -55.15 -8.72 -34.81
CA GLY C 130 -56.62 -8.83 -34.94
C GLY C 130 -57.20 -10.19 -34.53
N GLN C 131 -56.40 -11.07 -33.91
CA GLN C 131 -56.89 -12.40 -33.47
C GLN C 131 -56.72 -12.54 -31.94
N LEU C 132 -57.72 -13.12 -31.26
CA LEU C 132 -57.63 -13.31 -29.79
C LEU C 132 -57.02 -14.69 -29.48
N TYR C 133 -56.13 -14.72 -28.50
CA TYR C 133 -55.44 -15.94 -28.01
C TYR C 133 -55.59 -15.97 -26.49
N THR C 134 -55.76 -17.16 -25.91
CA THR C 134 -55.93 -17.26 -24.43
C THR C 134 -55.12 -18.43 -23.87
N ALA C 135 -54.60 -18.26 -22.66
CA ALA C 135 -53.85 -19.34 -21.98
C ALA C 135 -53.93 -19.10 -20.48
N PRO C 136 -53.94 -20.18 -19.66
CA PRO C 136 -53.96 -20.03 -18.21
C PRO C 136 -52.57 -19.59 -17.69
N HIS C 137 -51.58 -19.56 -18.60
CA HIS C 137 -50.21 -19.14 -18.21
C HIS C 137 -49.70 -18.14 -19.24
N ILE C 138 -49.43 -16.92 -18.80
CA ILE C 138 -48.92 -15.87 -19.71
C ILE C 138 -47.64 -15.27 -19.11
N LEU C 139 -46.55 -15.33 -19.88
CA LEU C 139 -45.25 -14.76 -19.45
C LEU C 139 -45.04 -13.39 -20.12
N ILE C 140 -44.86 -12.36 -19.29
CA ILE C 140 -44.50 -11.00 -19.75
C ILE C 140 -42.97 -10.97 -19.76
N ALA C 141 -42.37 -10.93 -20.94
CA ALA C 141 -40.89 -10.92 -21.08
C ALA C 141 -40.52 -9.85 -22.09
N THR C 142 -40.96 -8.62 -21.80
CA THR C 142 -40.87 -7.47 -22.74
C THR C 142 -39.56 -6.66 -22.64
N GLY C 143 -38.71 -6.95 -21.66
CA GLY C 143 -37.39 -6.28 -21.56
C GLY C 143 -37.48 -4.80 -21.21
N GLY C 144 -36.45 -4.03 -21.60
CA GLY C 144 -36.37 -2.58 -21.32
C GLY C 144 -35.89 -1.79 -22.52
N HIS C 145 -35.60 -0.50 -22.30
CA HIS C 145 -35.14 0.40 -23.39
C HIS C 145 -34.22 1.47 -22.81
N PRO C 146 -33.33 2.06 -23.64
CA PRO C 146 -32.45 3.13 -23.20
C PRO C 146 -33.19 4.41 -22.82
N VAL C 147 -32.63 5.16 -21.86
CA VAL C 147 -33.24 6.44 -21.41
C VAL C 147 -32.45 7.62 -22.00
N PHE C 148 -33.19 8.63 -22.48
CA PHE C 148 -32.62 9.92 -22.96
C PHE C 148 -32.86 10.93 -21.85
N PRO C 149 -31.88 11.79 -21.50
CA PRO C 149 -32.10 12.80 -20.46
C PRO C 149 -33.00 13.94 -20.94
N ASP C 150 -33.66 14.62 -20.00
CA ASP C 150 -34.55 15.76 -20.34
C ASP C 150 -33.72 17.05 -20.35
N ILE C 151 -32.78 17.10 -21.27
CA ILE C 151 -31.95 18.35 -21.41
CA ILE C 151 -31.80 18.22 -21.48
C ILE C 151 -32.05 18.81 -22.86
N GLU C 152 -31.99 20.12 -23.03
CA GLU C 152 -32.10 20.69 -24.38
C GLU C 152 -30.99 20.08 -25.25
N GLY C 153 -31.35 19.60 -26.44
CA GLY C 153 -30.37 19.02 -27.38
C GLY C 153 -30.12 17.53 -27.18
N ALA C 154 -30.71 16.92 -26.16
CA ALA C 154 -30.50 15.48 -25.88
C ALA C 154 -30.82 14.65 -27.13
N GLN C 155 -31.81 15.10 -27.91
CA GLN C 155 -32.25 14.36 -29.13
C GLN C 155 -31.13 14.31 -30.18
N TYR C 156 -30.08 15.13 -30.04
CA TYR C 156 -28.98 15.08 -31.04
C TYR C 156 -28.08 13.89 -30.73
N GLY C 157 -28.19 13.36 -29.51
CA GLY C 157 -27.37 12.20 -29.14
C GLY C 157 -28.01 10.88 -29.56
N ILE C 158 -27.31 9.79 -29.30
CA ILE C 158 -27.79 8.42 -29.59
C ILE C 158 -27.62 7.55 -28.34
N SER C 159 -28.29 6.40 -28.31
CA SER C 159 -28.15 5.43 -27.19
C SER C 159 -27.29 4.27 -27.69
N SER C 160 -27.16 3.21 -26.90
CA SER C 160 -26.40 2.03 -27.38
C SER C 160 -27.04 1.51 -28.68
N ASP C 161 -28.35 1.69 -28.84
CA ASP C 161 -28.99 1.25 -30.11
C ASP C 161 -28.36 2.02 -31.26
N GLY C 162 -28.16 3.33 -31.08
CA GLY C 162 -27.57 4.19 -32.13
C GLY C 162 -26.13 3.82 -32.39
N PHE C 163 -25.44 3.30 -31.37
CA PHE C 163 -24.04 2.86 -31.56
C PHE C 163 -24.02 1.70 -32.57
N PHE C 164 -24.96 0.77 -32.42
CA PHE C 164 -25.00 -0.38 -33.36
C PHE C 164 -25.45 0.08 -34.75
N ALA C 165 -26.06 1.27 -34.87
CA ALA C 165 -26.50 1.79 -36.20
C ALA C 165 -25.36 2.56 -36.88
N LEU C 166 -24.28 2.88 -36.17
CA LEU C 166 -23.15 3.63 -36.80
C LEU C 166 -22.56 2.77 -37.94
N ASP C 167 -22.07 3.45 -38.99
CA ASP C 167 -21.44 2.85 -40.20
C ASP C 167 -19.98 3.30 -40.32
N GLU C 168 -19.48 4.05 -39.34
CA GLU C 168 -18.07 4.52 -39.39
C GLU C 168 -17.65 5.06 -38.03
N VAL C 169 -16.35 4.98 -37.74
CA VAL C 169 -15.84 5.48 -36.42
C VAL C 169 -15.95 7.01 -36.42
N PRO C 170 -16.66 7.63 -35.46
CA PRO C 170 -16.74 9.07 -35.40
C PRO C 170 -15.34 9.61 -35.08
N LYS C 171 -14.97 10.78 -35.59
CA LYS C 171 -13.61 11.28 -35.26
C LYS C 171 -13.57 11.64 -33.77
N ARG C 172 -14.70 12.12 -33.25
CA ARG C 172 -14.78 12.56 -31.83
C ARG C 172 -16.07 12.03 -31.23
N THR C 173 -15.99 11.31 -30.12
CA THR C 173 -17.24 10.79 -29.50
C THR C 173 -17.31 11.14 -28.01
N ALA C 174 -18.45 11.67 -27.60
CA ALA C 174 -18.68 11.91 -26.15
C ALA C 174 -19.51 10.73 -25.66
N VAL C 175 -19.13 10.12 -24.55
CA VAL C 175 -19.96 9.04 -23.94
C VAL C 175 -20.39 9.56 -22.57
N VAL C 176 -21.70 9.65 -22.32
CA VAL C 176 -22.18 10.15 -21.00
C VAL C 176 -22.82 8.98 -20.24
N GLY C 177 -22.23 8.62 -19.11
CA GLY C 177 -22.73 7.51 -18.27
C GLY C 177 -21.61 6.94 -17.42
N ALA C 178 -21.95 6.11 -16.44
CA ALA C 178 -20.94 5.61 -15.50
C ALA C 178 -21.13 4.13 -15.22
N GLY C 179 -22.01 3.49 -15.98
CA GLY C 179 -22.26 2.04 -15.84
C GLY C 179 -21.44 1.22 -16.82
N TYR C 180 -21.63 -0.08 -16.82
CA TYR C 180 -20.81 -0.96 -17.71
C TYR C 180 -20.97 -0.59 -19.20
N ILE C 181 -22.17 -0.22 -19.64
CA ILE C 181 -22.36 0.09 -21.09
C ILE C 181 -21.53 1.33 -21.46
N ALA C 182 -21.53 2.36 -20.62
CA ALA C 182 -20.74 3.57 -20.91
C ALA C 182 -19.26 3.20 -21.05
N VAL C 183 -18.74 2.48 -20.06
CA VAL C 183 -17.28 2.11 -20.02
C VAL C 183 -16.89 1.22 -21.21
N GLU C 184 -17.73 0.23 -21.55
CA GLU C 184 -17.47 -0.69 -22.69
C GLU C 184 -17.44 0.10 -24.00
N LEU C 185 -18.50 0.86 -24.28
CA LEU C 185 -18.56 1.62 -25.55
C LEU C 185 -17.43 2.65 -25.62
N ALA C 186 -17.11 3.32 -24.51
CA ALA C 186 -16.01 4.31 -24.54
C ALA C 186 -14.71 3.58 -24.93
N GLY C 187 -14.46 2.42 -24.33
CA GLY C 187 -13.22 1.65 -24.61
C GLY C 187 -13.14 1.17 -26.06
N VAL C 188 -14.27 0.69 -26.60
CA VAL C 188 -14.30 0.20 -28.00
C VAL C 188 -14.05 1.37 -28.95
N LEU C 189 -14.75 2.48 -28.77
CA LEU C 189 -14.58 3.66 -29.66
C LEU C 189 -13.12 4.14 -29.58
N HIS C 190 -12.55 4.16 -28.39
CA HIS C 190 -11.14 4.59 -28.22
C HIS C 190 -10.20 3.65 -28.99
N ALA C 191 -10.39 2.34 -28.85
CA ALA C 191 -9.53 1.35 -29.52
C ALA C 191 -9.70 1.46 -31.04
N LEU C 192 -10.87 1.89 -31.52
CA LEU C 192 -11.08 1.96 -33.00
C LEU C 192 -10.64 3.32 -33.56
N GLY C 193 -10.08 4.21 -32.73
CA GLY C 193 -9.49 5.47 -33.24
C GLY C 193 -10.31 6.73 -33.01
N SER C 194 -11.45 6.65 -32.30
CA SER C 194 -12.22 7.91 -32.05
C SER C 194 -11.61 8.69 -30.88
N LYS C 195 -11.51 10.01 -31.03
CA LYS C 195 -11.10 10.89 -29.90
C LYS C 195 -12.26 10.76 -28.90
N THR C 196 -12.06 9.97 -27.84
CA THR C 196 -13.21 9.65 -26.97
C THR C 196 -13.13 10.33 -25.60
N ASP C 197 -14.26 10.93 -25.21
CA ASP C 197 -14.41 11.60 -23.89
C ASP C 197 -15.56 10.91 -23.13
N LEU C 198 -15.30 10.49 -21.89
CA LEU C 198 -16.29 9.79 -21.02
C LEU C 198 -16.66 10.72 -19.87
N PHE C 199 -17.95 11.00 -19.69
CA PHE C 199 -18.44 11.95 -18.66
C PHE C 199 -19.25 11.24 -17.57
N ILE C 200 -18.78 11.32 -16.33
CA ILE C 200 -19.54 10.71 -15.19
C ILE C 200 -19.94 11.81 -14.24
N ARG C 201 -21.07 11.65 -13.54
CA ARG C 201 -21.60 12.71 -12.65
C ARG C 201 -20.93 12.68 -11.28
N HIS C 202 -20.38 11.53 -10.86
CA HIS C 202 -19.83 11.45 -9.49
C HIS C 202 -18.29 11.30 -9.53
N ASP C 203 -17.71 10.61 -8.53
CA ASP C 203 -16.24 10.55 -8.36
C ASP C 203 -15.59 9.43 -9.20
N ARG C 204 -16.24 8.29 -9.35
CA ARG C 204 -15.60 7.20 -10.17
C ARG C 204 -16.66 6.40 -10.91
N PRO C 205 -16.30 5.73 -12.02
CA PRO C 205 -17.26 4.90 -12.72
C PRO C 205 -17.47 3.55 -11.98
N LEU C 206 -18.50 2.82 -12.40
CA LEU C 206 -18.78 1.46 -11.89
C LEU C 206 -18.82 1.46 -10.36
N ARG C 207 -19.65 2.34 -9.80
CA ARG C 207 -19.74 2.53 -8.34
C ARG C 207 -20.09 1.22 -7.61
N SER C 208 -20.86 0.32 -8.23
CA SER C 208 -21.22 -0.95 -7.54
C SER C 208 -20.02 -1.91 -7.46
N PHE C 209 -18.97 -1.71 -8.28
CA PHE C 209 -17.80 -2.64 -8.28
C PHE C 209 -16.73 -2.19 -7.29
N ASP C 210 -15.98 -3.17 -6.80
CA ASP C 210 -14.88 -2.98 -5.81
C ASP C 210 -13.97 -1.84 -6.26
N LYS C 211 -13.79 -0.87 -5.37
CA LYS C 211 -12.97 0.36 -5.64
C LYS C 211 -11.53 0.00 -6.04
N THR C 212 -10.90 -0.97 -5.37
CA THR C 212 -9.49 -1.34 -5.70
C THR C 212 -9.38 -1.71 -7.18
N ILE C 213 -10.36 -2.46 -7.70
CA ILE C 213 -10.42 -2.89 -9.13
C ILE C 213 -10.64 -1.69 -10.04
N VAL C 214 -11.68 -0.91 -9.75
CA VAL C 214 -12.02 0.26 -10.60
C VAL C 214 -10.88 1.26 -10.63
N ASP C 215 -10.18 1.47 -9.52
CA ASP C 215 -9.05 2.45 -9.54
C ASP C 215 -8.00 2.04 -10.58
N VAL C 216 -7.80 0.72 -10.80
CA VAL C 216 -6.83 0.27 -11.86
C VAL C 216 -7.36 0.73 -13.21
N LEU C 217 -8.66 0.53 -13.44
CA LEU C 217 -9.27 0.97 -14.72
C LEU C 217 -9.07 2.48 -14.91
N VAL C 218 -9.40 3.27 -13.88
CA VAL C 218 -9.27 4.76 -13.97
C VAL C 218 -7.82 5.14 -14.30
N ASP C 219 -6.84 4.55 -13.63
CA ASP C 219 -5.41 4.87 -13.89
C ASP C 219 -5.05 4.51 -15.32
N GLU C 220 -5.50 3.33 -15.79
CA GLU C 220 -5.19 2.90 -17.18
C GLU C 220 -5.88 3.81 -18.19
N MET C 221 -7.11 4.26 -17.91
CA MET C 221 -7.77 5.20 -18.88
C MET C 221 -6.92 6.46 -18.98
N ALA C 222 -6.40 6.96 -17.85
CA ALA C 222 -5.56 8.17 -17.82
C ALA C 222 -4.26 7.95 -18.61
N VAL C 223 -3.78 6.71 -18.73
CA VAL C 223 -2.49 6.45 -19.44
C VAL C 223 -2.77 6.24 -20.95
N ASN C 224 -3.78 5.45 -21.31
CA ASN C 224 -4.07 5.18 -22.74
C ASN C 224 -5.49 5.64 -23.12
N GLY C 225 -6.48 5.01 -22.48
CA GLY C 225 -7.94 5.09 -22.70
C GLY C 225 -8.53 6.47 -22.97
N PRO C 226 -9.87 6.53 -23.02
CA PRO C 226 -10.59 7.77 -23.23
C PRO C 226 -10.31 8.74 -22.08
N ARG C 227 -10.59 10.03 -22.32
N ARG C 227 -10.56 10.03 -22.31
CA ARG C 227 -10.42 11.08 -21.30
CA ARG C 227 -10.33 11.04 -21.25
C ARG C 227 -11.62 10.99 -20.34
C ARG C 227 -11.56 11.03 -20.34
N LEU C 228 -11.35 10.73 -19.06
CA LEU C 228 -12.45 10.66 -18.07
C LEU C 228 -12.71 12.06 -17.48
N HIS C 229 -13.96 12.50 -17.47
CA HIS C 229 -14.38 13.77 -16.83
C HIS C 229 -15.27 13.36 -15.65
N THR C 230 -14.83 13.62 -14.42
CA THR C 230 -15.63 13.29 -13.24
C THR C 230 -16.40 14.53 -12.76
N HIS C 231 -17.41 14.34 -11.92
CA HIS C 231 -18.21 15.49 -11.40
C HIS C 231 -18.75 16.32 -12.57
N ALA C 232 -19.15 15.66 -13.66
CA ALA C 232 -19.62 16.34 -14.89
C ALA C 232 -21.13 16.24 -15.02
N GLU C 233 -21.78 17.37 -15.35
CA GLU C 233 -23.24 17.36 -15.58
C GLU C 233 -23.49 18.10 -16.89
N VAL C 234 -24.17 17.47 -17.83
CA VAL C 234 -24.40 18.15 -19.13
C VAL C 234 -25.53 19.18 -18.96
N ALA C 235 -25.26 20.44 -19.28
CA ALA C 235 -26.30 21.50 -19.17
C ALA C 235 -27.15 21.50 -20.44
N LYS C 236 -26.52 21.40 -21.61
CA LYS C 236 -27.27 21.39 -22.91
C LYS C 236 -26.38 20.90 -24.05
N VAL C 237 -27.02 20.49 -25.15
CA VAL C 237 -26.29 20.04 -26.37
C VAL C 237 -26.78 20.94 -27.52
N VAL C 238 -25.85 21.58 -28.21
CA VAL C 238 -26.20 22.48 -29.35
C VAL C 238 -25.68 21.86 -30.65
N LYS C 239 -26.55 21.86 -31.67
CA LYS C 239 -26.15 21.32 -32.99
C LYS C 239 -25.74 22.50 -33.87
N ASN C 240 -24.44 22.64 -34.10
CA ASN C 240 -23.86 23.69 -34.96
C ASN C 240 -24.34 23.45 -36.41
N THR C 241 -24.29 24.47 -37.27
CA THR C 241 -24.76 24.26 -38.66
C THR C 241 -23.81 23.33 -39.44
N ASP C 242 -22.59 23.08 -38.92
CA ASP C 242 -21.63 22.16 -39.60
C ASP C 242 -21.92 20.71 -39.17
N GLU C 243 -23.02 20.48 -38.45
CA GLU C 243 -23.50 19.13 -38.02
C GLU C 243 -22.78 18.61 -36.75
N SER C 244 -21.70 19.25 -36.30
CA SER C 244 -21.05 18.78 -35.04
C SER C 244 -21.91 19.20 -33.84
N LEU C 245 -21.67 18.59 -32.67
CA LEU C 245 -22.44 18.88 -31.43
C LEU C 245 -21.51 19.50 -30.39
N THR C 246 -22.02 20.49 -29.66
CA THR C 246 -21.24 21.13 -28.57
C THR C 246 -21.89 20.73 -27.24
N LEU C 247 -21.15 20.03 -26.38
CA LEU C 247 -21.67 19.67 -25.04
C LEU C 247 -21.26 20.75 -24.07
N TYR C 248 -22.25 21.38 -23.47
CA TYR C 248 -21.97 22.40 -22.42
C TYR C 248 -22.13 21.71 -21.07
N LEU C 249 -21.11 21.80 -20.23
CA LEU C 249 -21.21 21.23 -18.86
C LEU C 249 -21.63 22.34 -17.87
N LYS C 250 -22.27 21.98 -16.77
CA LYS C 250 -22.70 22.98 -15.75
C LYS C 250 -21.50 23.74 -15.19
N ASP C 251 -20.30 23.15 -15.26
CA ASP C 251 -19.12 23.83 -14.66
C ASP C 251 -18.52 24.85 -15.63
N GLY C 252 -19.14 25.11 -16.79
CA GLY C 252 -18.60 26.11 -17.74
C GLY C 252 -17.74 25.53 -18.84
N GLN C 253 -17.31 24.26 -18.73
CA GLN C 253 -16.50 23.62 -19.80
C GLN C 253 -17.38 23.22 -20.99
N GLU C 254 -16.74 23.03 -22.14
CA GLU C 254 -17.44 22.61 -23.39
C GLU C 254 -16.58 21.63 -24.15
N VAL C 255 -17.21 20.75 -24.94
N VAL C 255 -17.21 20.74 -24.93
CA VAL C 255 -16.47 19.79 -25.80
CA VAL C 255 -16.47 19.79 -25.81
C VAL C 255 -17.25 19.65 -27.11
C VAL C 255 -17.25 19.67 -27.11
N GLU C 256 -16.55 19.73 -28.24
CA GLU C 256 -17.21 19.58 -29.56
C GLU C 256 -17.02 18.13 -29.99
N VAL C 257 -18.08 17.49 -30.47
CA VAL C 257 -17.94 16.07 -30.90
C VAL C 257 -18.78 15.83 -32.16
N ASP C 258 -18.58 14.66 -32.78
CA ASP C 258 -19.31 14.21 -33.99
C ASP C 258 -20.51 13.38 -33.54
N GLN C 259 -20.38 12.62 -32.44
CA GLN C 259 -21.50 11.81 -31.92
C GLN C 259 -21.51 11.88 -30.40
N LEU C 260 -22.69 11.82 -29.82
CA LEU C 260 -22.85 11.86 -28.35
C LEU C 260 -23.66 10.63 -27.96
N ILE C 261 -23.08 9.74 -27.16
CA ILE C 261 -23.82 8.52 -26.74
C ILE C 261 -24.31 8.66 -25.30
N TRP C 262 -25.62 8.50 -25.10
CA TRP C 262 -26.18 8.50 -23.73
C TRP C 262 -26.25 7.05 -23.24
N ALA C 263 -25.61 6.75 -22.13
CA ALA C 263 -25.69 5.43 -21.48
C ALA C 263 -25.92 5.73 -20.00
N ILE C 264 -27.08 6.32 -19.70
CA ILE C 264 -27.41 6.78 -18.32
C ILE C 264 -28.48 5.90 -17.70
N GLY C 265 -28.76 4.74 -18.29
CA GLY C 265 -29.72 3.81 -17.68
C GLY C 265 -30.74 3.29 -18.68
N ARG C 266 -31.47 2.28 -18.25
CA ARG C 266 -32.54 1.65 -19.06
C ARG C 266 -33.80 1.64 -18.21
N LYS C 267 -34.97 1.54 -18.85
CA LYS C 267 -36.25 1.42 -18.13
C LYS C 267 -37.06 0.30 -18.75
N PRO C 268 -37.92 -0.35 -17.95
CA PRO C 268 -38.71 -1.48 -18.44
C PRO C 268 -39.77 -1.08 -19.48
N ASN C 269 -40.04 -1.99 -20.43
CA ASN C 269 -41.10 -1.81 -21.47
C ASN C 269 -42.44 -2.16 -20.80
N LEU C 270 -43.15 -1.16 -20.30
CA LEU C 270 -44.43 -1.36 -19.57
C LEU C 270 -45.62 -0.73 -20.32
N GLU C 271 -45.38 0.07 -21.36
CA GLU C 271 -46.46 0.83 -22.03
C GLU C 271 -46.77 0.31 -23.44
N GLY C 272 -47.97 0.64 -23.94
CA GLY C 272 -48.37 0.30 -25.32
C GLY C 272 -48.97 -1.08 -25.52
N PHE C 273 -49.04 -1.94 -24.49
CA PHE C 273 -49.61 -3.30 -24.70
C PHE C 273 -50.72 -3.59 -23.66
N SER C 274 -51.47 -2.55 -23.31
CA SER C 274 -52.64 -2.64 -22.38
C SER C 274 -52.34 -3.45 -21.12
N LEU C 275 -51.14 -3.30 -20.58
CA LEU C 275 -50.76 -4.00 -19.32
C LEU C 275 -51.76 -3.57 -18.23
N ASP C 276 -52.32 -2.36 -18.35
CA ASP C 276 -53.29 -1.84 -17.34
C ASP C 276 -54.58 -2.69 -17.34
N LYS C 277 -54.83 -3.46 -18.40
CA LYS C 277 -56.09 -4.25 -18.44
C LYS C 277 -55.94 -5.58 -17.70
N THR C 278 -54.75 -5.88 -17.18
CA THR C 278 -54.46 -7.18 -16.49
C THR C 278 -54.59 -7.08 -14.96
N GLY C 279 -54.29 -5.92 -14.38
CA GLY C 279 -54.33 -5.76 -12.91
C GLY C 279 -52.97 -6.01 -12.30
N VAL C 280 -51.96 -6.32 -13.13
CA VAL C 280 -50.57 -6.56 -12.65
C VAL C 280 -50.07 -5.28 -11.98
N THR C 281 -49.43 -5.39 -10.81
CA THR C 281 -48.96 -4.20 -10.06
C THR C 281 -47.45 -4.02 -10.25
N LEU C 282 -46.97 -2.79 -10.02
CA LEU C 282 -45.54 -2.44 -10.15
C LEU C 282 -44.97 -2.20 -8.74
N ASN C 283 -43.68 -2.49 -8.53
CA ASN C 283 -43.05 -2.26 -7.20
C ASN C 283 -42.61 -0.78 -7.13
N ASP C 284 -42.00 -0.37 -6.01
CA ASP C 284 -41.50 1.02 -5.79
C ASP C 284 -40.49 1.44 -6.86
N LYS C 285 -39.67 0.50 -7.32
CA LYS C 285 -38.63 0.74 -8.36
C LYS C 285 -39.26 1.01 -9.74
N GLY C 286 -40.57 0.75 -9.90
CA GLY C 286 -41.25 0.94 -11.21
C GLY C 286 -41.23 -0.31 -12.10
N TYR C 287 -40.76 -1.44 -11.57
CA TYR C 287 -40.72 -2.72 -12.33
C TYR C 287 -41.94 -3.57 -11.96
N ILE C 288 -42.30 -4.54 -12.83
CA ILE C 288 -43.45 -5.45 -12.53
C ILE C 288 -43.12 -6.18 -11.23
N GLU C 289 -44.04 -6.12 -10.26
CA GLU C 289 -43.81 -6.76 -8.95
C GLU C 289 -43.90 -8.28 -9.09
N THR C 290 -42.92 -9.00 -8.54
CA THR C 290 -42.95 -10.48 -8.62
C THR C 290 -42.47 -11.09 -7.30
N ASP C 291 -42.71 -12.40 -7.13
CA ASP C 291 -42.21 -13.14 -5.93
C ASP C 291 -40.95 -13.89 -6.39
N ALA C 292 -40.43 -14.79 -5.55
CA ALA C 292 -39.22 -15.54 -5.95
C ALA C 292 -39.53 -16.52 -7.09
N TYR C 293 -40.83 -16.74 -7.38
CA TYR C 293 -41.24 -17.71 -8.43
C TYR C 293 -41.66 -16.96 -9.71
N GLU C 294 -41.39 -15.65 -9.75
CA GLU C 294 -41.66 -14.79 -10.93
C GLU C 294 -43.16 -14.61 -11.11
N ASN C 295 -43.95 -14.97 -10.10
CA ASN C 295 -45.42 -14.73 -10.17
C ASN C 295 -45.70 -13.22 -10.06
N THR C 296 -46.56 -12.68 -10.93
CA THR C 296 -46.99 -11.26 -10.80
C THR C 296 -48.05 -11.19 -9.70
N SER C 297 -48.62 -10.02 -9.46
CA SER C 297 -49.72 -9.89 -8.47
C SER C 297 -50.98 -10.60 -8.99
N VAL C 298 -50.93 -11.08 -10.24
CA VAL C 298 -52.11 -11.73 -10.87
C VAL C 298 -51.83 -13.21 -11.14
N LYS C 299 -52.70 -14.08 -10.62
CA LYS C 299 -52.64 -15.55 -10.81
C LYS C 299 -52.62 -15.82 -12.31
N GLY C 300 -51.67 -16.64 -12.78
CA GLY C 300 -51.59 -16.99 -14.22
C GLY C 300 -50.72 -16.05 -15.03
N ILE C 301 -50.15 -15.02 -14.41
CA ILE C 301 -49.26 -14.09 -15.14
C ILE C 301 -47.90 -14.05 -14.45
N TYR C 302 -46.84 -14.22 -15.24
CA TYR C 302 -45.45 -14.24 -14.75
C TYR C 302 -44.69 -13.09 -15.39
N ALA C 303 -43.57 -12.70 -14.78
CA ALA C 303 -42.70 -11.64 -15.33
C ALA C 303 -41.25 -12.06 -15.12
N VAL C 304 -40.51 -12.21 -16.23
CA VAL C 304 -39.09 -12.67 -16.19
C VAL C 304 -38.23 -11.73 -17.04
N GLY C 305 -36.97 -11.55 -16.63
CA GLY C 305 -36.02 -10.72 -17.40
C GLY C 305 -35.98 -9.30 -16.89
N ASP C 306 -35.43 -8.39 -17.70
CA ASP C 306 -35.26 -6.96 -17.30
C ASP C 306 -36.57 -6.34 -16.80
N VAL C 307 -37.72 -6.77 -17.35
CA VAL C 307 -39.02 -6.13 -16.99
C VAL C 307 -39.33 -6.31 -15.49
N ASN C 308 -38.67 -7.25 -14.80
CA ASN C 308 -38.95 -7.45 -13.35
C ASN C 308 -37.86 -6.73 -12.51
N GLY C 309 -36.85 -6.15 -13.17
CA GLY C 309 -35.82 -5.31 -12.51
C GLY C 309 -34.90 -6.03 -11.54
N LYS C 310 -34.84 -7.37 -11.54
CA LYS C 310 -33.99 -8.04 -10.52
C LYS C 310 -32.50 -7.91 -10.87
N LEU C 311 -32.09 -8.41 -12.04
N LEU C 311 -32.09 -8.47 -12.00
CA LEU C 311 -30.66 -8.36 -12.46
CA LEU C 311 -30.67 -8.40 -12.47
C LEU C 311 -30.61 -8.43 -13.98
C LEU C 311 -30.69 -8.41 -13.99
N ALA C 312 -30.29 -7.30 -14.62
CA ALA C 312 -30.32 -7.20 -16.09
C ALA C 312 -29.13 -7.90 -16.75
N LEU C 313 -29.17 -9.24 -16.77
CA LEU C 313 -28.13 -10.09 -17.43
C LEU C 313 -28.83 -11.17 -18.24
N THR C 314 -28.28 -11.53 -19.39
CA THR C 314 -28.91 -12.57 -20.24
C THR C 314 -29.03 -13.88 -19.47
N PRO C 315 -27.96 -14.41 -18.85
CA PRO C 315 -28.03 -15.71 -18.16
C PRO C 315 -29.05 -15.75 -17.02
N VAL C 316 -29.39 -14.59 -16.46
CA VAL C 316 -30.41 -14.54 -15.37
C VAL C 316 -31.77 -14.70 -16.04
N ALA C 317 -32.01 -13.96 -17.11
CA ALA C 317 -33.28 -14.06 -17.86
C ALA C 317 -33.48 -15.48 -18.38
N VAL C 318 -32.40 -16.08 -18.89
CA VAL C 318 -32.47 -17.46 -19.47
C VAL C 318 -32.80 -18.47 -18.38
N ALA C 319 -32.06 -18.45 -17.27
CA ALA C 319 -32.25 -19.47 -16.22
C ALA C 319 -33.60 -19.26 -15.54
N ALA C 320 -33.98 -18.01 -15.27
CA ALA C 320 -35.26 -17.75 -14.58
C ALA C 320 -36.42 -18.23 -15.46
N GLY C 321 -36.28 -18.11 -16.78
CA GLY C 321 -37.35 -18.52 -17.73
C GLY C 321 -37.45 -20.04 -17.83
N ARG C 322 -36.31 -20.73 -17.78
CA ARG C 322 -36.24 -22.21 -17.82
C ARG C 322 -36.77 -22.76 -16.50
N ARG C 323 -36.35 -22.16 -15.38
CA ARG C 323 -36.80 -22.68 -14.07
C ARG C 323 -38.30 -22.45 -13.96
N LEU C 324 -38.82 -21.37 -14.57
CA LEU C 324 -40.29 -21.13 -14.54
C LEU C 324 -41.01 -22.22 -15.35
N SER C 325 -40.46 -22.57 -16.52
CA SER C 325 -41.12 -23.61 -17.36
C SER C 325 -41.07 -24.96 -16.64
N GLU C 326 -39.97 -25.25 -15.94
CA GLU C 326 -39.85 -26.50 -15.15
C GLU C 326 -40.95 -26.52 -14.09
N ARG C 327 -41.22 -25.38 -13.48
CA ARG C 327 -42.24 -25.30 -12.40
C ARG C 327 -43.64 -25.47 -12.98
N LEU C 328 -43.98 -24.70 -14.02
CA LEU C 328 -45.35 -24.71 -14.59
C LEU C 328 -45.65 -25.98 -15.41
N PHE C 329 -44.64 -26.59 -16.05
CA PHE C 329 -44.98 -27.69 -17.00
C PHE C 329 -44.25 -29.01 -16.71
N ASN C 330 -43.34 -29.05 -15.74
CA ASN C 330 -42.63 -30.33 -15.43
C ASN C 330 -42.85 -30.70 -13.95
N GLY C 331 -43.86 -30.11 -13.31
CA GLY C 331 -44.22 -30.43 -11.91
C GLY C 331 -43.15 -30.10 -10.88
N LYS C 332 -42.21 -29.18 -11.19
CA LYS C 332 -41.16 -28.78 -10.22
C LYS C 332 -41.67 -27.58 -9.40
N THR C 333 -42.58 -27.85 -8.45
CA THR C 333 -43.31 -26.83 -7.63
C THR C 333 -42.38 -25.82 -6.93
N ASP C 334 -41.21 -26.23 -6.42
CA ASP C 334 -40.31 -25.31 -5.66
C ASP C 334 -39.19 -24.73 -6.54
N GLU C 335 -39.19 -25.02 -7.85
CA GLU C 335 -38.11 -24.56 -8.78
C GLU C 335 -38.10 -23.02 -8.88
N LYS C 336 -36.91 -22.43 -8.75
CA LYS C 336 -36.75 -20.95 -8.84
C LYS C 336 -35.27 -20.61 -8.94
N LEU C 337 -34.97 -19.39 -9.41
CA LEU C 337 -33.57 -18.94 -9.57
C LEU C 337 -33.07 -18.24 -8.30
N ASP C 338 -31.85 -18.59 -7.89
CA ASP C 338 -31.12 -17.91 -6.79
C ASP C 338 -30.43 -16.71 -7.45
N TYR C 339 -30.77 -15.48 -7.03
CA TYR C 339 -30.21 -14.27 -7.69
C TYR C 339 -28.94 -13.75 -6.98
N GLN C 340 -28.46 -14.45 -5.95
N GLN C 340 -28.46 -14.47 -5.96
CA GLN C 340 -27.25 -13.97 -5.21
CA GLN C 340 -27.24 -14.05 -5.20
C GLN C 340 -26.00 -14.61 -5.82
C GLN C 340 -25.99 -14.61 -5.89
N ASN C 341 -24.86 -13.92 -5.72
CA ASN C 341 -23.53 -14.40 -6.23
C ASN C 341 -23.54 -14.67 -7.73
N VAL C 342 -24.22 -13.84 -8.52
CA VAL C 342 -24.20 -14.02 -10.00
C VAL C 342 -22.95 -13.31 -10.51
N ALA C 343 -22.11 -14.03 -11.24
CA ALA C 343 -20.86 -13.46 -11.78
C ALA C 343 -21.14 -12.53 -12.95
N THR C 344 -20.26 -11.55 -13.12
CA THR C 344 -20.38 -10.60 -14.25
C THR C 344 -18.98 -10.34 -14.82
N VAL C 345 -18.93 -10.01 -16.10
CA VAL C 345 -17.67 -9.63 -16.78
C VAL C 345 -17.97 -8.35 -17.55
N ILE C 346 -17.16 -7.31 -17.35
CA ILE C 346 -17.29 -6.02 -18.07
C ILE C 346 -16.16 -5.95 -19.10
N PHE C 347 -16.53 -5.78 -20.38
CA PHE C 347 -15.55 -5.77 -21.48
C PHE C 347 -14.95 -4.38 -21.62
N SER C 348 -14.41 -3.90 -20.50
CA SER C 348 -13.65 -2.63 -20.38
C SER C 348 -12.21 -2.93 -20.82
N HIS C 349 -11.37 -1.91 -20.84
CA HIS C 349 -9.95 -2.10 -21.22
C HIS C 349 -9.07 -1.57 -20.09
N PRO C 350 -8.43 -2.45 -19.26
CA PRO C 350 -8.57 -3.90 -19.33
C PRO C 350 -9.90 -4.46 -18.79
N VAL C 351 -10.15 -5.75 -19.04
CA VAL C 351 -11.43 -6.42 -18.67
C VAL C 351 -11.58 -6.58 -17.16
N ILE C 352 -12.81 -6.44 -16.67
CA ILE C 352 -13.13 -6.64 -15.23
C ILE C 352 -14.04 -7.86 -15.09
N GLY C 353 -13.73 -8.70 -14.11
CA GLY C 353 -14.49 -9.91 -13.79
C GLY C 353 -14.82 -9.87 -12.35
N SER C 354 -16.05 -10.26 -11.98
CA SER C 354 -16.45 -10.10 -10.56
C SER C 354 -17.51 -11.14 -10.17
N VAL C 355 -17.36 -11.73 -8.98
CA VAL C 355 -18.48 -12.56 -8.45
C VAL C 355 -18.56 -12.29 -6.94
N GLY C 356 -19.76 -12.09 -6.41
CA GLY C 356 -19.88 -11.86 -4.96
C GLY C 356 -19.67 -10.41 -4.54
N LEU C 357 -19.36 -10.23 -3.26
CA LEU C 357 -19.29 -8.90 -2.62
C LEU C 357 -17.96 -8.18 -2.81
N SER C 358 -18.07 -6.89 -3.11
CA SER C 358 -16.92 -5.97 -3.08
C SER C 358 -16.50 -5.90 -1.61
N GLU C 359 -15.31 -5.37 -1.34
CA GLU C 359 -14.85 -5.23 0.06
C GLU C 359 -15.84 -4.35 0.83
N GLU C 360 -16.25 -3.23 0.22
CA GLU C 360 -17.20 -2.26 0.82
C GLU C 360 -18.48 -2.97 1.24
N ALA C 361 -19.06 -3.76 0.34
CA ALA C 361 -20.33 -4.47 0.61
C ALA C 361 -20.13 -5.55 1.67
N ALA C 362 -18.98 -6.24 1.68
CA ALA C 362 -18.74 -7.29 2.69
C ALA C 362 -18.66 -6.62 4.05
N VAL C 363 -17.96 -5.49 4.10
CA VAL C 363 -17.80 -4.74 5.38
C VAL C 363 -19.20 -4.29 5.87
N LYS C 364 -20.06 -3.84 4.97
N LYS C 364 -20.07 -3.83 4.97
CA LYS C 364 -21.42 -3.37 5.35
CA LYS C 364 -21.42 -3.38 5.40
C LYS C 364 -22.26 -4.56 5.86
C LYS C 364 -22.23 -4.57 5.91
N GLN C 365 -22.11 -5.74 5.26
CA GLN C 365 -22.92 -6.91 5.68
C GLN C 365 -22.32 -7.61 6.89
N TYR C 366 -21.00 -7.80 6.98
CA TYR C 366 -20.45 -8.61 8.09
C TYR C 366 -19.66 -7.80 9.13
N GLY C 367 -19.39 -6.51 8.92
CA GLY C 367 -18.56 -5.76 9.87
C GLY C 367 -17.10 -5.77 9.45
N GLN C 368 -16.32 -4.73 9.76
N GLN C 368 -16.36 -4.73 9.81
CA GLN C 368 -14.91 -4.69 9.27
CA GLN C 368 -14.95 -4.54 9.41
C GLN C 368 -14.06 -5.78 9.95
C GLN C 368 -14.04 -5.64 10.00
N GLU C 369 -14.29 -6.05 11.24
CA GLU C 369 -13.46 -7.07 11.94
C GLU C 369 -13.52 -8.42 11.24
N ALA C 370 -14.71 -8.80 10.78
CA ALA C 370 -14.94 -10.12 10.13
C ALA C 370 -14.38 -10.18 8.70
N VAL C 371 -14.02 -9.04 8.08
CA VAL C 371 -13.59 -9.06 6.65
C VAL C 371 -12.07 -9.00 6.52
N LYS C 372 -11.51 -9.86 5.68
CA LYS C 372 -10.07 -9.86 5.38
C LYS C 372 -9.92 -10.03 3.87
N THR C 373 -9.14 -9.14 3.24
CA THR C 373 -8.94 -9.24 1.77
C THR C 373 -7.52 -9.73 1.45
N TYR C 374 -7.40 -10.35 0.29
CA TYR C 374 -6.11 -10.81 -0.29
C TYR C 374 -6.06 -10.20 -1.68
N GLN C 375 -4.89 -9.78 -2.11
CA GLN C 375 -4.77 -9.16 -3.44
C GLN C 375 -3.39 -9.44 -4.00
N SER C 376 -3.31 -9.46 -5.33
CA SER C 376 -2.05 -9.63 -6.05
C SER C 376 -2.02 -8.67 -7.24
N ARG C 377 -0.95 -7.89 -7.36
N ARG C 377 -0.96 -7.87 -7.36
CA ARG C 377 -0.77 -6.95 -8.50
CA ARG C 377 -0.80 -6.95 -8.51
C ARG C 377 0.39 -7.49 -9.34
C ARG C 377 0.38 -7.48 -9.34
N PHE C 378 0.24 -7.52 -10.66
CA PHE C 378 1.34 -8.01 -11.54
C PHE C 378 1.12 -7.47 -12.95
N THR C 379 2.11 -7.65 -13.80
CA THR C 379 1.98 -7.23 -15.22
C THR C 379 1.60 -8.47 -16.02
N SER C 380 0.59 -8.37 -16.88
CA SER C 380 0.22 -9.53 -17.73
C SER C 380 1.42 -9.88 -18.62
N MET C 381 1.82 -11.15 -18.70
CA MET C 381 2.98 -11.58 -19.52
C MET C 381 2.83 -11.08 -20.96
N PHE C 382 1.61 -11.10 -21.48
CA PHE C 382 1.36 -10.64 -22.88
C PHE C 382 1.88 -9.21 -23.08
N THR C 383 1.65 -8.31 -22.12
CA THR C 383 2.10 -6.89 -22.26
C THR C 383 3.49 -6.65 -21.65
N ALA C 384 3.96 -7.57 -20.80
CA ALA C 384 5.25 -7.42 -20.07
C ALA C 384 6.46 -7.33 -21.01
N ILE C 385 6.41 -7.89 -22.21
CA ILE C 385 7.60 -7.80 -23.11
C ILE C 385 7.48 -6.56 -23.99
N THR C 386 6.39 -5.80 -23.86
CA THR C 386 6.16 -4.63 -24.75
C THR C 386 6.48 -3.30 -24.06
N ASN C 387 6.38 -2.21 -24.81
CA ASN C 387 6.55 -0.81 -24.33
C ASN C 387 5.18 -0.27 -23.85
N HIS C 388 4.18 -1.16 -23.68
CA HIS C 388 2.83 -0.78 -23.14
C HIS C 388 2.41 -1.80 -22.09
N ARG C 389 3.21 -1.87 -21.02
CA ARG C 389 2.93 -2.81 -19.91
C ARG C 389 1.59 -2.46 -19.29
N GLN C 390 0.76 -3.46 -19.06
CA GLN C 390 -0.60 -3.27 -18.51
C GLN C 390 -0.69 -4.04 -17.20
N PRO C 391 -1.22 -3.40 -16.14
CA PRO C 391 -1.35 -4.08 -14.86
C PRO C 391 -2.54 -5.04 -14.78
N CYS C 392 -2.42 -6.00 -13.89
CA CYS C 392 -3.51 -6.94 -13.52
C CYS C 392 -3.65 -6.86 -12.00
N LEU C 393 -4.87 -7.01 -11.52
CA LEU C 393 -5.05 -6.99 -10.06
C LEU C 393 -6.17 -7.99 -9.76
N MET C 394 -5.83 -9.02 -9.00
N MET C 394 -5.86 -8.96 -8.93
CA MET C 394 -6.75 -10.08 -8.52
CA MET C 394 -6.87 -9.98 -8.54
C MET C 394 -7.02 -9.81 -7.03
C MET C 394 -7.02 -9.91 -7.02
N LYS C 395 -8.26 -10.00 -6.56
CA LYS C 395 -8.58 -9.76 -5.13
C LYS C 395 -9.60 -10.76 -4.61
N LEU C 396 -9.38 -11.22 -3.38
CA LEU C 396 -10.33 -12.10 -2.67
C LEU C 396 -10.86 -11.33 -1.47
N VAL C 397 -12.16 -11.45 -1.22
CA VAL C 397 -12.82 -10.84 -0.04
C VAL C 397 -13.32 -12.02 0.79
N THR C 398 -12.78 -12.20 2.00
CA THR C 398 -13.09 -13.37 2.86
C THR C 398 -13.78 -12.90 4.14
N VAL C 399 -14.51 -13.82 4.78
CA VAL C 399 -15.25 -13.48 6.03
C VAL C 399 -15.07 -14.57 7.09
N GLY C 400 -14.89 -14.13 8.35
CA GLY C 400 -14.81 -15.03 9.51
C GLY C 400 -13.50 -15.78 9.65
N ASP C 401 -13.46 -16.65 10.67
CA ASP C 401 -12.28 -17.50 11.01
C ASP C 401 -11.96 -18.49 9.90
N THR C 402 -12.98 -19.04 9.21
CA THR C 402 -12.69 -20.03 8.12
C THR C 402 -12.31 -19.29 6.82
N GLU C 403 -12.38 -17.96 6.80
CA GLU C 403 -12.04 -17.13 5.61
C GLU C 403 -12.85 -17.64 4.41
N LYS C 404 -14.17 -17.67 4.59
CA LYS C 404 -15.12 -18.02 3.50
C LYS C 404 -14.96 -16.97 2.39
N ILE C 405 -14.86 -17.41 1.13
CA ILE C 405 -14.69 -16.43 0.01
C ILE C 405 -16.07 -15.88 -0.35
N VAL C 406 -16.33 -14.62 -0.03
CA VAL C 406 -17.66 -14.02 -0.33
C VAL C 406 -17.56 -13.13 -1.57
N GLY C 407 -16.34 -12.84 -2.03
CA GLY C 407 -16.14 -12.02 -3.23
C GLY C 407 -14.83 -12.38 -3.91
N LEU C 408 -14.83 -12.34 -5.25
CA LEU C 408 -13.62 -12.60 -6.07
C LEU C 408 -13.67 -11.63 -7.25
N HIS C 409 -12.63 -10.84 -7.43
CA HIS C 409 -12.65 -9.80 -8.48
C HIS C 409 -11.29 -9.75 -9.16
N GLY C 410 -11.30 -9.40 -10.44
CA GLY C 410 -10.03 -9.24 -11.14
C GLY C 410 -10.14 -8.23 -12.24
N ILE C 411 -9.01 -7.65 -12.60
CA ILE C 411 -8.93 -6.72 -13.76
C ILE C 411 -7.63 -7.08 -14.45
N GLY C 412 -7.68 -7.31 -15.75
CA GLY C 412 -6.44 -7.65 -16.46
C GLY C 412 -6.69 -8.48 -17.71
N TYR C 413 -5.63 -8.67 -18.48
CA TYR C 413 -5.72 -9.44 -19.74
C TYR C 413 -6.26 -10.85 -19.50
N GLY C 414 -7.32 -11.23 -20.22
CA GLY C 414 -7.90 -12.59 -20.17
C GLY C 414 -8.80 -12.85 -18.96
N VAL C 415 -9.06 -11.86 -18.11
CA VAL C 415 -9.90 -12.10 -16.90
C VAL C 415 -11.31 -12.53 -17.30
N ASP C 416 -11.76 -12.19 -18.50
CA ASP C 416 -13.13 -12.51 -18.99
C ASP C 416 -13.39 -14.02 -18.94
N GLU C 417 -12.36 -14.86 -19.14
CA GLU C 417 -12.60 -16.33 -19.18
C GLU C 417 -12.27 -17.01 -17.85
N MET C 418 -11.78 -16.27 -16.86
CA MET C 418 -11.32 -16.89 -15.59
C MET C 418 -12.44 -17.07 -14.55
N ILE C 419 -13.48 -16.24 -14.62
CA ILE C 419 -14.45 -16.14 -13.48
C ILE C 419 -15.42 -17.32 -13.34
N GLN C 420 -15.88 -17.92 -14.45
CA GLN C 420 -16.98 -18.93 -14.40
C GLN C 420 -16.65 -20.03 -13.40
N GLY C 421 -15.45 -20.60 -13.45
CA GLY C 421 -15.06 -21.70 -12.56
C GLY C 421 -15.05 -21.30 -11.10
N PHE C 422 -14.54 -20.11 -10.78
CA PHE C 422 -14.52 -19.61 -9.38
C PHE C 422 -15.95 -19.36 -8.91
N ALA C 423 -16.84 -18.97 -9.83
CA ALA C 423 -18.27 -18.75 -9.46
C ALA C 423 -18.87 -20.08 -8.97
N VAL C 424 -18.47 -21.20 -9.58
CA VAL C 424 -18.94 -22.54 -9.10
C VAL C 424 -18.41 -22.75 -7.67
N ALA C 425 -17.11 -22.54 -7.46
CA ALA C 425 -16.52 -22.71 -6.12
C ALA C 425 -17.21 -21.79 -5.09
N ILE C 426 -17.49 -20.53 -5.44
CA ILE C 426 -18.15 -19.60 -4.48
C ILE C 426 -19.56 -20.16 -4.14
N LYS C 427 -20.29 -20.61 -5.16
CA LYS C 427 -21.65 -21.19 -4.97
C LYS C 427 -21.58 -22.37 -3.99
N MET C 428 -20.48 -23.14 -4.04
CA MET C 428 -20.26 -24.33 -3.16
C MET C 428 -19.72 -23.92 -1.79
N GLY C 429 -19.51 -22.63 -1.53
CA GLY C 429 -19.04 -22.21 -0.20
C GLY C 429 -17.53 -22.37 -0.02
N ALA C 430 -16.73 -22.08 -1.04
CA ALA C 430 -15.25 -22.18 -0.95
C ALA C 430 -14.69 -21.26 0.14
N THR C 431 -13.61 -21.74 0.79
CA THR C 431 -12.82 -21.01 1.81
C THR C 431 -11.43 -20.76 1.25
N LYS C 432 -10.64 -19.90 1.90
CA LYS C 432 -9.24 -19.65 1.45
C LYS C 432 -8.46 -20.98 1.46
N ALA C 433 -8.77 -21.88 2.42
CA ALA C 433 -8.10 -23.20 2.51
C ALA C 433 -8.37 -24.03 1.25
N ASP C 434 -9.60 -23.97 0.69
CA ASP C 434 -9.92 -24.71 -0.57
C ASP C 434 -9.10 -24.13 -1.73
N PHE C 435 -8.95 -22.80 -1.76
CA PHE C 435 -8.13 -22.17 -2.81
C PHE C 435 -6.66 -22.61 -2.65
N ASP C 436 -6.17 -22.57 -1.40
CA ASP C 436 -4.77 -22.93 -1.11
C ASP C 436 -4.49 -24.40 -1.45
N ASN C 437 -5.50 -25.27 -1.34
CA ASN C 437 -5.31 -26.74 -1.57
C ASN C 437 -5.42 -27.06 -3.06
N THR C 438 -5.63 -26.06 -3.91
CA THR C 438 -5.75 -26.27 -5.38
C THR C 438 -4.41 -25.92 -6.02
N VAL C 439 -3.84 -26.89 -6.75
CA VAL C 439 -2.53 -26.63 -7.39
C VAL C 439 -2.73 -25.62 -8.51
N ALA C 440 -1.79 -24.69 -8.65
CA ALA C 440 -1.86 -23.65 -9.70
C ALA C 440 -1.63 -24.24 -11.08
N ILE C 441 -2.03 -23.48 -12.10
CA ILE C 441 -1.77 -23.76 -13.53
C ILE C 441 -0.85 -22.65 -14.00
N HIS C 442 0.36 -23.00 -14.43
CA HIS C 442 1.40 -22.01 -14.81
C HIS C 442 1.84 -22.19 -16.26
N PRO C 443 2.05 -21.10 -17.05
CA PRO C 443 1.80 -19.73 -16.62
C PRO C 443 0.45 -19.21 -17.12
N THR C 444 -0.35 -18.70 -16.18
CA THR C 444 -1.67 -18.10 -16.53
C THR C 444 -1.88 -16.91 -15.61
N GLY C 445 -2.79 -16.01 -15.94
CA GLY C 445 -3.11 -14.97 -14.95
C GLY C 445 -4.00 -15.58 -13.88
N SER C 446 -4.81 -16.56 -14.26
CA SER C 446 -5.78 -17.22 -13.33
C SER C 446 -5.08 -17.80 -12.10
N GLU C 447 -3.82 -18.26 -12.21
CA GLU C 447 -3.16 -18.86 -11.01
C GLU C 447 -3.04 -17.86 -9.86
N GLU C 448 -2.96 -16.56 -10.16
CA GLU C 448 -2.78 -15.55 -9.08
C GLU C 448 -3.96 -15.61 -8.11
N PHE C 449 -5.13 -16.11 -8.54
CA PHE C 449 -6.26 -16.20 -7.60
C PHE C 449 -6.01 -17.26 -6.53
N VAL C 450 -5.17 -18.27 -6.80
CA VAL C 450 -5.02 -19.39 -5.82
C VAL C 450 -3.64 -19.37 -5.13
N THR C 451 -2.83 -18.34 -5.34
CA THR C 451 -1.48 -18.27 -4.72
C THR C 451 -1.30 -17.01 -3.88
N MET C 452 -2.38 -16.33 -3.49
CA MET C 452 -2.21 -15.14 -2.62
C MET C 452 -1.92 -15.57 -1.18
N ARG C 453 -1.16 -14.75 -0.46
CA ARG C 453 -0.77 -15.01 0.95
C ARG C 453 -0.89 -13.71 1.76
N ALA D 3 39.50 -25.53 4.96
CA ALA D 3 39.78 -26.48 6.09
C ALA D 3 38.56 -26.62 7.01
N MET D 4 37.74 -25.56 7.16
CA MET D 4 36.60 -25.64 8.13
C MET D 4 35.27 -25.83 7.39
N VAL D 5 34.37 -26.62 7.99
CA VAL D 5 33.04 -26.92 7.39
C VAL D 5 32.04 -25.89 7.91
N ILE D 6 31.23 -25.32 7.01
CA ILE D 6 30.23 -24.28 7.41
C ILE D 6 28.86 -24.94 7.57
N PRO D 7 28.26 -24.84 8.77
CA PRO D 7 26.97 -25.46 9.01
C PRO D 7 25.79 -24.57 8.58
N TYR D 8 24.78 -25.23 8.04
CA TYR D 8 23.50 -24.58 7.67
C TYR D 8 22.40 -25.48 8.24
N ASP D 9 21.18 -24.96 8.33
CA ASP D 9 20.03 -25.77 8.77
C ASP D 9 19.47 -26.51 7.56
N TYR D 10 19.63 -25.93 6.36
CA TYR D 10 19.03 -26.47 5.12
C TYR D 10 19.90 -26.11 3.93
N ILE D 11 20.30 -27.12 3.16
CA ILE D 11 21.06 -26.84 1.91
C ILE D 11 20.16 -27.31 0.78
N VAL D 12 19.92 -26.43 -0.19
CA VAL D 12 19.07 -26.72 -1.37
C VAL D 12 19.96 -26.78 -2.62
N ILE D 13 19.99 -27.95 -3.27
CA ILE D 13 20.80 -28.14 -4.50
C ILE D 13 19.88 -27.91 -5.70
N GLY D 14 19.99 -26.74 -6.31
CA GLY D 14 19.17 -26.39 -7.48
C GLY D 14 18.33 -25.16 -7.22
N GLY D 15 18.40 -24.19 -8.13
CA GLY D 15 17.66 -22.92 -8.00
C GLY D 15 16.58 -22.80 -9.04
N GLY D 16 15.86 -23.91 -9.28
CA GLY D 16 14.69 -23.91 -10.18
C GLY D 16 13.40 -23.79 -9.38
N SER D 17 12.27 -24.21 -9.96
CA SER D 17 10.93 -24.10 -9.33
C SER D 17 10.90 -24.75 -7.94
N ALA D 18 11.45 -25.96 -7.79
CA ALA D 18 11.37 -26.65 -6.50
C ALA D 18 12.31 -25.99 -5.48
N GLY D 19 13.55 -25.76 -5.88
CA GLY D 19 14.56 -25.22 -4.95
C GLY D 19 14.19 -23.86 -4.39
N ILE D 20 13.82 -22.92 -5.26
CA ILE D 20 13.46 -21.52 -4.85
C ILE D 20 12.31 -21.59 -3.85
N ALA D 21 11.27 -22.33 -4.22
CA ALA D 21 10.05 -22.41 -3.37
C ALA D 21 10.39 -22.98 -2.00
N SER D 22 11.20 -24.03 -1.92
CA SER D 22 11.49 -24.70 -0.63
C SER D 22 12.44 -23.82 0.19
N ALA D 23 13.44 -23.21 -0.46
CA ALA D 23 14.42 -22.34 0.23
C ALA D 23 13.69 -21.15 0.85
N ASN D 24 12.86 -20.45 0.06
CA ASN D 24 12.15 -19.24 0.56
C ASN D 24 11.25 -19.60 1.74
N ARG D 25 10.52 -20.72 1.65
CA ARG D 25 9.57 -21.09 2.74
C ARG D 25 10.34 -21.53 4.00
N ALA D 26 11.45 -22.24 3.85
CA ALA D 26 12.28 -22.62 5.03
C ALA D 26 12.80 -21.35 5.71
N ALA D 27 13.31 -20.40 4.92
CA ALA D 27 13.84 -19.13 5.46
C ALA D 27 12.74 -18.35 6.19
N MET D 28 11.53 -18.34 5.63
N MET D 28 11.52 -18.33 5.65
CA MET D 28 10.37 -17.64 6.27
CA MET D 28 10.39 -17.60 6.30
C MET D 28 10.11 -18.24 7.65
C MET D 28 10.08 -18.25 7.65
N HIS D 29 10.50 -19.49 7.87
CA HIS D 29 10.25 -20.19 9.16
C HIS D 29 11.50 -20.20 10.05
N GLY D 30 12.45 -19.29 9.79
CA GLY D 30 13.62 -19.12 10.68
C GLY D 30 14.82 -19.99 10.34
N ALA D 31 14.72 -20.86 9.34
CA ALA D 31 15.88 -21.72 9.01
C ALA D 31 17.00 -20.90 8.36
N LYS D 32 18.25 -21.28 8.66
CA LYS D 32 19.47 -20.74 8.02
C LYS D 32 19.63 -21.57 6.74
N VAL D 33 19.34 -20.98 5.58
CA VAL D 33 19.28 -21.72 4.29
C VAL D 33 20.37 -21.31 3.31
N LEU D 34 20.95 -22.31 2.65
CA LEU D 34 21.97 -22.11 1.58
C LEU D 34 21.41 -22.72 0.29
N LEU D 35 21.32 -21.94 -0.77
CA LEU D 35 20.85 -22.48 -2.07
C LEU D 35 21.99 -22.39 -3.08
N ALA D 36 22.23 -23.49 -3.81
CA ALA D 36 23.27 -23.56 -4.85
C ALA D 36 22.59 -23.64 -6.22
N GLU D 37 23.05 -22.82 -7.16
CA GLU D 37 22.51 -22.84 -8.55
C GLU D 37 23.70 -22.75 -9.49
N GLY D 38 23.91 -23.78 -10.31
CA GLY D 38 25.11 -23.84 -11.17
C GLY D 38 24.97 -23.06 -12.46
N LYS D 39 23.74 -22.72 -12.86
CA LYS D 39 23.48 -21.99 -14.13
C LYS D 39 22.73 -20.68 -13.83
N GLU D 40 21.48 -20.58 -14.28
CA GLU D 40 20.73 -19.31 -14.09
C GLU D 40 19.60 -19.52 -13.07
N ILE D 41 19.33 -18.49 -12.27
CA ILE D 41 18.26 -18.65 -11.25
C ILE D 41 16.93 -18.81 -11.99
N GLY D 42 16.01 -19.59 -11.42
CA GLY D 42 14.68 -19.82 -12.03
C GLY D 42 14.60 -21.16 -12.75
N GLY D 43 15.75 -21.80 -12.98
CA GLY D 43 15.80 -23.13 -13.62
C GLY D 43 15.14 -23.21 -14.99
N THR D 44 14.59 -24.37 -15.30
CA THR D 44 13.99 -24.63 -16.64
C THR D 44 12.79 -23.72 -16.90
N CYS D 45 11.91 -23.63 -15.92
CA CYS D 45 10.67 -22.86 -16.08
C CYS D 45 10.94 -21.43 -16.55
N VAL D 46 11.87 -20.74 -15.89
CA VAL D 46 12.11 -19.30 -16.19
C VAL D 46 12.96 -19.15 -17.45
N ASN D 47 13.98 -19.99 -17.62
CA ASN D 47 14.98 -19.78 -18.71
C ASN D 47 14.73 -20.59 -19.98
N LEU D 48 14.18 -21.80 -19.88
CA LEU D 48 14.06 -22.71 -21.05
C LEU D 48 12.75 -23.50 -21.02
N GLY D 49 11.71 -22.98 -20.35
CA GLY D 49 10.46 -23.74 -20.24
C GLY D 49 9.23 -22.85 -20.31
N CYS D 50 8.41 -22.91 -19.26
CA CYS D 50 7.10 -22.23 -19.18
C CYS D 50 7.13 -20.81 -19.72
N VAL D 51 8.02 -19.97 -19.19
CA VAL D 51 8.03 -18.50 -19.55
C VAL D 51 8.38 -18.25 -21.01
N PRO D 52 9.60 -18.59 -21.51
CA PRO D 52 9.91 -18.34 -22.92
C PRO D 52 8.91 -19.06 -23.86
N LYS D 53 8.41 -20.23 -23.46
CA LYS D 53 7.41 -20.94 -24.30
C LYS D 53 6.15 -20.06 -24.44
N LYS D 54 5.66 -19.50 -23.33
CA LYS D 54 4.40 -18.71 -23.33
C LYS D 54 4.62 -17.41 -24.12
N VAL D 55 5.80 -16.82 -23.98
CA VAL D 55 6.09 -15.59 -24.75
C VAL D 55 6.01 -15.91 -26.26
N MET D 56 6.62 -17.03 -26.68
CA MET D 56 6.59 -17.39 -28.13
C MET D 56 5.16 -17.77 -28.53
N TRP D 57 4.39 -18.32 -27.60
CA TRP D 57 2.96 -18.65 -27.91
C TRP D 57 2.20 -17.34 -28.13
N TYR D 58 2.47 -16.30 -27.32
CA TYR D 58 1.79 -15.01 -27.59
C TYR D 58 2.21 -14.50 -28.97
N GLY D 59 3.47 -14.70 -29.33
CA GLY D 59 3.93 -14.30 -30.68
C GLY D 59 3.14 -15.02 -31.75
N ALA D 60 2.88 -16.31 -31.54
CA ALA D 60 2.06 -17.10 -32.50
C ALA D 60 0.63 -16.55 -32.55
N GLN D 61 0.05 -16.18 -31.39
CA GLN D 61 -1.32 -15.60 -31.37
C GLN D 61 -1.33 -14.30 -32.21
N VAL D 62 -0.29 -13.49 -32.06
CA VAL D 62 -0.21 -12.22 -32.85
C VAL D 62 -0.07 -12.56 -34.33
N ALA D 63 0.79 -13.54 -34.67
CA ALA D 63 0.95 -13.93 -36.09
C ALA D 63 -0.41 -14.34 -36.68
N ASP D 64 -1.21 -15.09 -35.92
CA ASP D 64 -2.54 -15.59 -36.39
C ASP D 64 -3.47 -14.40 -36.62
N ILE D 65 -3.46 -13.40 -35.72
CA ILE D 65 -4.30 -12.18 -35.92
C ILE D 65 -3.88 -11.50 -37.22
N LEU D 66 -2.59 -11.25 -37.40
CA LEU D 66 -2.10 -10.53 -38.60
C LEU D 66 -2.33 -11.34 -39.88
N GLY D 67 -2.05 -12.64 -39.82
CA GLY D 67 -2.09 -13.47 -41.04
C GLY D 67 -3.42 -14.09 -41.34
N THR D 68 -4.33 -14.18 -40.35
CA THR D 68 -5.61 -14.91 -40.60
C THR D 68 -6.87 -14.11 -40.23
N TYR D 69 -6.95 -13.54 -39.03
CA TYR D 69 -8.24 -12.99 -38.55
C TYR D 69 -8.44 -11.49 -38.82
N ALA D 70 -7.37 -10.70 -38.84
CA ALA D 70 -7.48 -9.22 -39.02
C ALA D 70 -8.44 -8.87 -40.16
N LYS D 71 -8.25 -9.46 -41.34
CA LYS D 71 -9.10 -9.14 -42.52
C LYS D 71 -10.61 -9.23 -42.22
N ASP D 72 -11.06 -10.27 -41.54
CA ASP D 72 -12.53 -10.41 -41.32
C ASP D 72 -13.01 -9.40 -40.27
N TYR D 73 -12.09 -8.72 -39.58
CA TYR D 73 -12.45 -7.66 -38.60
C TYR D 73 -12.34 -6.28 -39.25
N GLY D 74 -12.09 -6.25 -40.56
CA GLY D 74 -12.04 -5.00 -41.37
C GLY D 74 -10.66 -4.37 -41.49
N PHE D 75 -9.59 -5.03 -41.01
CA PHE D 75 -8.23 -4.45 -41.06
C PHE D 75 -7.41 -5.03 -42.23
N ASP D 76 -6.75 -4.13 -42.97
CA ASP D 76 -5.87 -4.50 -44.11
C ASP D 76 -4.54 -3.76 -43.89
N PHE D 77 -3.48 -4.24 -44.51
CA PHE D 77 -2.13 -3.63 -44.40
C PHE D 77 -1.24 -4.32 -45.42
N LYS D 78 0.00 -3.87 -45.58
CA LYS D 78 0.88 -4.58 -46.55
C LYS D 78 2.33 -4.50 -46.09
N GLU D 79 3.19 -5.22 -46.84
CA GLU D 79 4.65 -5.32 -46.59
C GLU D 79 4.86 -5.85 -45.16
N LYS D 80 4.08 -6.86 -44.77
CA LYS D 80 4.24 -7.47 -43.43
C LYS D 80 5.65 -8.04 -43.32
N ALA D 81 6.30 -7.82 -42.18
CA ALA D 81 7.67 -8.32 -41.92
C ALA D 81 7.72 -8.84 -40.49
N PHE D 82 8.58 -9.83 -40.24
CA PHE D 82 8.71 -10.39 -38.88
C PHE D 82 10.19 -10.42 -38.50
N ASP D 83 10.53 -9.67 -37.46
CA ASP D 83 11.91 -9.55 -36.92
C ASP D 83 12.02 -10.48 -35.69
N PHE D 84 12.39 -11.73 -35.94
CA PHE D 84 12.49 -12.76 -34.87
C PHE D 84 13.48 -12.32 -33.79
N LYS D 85 14.57 -11.65 -34.17
CA LYS D 85 15.59 -11.25 -33.16
C LYS D 85 15.01 -10.22 -32.18
N GLN D 86 14.07 -9.37 -32.63
CA GLN D 86 13.48 -8.36 -31.71
C GLN D 86 12.57 -9.11 -30.71
N LEU D 87 11.78 -10.05 -31.21
CA LEU D 87 10.90 -10.84 -30.29
C LEU D 87 11.80 -11.54 -29.27
N LYS D 88 12.89 -12.13 -29.74
CA LYS D 88 13.83 -12.86 -28.83
C LYS D 88 14.48 -11.88 -27.84
N ALA D 89 14.89 -10.70 -28.29
CA ALA D 89 15.52 -9.71 -27.36
C ALA D 89 14.53 -9.30 -26.25
N ASN D 90 13.28 -9.03 -26.63
CA ASN D 90 12.23 -8.62 -25.66
C ASN D 90 11.93 -9.78 -24.69
N ARG D 91 11.94 -11.00 -25.22
CA ARG D 91 11.70 -12.19 -24.38
C ARG D 91 12.83 -12.33 -23.35
N GLN D 92 14.09 -12.18 -23.78
N GLN D 92 14.08 -12.17 -23.78
CA GLN D 92 15.25 -12.38 -22.86
CA GLN D 92 15.23 -12.37 -22.85
C GLN D 92 15.32 -11.22 -21.85
C GLN D 92 15.28 -11.23 -21.83
N ALA D 93 14.92 -10.01 -22.24
CA ALA D 93 14.92 -8.86 -21.32
C ALA D 93 13.90 -9.12 -20.19
N TYR D 94 12.76 -9.71 -20.53
CA TYR D 94 11.70 -10.09 -19.55
C TYR D 94 12.26 -11.13 -18.58
N ILE D 95 12.95 -12.14 -19.13
CA ILE D 95 13.56 -13.20 -18.27
C ILE D 95 14.60 -12.56 -17.34
N ASP D 96 15.40 -11.60 -17.83
CA ASP D 96 16.40 -10.93 -16.95
C ASP D 96 15.67 -10.20 -15.81
N ARG D 97 14.50 -9.62 -16.07
CA ARG D 97 13.77 -8.92 -14.98
C ARG D 97 13.25 -9.97 -13.99
N ILE D 98 12.88 -11.16 -14.49
CA ILE D 98 12.41 -12.25 -13.57
C ILE D 98 13.59 -12.66 -12.69
N HIS D 99 14.81 -12.74 -13.26
CA HIS D 99 15.97 -13.11 -12.42
C HIS D 99 16.10 -12.13 -11.25
N ALA D 100 16.01 -10.83 -11.55
CA ALA D 100 16.19 -9.77 -10.52
C ALA D 100 15.10 -9.88 -9.45
N SER D 101 13.89 -10.28 -9.86
N SER D 101 13.89 -10.28 -9.85
CA SER D 101 12.76 -10.45 -8.93
CA SER D 101 12.77 -10.45 -8.90
C SER D 101 13.08 -11.56 -7.92
C SER D 101 13.10 -11.56 -7.90
N TYR D 102 13.77 -12.62 -8.37
CA TYR D 102 14.12 -13.76 -7.48
C TYR D 102 15.22 -13.34 -6.49
N GLU D 103 16.19 -12.56 -6.98
CA GLU D 103 17.27 -12.05 -6.08
C GLU D 103 16.64 -11.16 -4.98
N ARG D 104 15.67 -10.32 -5.35
N ARG D 104 15.66 -10.34 -5.35
CA ARG D 104 14.98 -9.43 -4.37
CA ARG D 104 14.99 -9.43 -4.36
C ARG D 104 14.33 -10.28 -3.28
C ARG D 104 14.32 -10.27 -3.27
N GLY D 105 13.62 -11.34 -3.66
CA GLY D 105 12.95 -12.23 -2.69
C GLY D 105 13.97 -12.89 -1.76
N PHE D 106 15.12 -13.28 -2.30
CA PHE D 106 16.15 -13.93 -1.45
C PHE D 106 16.67 -12.91 -0.43
N GLU D 107 16.77 -11.65 -0.83
CA GLU D 107 17.23 -10.59 0.10
C GLU D 107 16.18 -10.41 1.20
N GLN D 108 14.91 -10.30 0.81
N GLN D 108 14.89 -10.29 0.84
CA GLN D 108 13.77 -10.11 1.76
CA GLN D 108 13.80 -10.10 1.84
C GLN D 108 13.66 -11.28 2.76
C GLN D 108 13.71 -11.30 2.80
N ASN D 109 13.74 -12.53 2.28
CA ASN D 109 13.57 -13.74 3.14
C ASN D 109 14.88 -14.14 3.86
N GLY D 110 16.03 -13.66 3.39
CA GLY D 110 17.30 -13.98 4.08
C GLY D 110 17.86 -15.34 3.66
N VAL D 111 17.75 -15.67 2.37
CA VAL D 111 18.30 -16.93 1.81
C VAL D 111 19.76 -16.66 1.38
N ASP D 112 20.70 -17.50 1.79
CA ASP D 112 22.09 -17.38 1.28
C ASP D 112 22.12 -18.14 -0.05
N ARG D 113 22.70 -17.55 -1.10
CA ARG D 113 22.78 -18.22 -2.44
C ARG D 113 24.21 -18.23 -2.93
N ILE D 114 24.61 -19.30 -3.61
CA ILE D 114 25.96 -19.36 -4.26
C ILE D 114 25.70 -19.83 -5.68
N TYR D 115 26.16 -19.05 -6.66
CA TYR D 115 25.96 -19.35 -8.09
C TYR D 115 27.12 -20.20 -8.60
N ASP D 116 27.19 -21.44 -8.10
N ASP D 116 27.19 -21.42 -8.05
CA ASP D 116 28.16 -22.46 -8.59
CA ASP D 116 28.19 -22.47 -8.36
C ASP D 116 27.51 -23.81 -8.30
C ASP D 116 27.55 -23.85 -8.19
N TYR D 117 28.13 -24.87 -8.81
CA TYR D 117 27.63 -26.26 -8.75
C TYR D 117 27.96 -26.92 -7.41
N ALA D 118 26.96 -27.57 -6.80
CA ALA D 118 27.15 -28.27 -5.51
C ALA D 118 27.44 -29.75 -5.76
N VAL D 119 28.41 -30.31 -5.05
CA VAL D 119 28.78 -31.75 -5.20
C VAL D 119 28.77 -32.38 -3.81
N PHE D 120 28.13 -33.56 -3.67
CA PHE D 120 28.17 -34.24 -2.35
C PHE D 120 29.57 -34.76 -2.02
N LYS D 121 29.94 -34.67 -0.74
CA LYS D 121 31.17 -35.27 -0.19
C LYS D 121 30.73 -36.54 0.57
N ASP D 122 29.54 -36.48 1.19
CA ASP D 122 28.91 -37.61 1.92
C ASP D 122 27.42 -37.30 2.06
N ALA D 123 26.67 -38.07 2.87
CA ALA D 123 25.21 -37.86 2.96
C ALA D 123 24.84 -36.49 3.53
N HIS D 124 25.73 -35.84 4.29
CA HIS D 124 25.34 -34.57 4.96
C HIS D 124 26.28 -33.40 4.61
N THR D 125 27.14 -33.55 3.60
CA THR D 125 28.11 -32.46 3.29
C THR D 125 28.24 -32.25 1.78
N VAL D 126 28.29 -31.00 1.37
CA VAL D 126 28.46 -30.69 -0.08
C VAL D 126 29.63 -29.75 -0.24
N GLU D 127 30.26 -29.78 -1.40
CA GLU D 127 31.38 -28.85 -1.71
CA GLU D 127 31.37 -28.84 -1.70
C GLU D 127 30.87 -27.89 -2.79
N ILE D 128 31.03 -26.59 -2.57
CA ILE D 128 30.60 -25.54 -3.52
C ILE D 128 31.74 -24.54 -3.59
N ALA D 129 32.32 -24.35 -4.77
CA ALA D 129 33.44 -23.41 -4.97
C ALA D 129 34.58 -23.68 -3.99
N GLY D 130 34.88 -24.95 -3.70
CA GLY D 130 36.04 -25.30 -2.86
C GLY D 130 35.78 -25.22 -1.37
N GLN D 131 34.55 -24.91 -0.98
CA GLN D 131 34.19 -24.75 0.45
C GLN D 131 33.22 -25.87 0.84
N LEU D 132 33.43 -26.48 1.99
CA LEU D 132 32.50 -27.52 2.48
C LEU D 132 31.37 -26.91 3.28
N TYR D 133 30.15 -27.39 3.05
CA TYR D 133 28.95 -26.96 3.82
C TYR D 133 28.22 -28.21 4.33
N THR D 134 27.67 -28.13 5.53
CA THR D 134 26.96 -29.30 6.08
C THR D 134 25.61 -28.87 6.64
N ALA D 135 24.65 -29.80 6.61
CA ALA D 135 23.28 -29.52 7.14
C ALA D 135 22.57 -30.85 7.39
N PRO D 136 21.72 -30.94 8.43
CA PRO D 136 20.97 -32.17 8.70
C PRO D 136 19.81 -32.34 7.70
N HIS D 137 19.59 -31.33 6.85
CA HIS D 137 18.51 -31.38 5.84
C HIS D 137 19.07 -30.90 4.50
N ILE D 138 19.04 -31.76 3.49
CA ILE D 138 19.56 -31.38 2.15
C ILE D 138 18.50 -31.75 1.11
N LEU D 139 18.03 -30.76 0.34
CA LEU D 139 17.03 -30.96 -0.73
C LEU D 139 17.73 -31.13 -2.08
N ILE D 140 17.53 -32.27 -2.74
CA ILE D 140 17.98 -32.47 -4.14
C ILE D 140 16.83 -31.96 -5.01
N ALA D 141 17.05 -30.89 -5.77
CA ALA D 141 16.03 -30.24 -6.63
C ALA D 141 16.71 -29.87 -7.94
N THR D 142 17.35 -30.86 -8.55
CA THR D 142 18.25 -30.68 -9.70
C THR D 142 17.53 -30.74 -11.05
N GLY D 143 16.23 -31.02 -11.07
CA GLY D 143 15.47 -31.01 -12.32
C GLY D 143 15.88 -32.09 -13.32
N GLY D 144 15.64 -31.82 -14.59
CA GLY D 144 15.98 -32.78 -15.64
C GLY D 144 16.59 -32.08 -16.83
N HIS D 145 16.71 -32.81 -17.93
CA HIS D 145 17.34 -32.28 -19.15
C HIS D 145 16.81 -33.00 -20.37
N PRO D 146 16.84 -32.36 -21.56
CA PRO D 146 16.37 -33.03 -22.78
C PRO D 146 17.36 -34.09 -23.24
N VAL D 147 16.87 -35.13 -23.92
CA VAL D 147 17.80 -36.16 -24.48
C VAL D 147 17.60 -36.25 -25.99
N PHE D 148 18.67 -36.70 -26.65
CA PHE D 148 18.72 -36.95 -28.11
C PHE D 148 18.61 -38.45 -28.31
N PRO D 149 17.89 -38.95 -29.33
CA PRO D 149 17.85 -40.39 -29.59
C PRO D 149 19.25 -40.89 -29.98
N ASP D 150 19.53 -42.15 -29.69
CA ASP D 150 20.86 -42.75 -30.00
C ASP D 150 20.82 -43.28 -31.44
N ILE D 151 20.85 -42.36 -32.42
CA ILE D 151 20.83 -42.74 -33.87
C ILE D 151 21.88 -41.90 -34.59
N GLU D 152 22.28 -42.35 -35.77
CA GLU D 152 23.26 -41.64 -36.62
C GLU D 152 22.65 -40.28 -37.01
N GLY D 153 23.42 -39.20 -36.85
CA GLY D 153 22.97 -37.84 -37.23
C GLY D 153 22.10 -37.16 -36.17
N ALA D 154 21.88 -37.78 -35.01
CA ALA D 154 21.05 -37.11 -34.00
C ALA D 154 21.62 -35.72 -33.64
N GLN D 155 22.93 -35.54 -33.80
CA GLN D 155 23.60 -34.27 -33.41
C GLN D 155 23.13 -33.11 -34.28
N TYR D 156 22.53 -33.42 -35.43
CA TYR D 156 22.07 -32.34 -36.34
C TYR D 156 20.73 -31.78 -35.83
N GLY D 157 20.09 -32.49 -34.92
CA GLY D 157 18.82 -31.99 -34.37
C GLY D 157 19.07 -31.07 -33.20
N ILE D 158 18.03 -30.41 -32.72
CA ILE D 158 18.11 -29.51 -31.54
C ILE D 158 17.05 -29.94 -30.54
N SER D 159 17.26 -29.64 -29.26
CA SER D 159 16.21 -29.91 -28.25
C SER D 159 15.33 -28.66 -28.13
N SER D 160 14.39 -28.68 -27.19
CA SER D 160 13.59 -27.45 -26.90
C SER D 160 14.57 -26.33 -26.53
N ASP D 161 15.72 -26.64 -25.89
CA ASP D 161 16.71 -25.58 -25.56
C ASP D 161 17.17 -24.92 -26.87
N GLY D 162 17.43 -25.75 -27.90
CA GLY D 162 17.85 -25.25 -29.23
C GLY D 162 16.76 -24.43 -29.90
N PHE D 163 15.49 -24.77 -29.65
CA PHE D 163 14.38 -23.95 -30.20
C PHE D 163 14.49 -22.51 -29.67
N PHE D 164 14.75 -22.39 -28.37
CA PHE D 164 14.89 -21.04 -27.75
C PHE D 164 16.16 -20.33 -28.22
N ALA D 165 17.14 -21.09 -28.71
CA ALA D 165 18.39 -20.52 -29.23
C ALA D 165 18.20 -20.05 -30.69
N LEU D 166 17.11 -20.44 -31.36
CA LEU D 166 16.91 -20.01 -32.78
C LEU D 166 16.86 -18.48 -32.86
N ASP D 167 17.42 -17.91 -33.93
CA ASP D 167 17.45 -16.44 -34.18
C ASP D 167 16.54 -16.13 -35.37
N GLU D 168 15.99 -17.16 -35.99
CA GLU D 168 15.09 -16.97 -37.16
C GLU D 168 14.16 -18.18 -37.29
N VAL D 169 13.05 -17.99 -38.00
CA VAL D 169 12.07 -19.09 -38.24
C VAL D 169 12.63 -19.97 -39.34
N PRO D 170 12.81 -21.28 -39.10
CA PRO D 170 13.31 -22.18 -40.15
C PRO D 170 12.29 -22.28 -41.28
N LYS D 171 12.72 -22.33 -42.54
CA LYS D 171 11.73 -22.45 -43.65
C LYS D 171 10.93 -23.75 -43.50
N ARG D 172 11.60 -24.81 -43.03
CA ARG D 172 10.95 -26.13 -42.85
C ARG D 172 11.45 -26.72 -41.53
N THR D 173 10.52 -27.15 -40.69
CA THR D 173 10.95 -27.73 -39.40
C THR D 173 10.29 -29.08 -39.17
N ALA D 174 11.08 -30.08 -38.77
CA ALA D 174 10.51 -31.37 -38.33
C ALA D 174 10.51 -31.35 -36.80
N VAL D 175 9.41 -31.77 -36.18
CA VAL D 175 9.31 -31.88 -34.71
C VAL D 175 9.03 -33.35 -34.44
N VAL D 176 9.89 -34.00 -33.65
CA VAL D 176 9.73 -35.45 -33.37
C VAL D 176 9.36 -35.62 -31.90
N GLY D 177 8.17 -36.15 -31.65
CA GLY D 177 7.68 -36.34 -30.27
C GLY D 177 6.16 -36.31 -30.26
N ALA D 178 5.56 -36.76 -29.15
CA ALA D 178 4.09 -36.87 -29.07
C ALA D 178 3.56 -36.29 -27.75
N GLY D 179 4.43 -35.64 -26.97
CA GLY D 179 4.03 -35.02 -25.69
C GLY D 179 3.65 -33.55 -25.85
N TYR D 180 3.34 -32.89 -24.74
CA TYR D 180 2.91 -31.47 -24.79
C TYR D 180 4.00 -30.59 -25.44
N ILE D 181 5.27 -30.89 -25.21
CA ILE D 181 6.36 -30.02 -25.77
C ILE D 181 6.40 -30.11 -27.31
N ALA D 182 6.35 -31.31 -27.87
CA ALA D 182 6.34 -31.42 -29.35
C ALA D 182 5.11 -30.72 -29.93
N VAL D 183 3.95 -30.89 -29.31
CA VAL D 183 2.70 -30.29 -29.88
C VAL D 183 2.78 -28.74 -29.78
N GLU D 184 3.22 -28.21 -28.63
CA GLU D 184 3.28 -26.72 -28.47
C GLU D 184 4.30 -26.13 -29.45
N LEU D 185 5.49 -26.72 -29.54
CA LEU D 185 6.52 -26.14 -30.46
C LEU D 185 6.08 -26.29 -31.92
N ALA D 186 5.41 -27.38 -32.29
CA ALA D 186 4.97 -27.52 -33.70
C ALA D 186 3.93 -26.43 -34.02
N GLY D 187 2.99 -26.19 -33.10
CA GLY D 187 1.95 -25.16 -33.31
C GLY D 187 2.57 -23.77 -33.40
N VAL D 188 3.59 -23.49 -32.59
CA VAL D 188 4.22 -22.13 -32.62
C VAL D 188 4.98 -21.97 -33.95
N LEU D 189 5.77 -22.98 -34.34
CA LEU D 189 6.55 -22.88 -35.62
C LEU D 189 5.58 -22.70 -36.79
N HIS D 190 4.46 -23.43 -36.79
CA HIS D 190 3.46 -23.33 -37.88
C HIS D 190 2.90 -21.90 -37.94
N ALA D 191 2.48 -21.36 -36.80
CA ALA D 191 1.90 -20.00 -36.76
C ALA D 191 2.95 -18.98 -37.21
N LEU D 192 4.23 -19.22 -36.90
CA LEU D 192 5.27 -18.24 -37.28
C LEU D 192 5.69 -18.41 -38.73
N GLY D 193 5.08 -19.34 -39.47
CA GLY D 193 5.34 -19.43 -40.91
C GLY D 193 6.23 -20.57 -41.36
N SER D 194 6.69 -21.43 -40.45
CA SER D 194 7.56 -22.56 -40.91
C SER D 194 6.69 -23.71 -41.43
N LYS D 195 7.11 -24.35 -42.54
CA LYS D 195 6.36 -25.55 -42.99
CA LYS D 195 6.41 -25.57 -43.02
C LYS D 195 6.75 -26.65 -41.99
N THR D 196 5.80 -27.01 -41.14
CA THR D 196 6.10 -27.91 -40.00
C THR D 196 5.53 -29.31 -40.19
N ASP D 197 6.36 -30.29 -39.88
CA ASP D 197 5.98 -31.73 -39.91
C ASP D 197 6.17 -32.26 -38.49
N LEU D 198 5.13 -32.92 -37.97
CA LEU D 198 5.14 -33.51 -36.60
C LEU D 198 5.19 -35.03 -36.72
N PHE D 199 6.20 -35.66 -36.15
CA PHE D 199 6.37 -37.14 -36.22
C PHE D 199 6.09 -37.78 -34.86
N ILE D 200 5.16 -38.72 -34.80
CA ILE D 200 4.83 -39.43 -33.53
C ILE D 200 4.99 -40.94 -33.78
N ARG D 201 5.46 -41.67 -32.77
CA ARG D 201 5.70 -43.13 -32.92
C ARG D 201 4.37 -43.91 -32.99
N HIS D 202 3.31 -43.42 -32.35
CA HIS D 202 2.05 -44.21 -32.29
C HIS D 202 0.92 -43.63 -33.13
N ASP D 203 -0.33 -43.86 -32.72
CA ASP D 203 -1.54 -43.51 -33.51
C ASP D 203 -1.97 -42.05 -33.33
N ARG D 204 -1.77 -41.48 -32.14
N ARG D 204 -1.75 -41.48 -32.15
CA ARG D 204 -2.21 -40.08 -31.91
CA ARG D 204 -2.22 -40.10 -31.88
C ARG D 204 -1.31 -39.45 -30.86
C ARG D 204 -1.31 -39.46 -30.85
N PRO D 205 -1.15 -38.12 -30.85
CA PRO D 205 -0.34 -37.45 -29.85
C PRO D 205 -1.13 -37.36 -28.54
N LEU D 206 -0.47 -36.88 -27.48
CA LEU D 206 -1.07 -36.67 -26.15
C LEU D 206 -1.93 -37.87 -25.77
N ARG D 207 -1.35 -39.06 -25.84
CA ARG D 207 -2.11 -40.31 -25.59
C ARG D 207 -2.71 -40.35 -24.19
N SER D 208 -2.11 -39.69 -23.21
CA SER D 208 -2.67 -39.78 -21.84
C SER D 208 -3.94 -38.92 -21.71
N PHE D 209 -4.19 -38.01 -22.65
CA PHE D 209 -5.36 -37.08 -22.57
C PHE D 209 -6.61 -37.67 -23.23
N ASP D 210 -7.76 -37.18 -22.77
CA ASP D 210 -9.09 -37.66 -23.27
C ASP D 210 -9.05 -37.65 -24.79
N LYS D 211 -9.41 -38.78 -25.39
CA LYS D 211 -9.33 -38.95 -26.87
C LYS D 211 -10.32 -38.02 -27.57
N THR D 212 -11.47 -37.72 -26.97
CA THR D 212 -12.44 -36.83 -27.65
C THR D 212 -11.79 -35.47 -27.86
N ILE D 213 -11.08 -34.97 -26.86
CA ILE D 213 -10.37 -33.66 -26.92
C ILE D 213 -9.27 -33.72 -27.98
N VAL D 214 -8.40 -34.72 -27.88
CA VAL D 214 -7.25 -34.82 -28.83
C VAL D 214 -7.74 -35.05 -30.27
N ASP D 215 -8.88 -35.71 -30.48
CA ASP D 215 -9.39 -35.91 -31.88
C ASP D 215 -9.67 -34.55 -32.52
N VAL D 216 -10.16 -33.58 -31.74
CA VAL D 216 -10.41 -32.20 -32.27
C VAL D 216 -9.07 -31.58 -32.67
N LEU D 217 -8.04 -31.72 -31.82
CA LEU D 217 -6.68 -31.19 -32.14
C LEU D 217 -6.16 -31.83 -33.43
N VAL D 218 -6.24 -33.15 -33.53
CA VAL D 218 -5.72 -33.86 -34.75
C VAL D 218 -6.47 -33.39 -36.00
N ASP D 219 -7.81 -33.30 -35.93
CA ASP D 219 -8.63 -32.83 -37.09
C ASP D 219 -8.23 -31.39 -37.49
N GLU D 220 -7.99 -30.50 -36.52
CA GLU D 220 -7.59 -29.11 -36.85
C GLU D 220 -6.20 -29.09 -37.50
N MET D 221 -5.28 -29.97 -37.08
CA MET D 221 -3.94 -29.98 -37.74
C MET D 221 -4.08 -30.42 -39.19
N ALA D 222 -5.00 -31.36 -39.47
CA ALA D 222 -5.21 -31.89 -40.84
C ALA D 222 -5.78 -30.78 -41.74
N VAL D 223 -6.61 -29.90 -41.19
CA VAL D 223 -7.24 -28.81 -41.98
C VAL D 223 -6.26 -27.63 -42.13
N ASN D 224 -5.58 -27.22 -41.05
CA ASN D 224 -4.71 -26.00 -41.17
C ASN D 224 -3.31 -26.17 -40.59
N GLY D 225 -3.19 -26.83 -39.43
CA GLY D 225 -1.92 -26.94 -38.66
C GLY D 225 -0.82 -27.72 -39.34
N PRO D 226 0.20 -28.13 -38.54
CA PRO D 226 1.29 -28.94 -39.07
C PRO D 226 0.83 -30.29 -39.61
N ARG D 227 1.65 -30.87 -40.48
CA ARG D 227 1.36 -32.19 -41.10
C ARG D 227 1.76 -33.27 -40.08
N LEU D 228 0.78 -34.06 -39.63
CA LEU D 228 1.08 -35.11 -38.63
C LEU D 228 1.48 -36.41 -39.33
N HIS D 229 2.60 -37.00 -38.90
CA HIS D 229 3.07 -38.31 -39.42
C HIS D 229 2.92 -39.32 -38.27
N THR D 230 2.05 -40.32 -38.43
CA THR D 230 1.81 -41.31 -37.34
C THR D 230 2.62 -42.58 -37.61
N HIS D 231 2.80 -43.43 -36.60
CA HIS D 231 3.57 -44.70 -36.70
C HIS D 231 4.92 -44.40 -37.37
N ALA D 232 5.54 -43.27 -37.02
CA ALA D 232 6.84 -42.86 -37.61
C ALA D 232 7.98 -43.16 -36.64
N GLU D 233 9.05 -43.76 -37.14
CA GLU D 233 10.23 -43.97 -36.28
C GLU D 233 11.44 -43.46 -37.07
N VAL D 234 12.13 -42.44 -36.54
CA VAL D 234 13.32 -41.88 -37.26
C VAL D 234 14.46 -42.90 -37.14
N ALA D 235 15.01 -43.30 -38.28
CA ALA D 235 16.11 -44.30 -38.33
C ALA D 235 17.47 -43.58 -38.30
N LYS D 236 17.56 -42.46 -39.00
CA LYS D 236 18.84 -41.71 -39.01
C LYS D 236 18.59 -40.34 -39.61
N VAL D 237 19.56 -39.45 -39.44
CA VAL D 237 19.45 -38.10 -40.04
C VAL D 237 20.72 -37.84 -40.84
N VAL D 238 20.56 -37.32 -42.05
CA VAL D 238 21.72 -37.01 -42.93
C VAL D 238 21.81 -35.51 -43.12
N LYS D 239 23.01 -34.95 -42.99
CA LYS D 239 23.20 -33.51 -43.32
C LYS D 239 23.58 -33.46 -44.80
N ASN D 240 22.77 -32.78 -45.61
CA ASN D 240 23.03 -32.65 -47.07
C ASN D 240 24.11 -31.60 -47.33
N THR D 241 24.68 -31.60 -48.54
CA THR D 241 25.74 -30.62 -48.88
C THR D 241 25.17 -29.19 -48.79
N ASP D 242 23.85 -29.01 -48.97
CA ASP D 242 23.30 -27.63 -48.91
C ASP D 242 22.98 -27.25 -47.44
N GLU D 243 23.38 -28.09 -46.48
CA GLU D 243 23.22 -27.85 -45.02
CA GLU D 243 23.23 -27.84 -45.02
C GLU D 243 21.79 -28.18 -44.56
N SER D 244 20.91 -28.59 -45.49
CA SER D 244 19.54 -29.03 -45.11
C SER D 244 19.69 -30.42 -44.47
N LEU D 245 18.65 -30.93 -43.82
CA LEU D 245 18.70 -32.26 -43.15
C LEU D 245 17.67 -33.19 -43.77
N THR D 246 18.00 -34.47 -43.89
CA THR D 246 16.99 -35.44 -44.38
C THR D 246 16.72 -36.47 -43.29
N LEU D 247 15.47 -36.55 -42.81
CA LEU D 247 15.08 -37.60 -41.83
C LEU D 247 14.78 -38.87 -42.62
N TYR D 248 15.36 -40.00 -42.22
CA TYR D 248 15.03 -41.30 -42.85
C TYR D 248 14.16 -42.05 -41.86
N LEU D 249 12.93 -42.40 -42.24
CA LEU D 249 12.05 -43.15 -41.30
C LEU D 249 12.33 -44.65 -41.50
N LYS D 250 11.99 -45.46 -40.51
CA LYS D 250 12.15 -46.94 -40.63
C LYS D 250 11.46 -47.44 -41.91
N ASP D 251 10.27 -46.92 -42.23
CA ASP D 251 9.49 -47.38 -43.40
C ASP D 251 10.16 -46.95 -44.72
N GLY D 252 11.26 -46.21 -44.64
CA GLY D 252 11.98 -45.79 -45.88
C GLY D 252 11.61 -44.39 -46.34
N GLN D 253 10.59 -43.77 -45.76
CA GLN D 253 10.23 -42.39 -46.15
C GLN D 253 11.37 -41.43 -45.81
N GLU D 254 11.55 -40.42 -46.66
CA GLU D 254 12.55 -39.35 -46.45
C GLU D 254 11.81 -38.01 -46.40
N VAL D 255 12.19 -37.14 -45.46
CA VAL D 255 11.59 -35.78 -45.34
C VAL D 255 12.74 -34.81 -45.12
N GLU D 256 12.87 -33.84 -46.03
CA GLU D 256 13.97 -32.85 -45.97
C GLU D 256 13.47 -31.60 -45.25
N VAL D 257 14.24 -31.13 -44.28
CA VAL D 257 13.89 -29.92 -43.47
C VAL D 257 15.16 -29.09 -43.20
N ASP D 258 14.99 -27.92 -42.59
CA ASP D 258 16.12 -27.01 -42.27
C ASP D 258 16.53 -27.24 -40.82
N GLN D 259 15.55 -27.52 -39.94
CA GLN D 259 15.83 -27.80 -38.51
C GLN D 259 14.98 -28.99 -38.07
N LEU D 260 15.54 -29.78 -37.14
CA LEU D 260 14.85 -30.96 -36.58
C LEU D 260 14.84 -30.81 -35.06
N ILE D 261 13.64 -30.71 -34.46
CA ILE D 261 13.54 -30.61 -32.98
C ILE D 261 13.21 -31.97 -32.36
N TRP D 262 14.10 -32.45 -31.49
CA TRP D 262 13.87 -33.67 -30.69
C TRP D 262 13.10 -33.26 -29.41
N ALA D 263 11.90 -33.82 -29.22
CA ALA D 263 11.07 -33.60 -28.01
C ALA D 263 10.49 -34.96 -27.62
N ILE D 264 11.39 -35.93 -27.41
CA ILE D 264 11.01 -37.36 -27.17
C ILE D 264 11.04 -37.68 -25.68
N GLY D 265 11.30 -36.69 -24.84
CA GLY D 265 11.30 -36.97 -23.39
C GLY D 265 12.47 -36.30 -22.71
N ARG D 266 12.31 -36.07 -21.41
CA ARG D 266 13.40 -35.51 -20.58
C ARG D 266 13.85 -36.59 -19.60
N LYS D 267 15.09 -36.49 -19.12
CA LYS D 267 15.66 -37.43 -18.12
CA LYS D 267 15.60 -37.44 -18.11
C LYS D 267 16.10 -36.64 -16.91
N PRO D 268 16.01 -37.22 -15.69
CA PRO D 268 16.43 -36.52 -14.48
C PRO D 268 17.94 -36.25 -14.38
N ASN D 269 18.30 -35.10 -13.80
CA ASN D 269 19.71 -34.70 -13.54
C ASN D 269 20.22 -35.51 -12.34
N LEU D 270 20.93 -36.60 -12.59
CA LEU D 270 21.41 -37.50 -11.50
C LEU D 270 22.92 -37.61 -11.49
N GLU D 271 23.57 -37.20 -12.58
CA GLU D 271 25.04 -37.38 -12.71
C GLU D 271 25.81 -36.07 -12.50
N GLY D 272 27.08 -36.19 -12.09
CA GLY D 272 28.00 -35.04 -11.97
C GLY D 272 28.10 -34.44 -10.58
N PHE D 273 27.21 -34.79 -9.65
CA PHE D 273 27.27 -34.16 -8.30
C PHE D 273 27.52 -35.18 -7.19
N SER D 274 28.08 -36.34 -7.54
CA SER D 274 28.46 -37.40 -6.57
C SER D 274 27.27 -37.90 -5.74
N LEU D 275 26.13 -38.10 -6.39
CA LEU D 275 24.95 -38.72 -5.73
C LEU D 275 25.36 -40.12 -5.25
N ASP D 276 26.34 -40.74 -5.92
CA ASP D 276 26.84 -42.10 -5.56
C ASP D 276 27.54 -42.10 -4.20
N LYS D 277 27.84 -40.92 -3.63
CA LYS D 277 28.48 -40.87 -2.27
C LYS D 277 27.41 -40.73 -1.18
N THR D 278 26.13 -40.58 -1.55
CA THR D 278 25.05 -40.40 -0.53
C THR D 278 24.33 -41.69 -0.15
N GLY D 279 24.25 -42.66 -1.07
CA GLY D 279 23.47 -43.90 -0.82
C GLY D 279 22.02 -43.73 -1.28
N VAL D 280 21.64 -42.55 -1.76
CA VAL D 280 20.24 -42.33 -2.28
C VAL D 280 19.95 -43.34 -3.39
N THR D 281 18.84 -44.06 -3.31
CA THR D 281 18.51 -45.07 -4.35
C THR D 281 17.57 -44.49 -5.42
N LEU D 282 17.55 -45.15 -6.58
CA LEU D 282 16.62 -44.79 -7.67
C LEU D 282 15.46 -45.79 -7.65
N ASN D 283 14.29 -45.36 -8.10
CA ASN D 283 13.10 -46.26 -8.21
C ASN D 283 13.23 -47.01 -9.55
N ASP D 284 12.31 -47.93 -9.85
CA ASP D 284 12.46 -48.72 -11.09
C ASP D 284 12.14 -47.90 -12.35
N LYS D 285 11.78 -46.62 -12.21
N LYS D 285 11.80 -46.61 -12.20
CA LYS D 285 11.54 -45.74 -13.39
CA LYS D 285 11.55 -45.75 -13.40
C LYS D 285 12.82 -44.93 -13.68
C LYS D 285 12.79 -44.88 -13.64
N GLY D 286 13.84 -45.07 -12.82
CA GLY D 286 15.12 -44.33 -12.99
C GLY D 286 15.13 -42.96 -12.34
N TYR D 287 14.15 -42.64 -11.49
CA TYR D 287 14.14 -41.33 -10.79
C TYR D 287 14.57 -41.54 -9.34
N ILE D 288 14.90 -40.45 -8.65
CA ILE D 288 15.24 -40.58 -7.20
C ILE D 288 14.01 -41.14 -6.48
N GLU D 289 14.21 -42.25 -5.77
CA GLU D 289 13.11 -42.90 -5.02
C GLU D 289 12.68 -42.00 -3.84
N THR D 290 11.38 -41.79 -3.67
CA THR D 290 10.87 -40.98 -2.56
C THR D 290 9.56 -41.57 -2.04
N ASP D 291 9.21 -41.22 -0.80
CA ASP D 291 7.92 -41.57 -0.20
C ASP D 291 6.97 -40.39 -0.45
N ALA D 292 5.77 -40.40 0.15
CA ALA D 292 4.80 -39.30 -0.07
C ALA D 292 5.28 -37.96 0.50
N TYR D 293 6.32 -37.97 1.36
CA TYR D 293 6.82 -36.75 2.07
C TYR D 293 8.12 -36.24 1.44
N GLU D 294 8.44 -36.78 0.26
CA GLU D 294 9.64 -36.39 -0.53
C GLU D 294 10.93 -36.87 0.16
N ASN D 295 10.83 -37.78 1.15
CA ASN D 295 12.06 -38.36 1.76
C ASN D 295 12.74 -39.34 0.78
N THR D 296 14.05 -39.20 0.54
CA THR D 296 14.82 -40.22 -0.23
C THR D 296 15.02 -41.43 0.68
N SER D 297 15.80 -42.42 0.22
CA SER D 297 16.10 -43.62 1.05
C SER D 297 17.09 -43.25 2.18
N VAL D 298 17.59 -42.02 2.19
CA VAL D 298 18.61 -41.60 3.20
C VAL D 298 18.01 -40.50 4.06
N LYS D 299 17.99 -40.74 5.37
CA LYS D 299 17.42 -39.75 6.32
C LYS D 299 18.18 -38.44 6.18
N GLY D 300 17.46 -37.33 6.05
CA GLY D 300 18.07 -35.99 5.95
C GLY D 300 18.21 -35.53 4.52
N ILE D 301 17.88 -36.38 3.54
CA ILE D 301 17.96 -36.00 2.11
C ILE D 301 16.57 -36.16 1.52
N TYR D 302 16.17 -35.18 0.73
CA TYR D 302 14.82 -35.07 0.11
C TYR D 302 15.00 -34.80 -1.37
N ALA D 303 13.97 -35.10 -2.14
CA ALA D 303 14.04 -34.90 -3.60
C ALA D 303 12.69 -34.38 -4.05
N VAL D 304 12.70 -33.19 -4.66
CA VAL D 304 11.42 -32.54 -5.09
C VAL D 304 11.56 -32.07 -6.53
N GLY D 305 10.43 -32.01 -7.25
CA GLY D 305 10.43 -31.53 -8.65
C GLY D 305 10.71 -32.66 -9.63
N ASP D 306 11.09 -32.31 -10.86
CA ASP D 306 11.30 -33.28 -11.97
C ASP D 306 12.20 -34.45 -11.57
N VAL D 307 13.18 -34.22 -10.69
CA VAL D 307 14.16 -35.31 -10.35
C VAL D 307 13.47 -36.50 -9.66
N ASN D 308 12.27 -36.32 -9.08
CA ASN D 308 11.62 -37.46 -8.38
C ASN D 308 10.60 -38.16 -9.29
N GLY D 309 10.42 -37.63 -10.52
CA GLY D 309 9.57 -38.22 -11.59
C GLY D 309 8.07 -38.22 -11.32
N LYS D 310 7.58 -37.57 -10.27
CA LYS D 310 6.12 -37.69 -9.97
C LYS D 310 5.24 -36.98 -11.00
N LEU D 311 5.42 -35.68 -11.17
N LEU D 311 5.47 -35.69 -11.21
CA LEU D 311 4.63 -34.87 -12.15
CA LEU D 311 4.64 -34.91 -12.18
C LEU D 311 5.47 -33.67 -12.57
C LEU D 311 5.44 -33.68 -12.57
N ALA D 312 5.92 -33.64 -13.83
CA ALA D 312 6.81 -32.57 -14.31
C ALA D 312 6.06 -31.27 -14.65
N LEU D 313 5.59 -30.57 -13.62
CA LEU D 313 4.93 -29.25 -13.75
C LEU D 313 5.53 -28.31 -12.73
N THR D 314 5.64 -27.04 -13.08
CA THR D 314 6.21 -26.02 -12.16
C THR D 314 5.39 -25.93 -10.87
N PRO D 315 4.04 -25.73 -10.93
CA PRO D 315 3.24 -25.60 -9.71
C PRO D 315 3.35 -26.78 -8.76
N VAL D 316 3.64 -27.97 -9.29
CA VAL D 316 3.75 -29.20 -8.44
C VAL D 316 5.08 -29.10 -7.69
N ALA D 317 6.15 -28.76 -8.40
CA ALA D 317 7.48 -28.57 -7.79
C ALA D 317 7.40 -27.48 -6.70
N VAL D 318 6.68 -26.39 -7.00
CA VAL D 318 6.53 -25.24 -6.07
C VAL D 318 5.74 -25.68 -4.83
N ALA D 319 4.59 -26.33 -5.02
CA ALA D 319 3.75 -26.71 -3.86
C ALA D 319 4.43 -27.80 -3.02
N ALA D 320 5.11 -28.76 -3.66
CA ALA D 320 5.76 -29.85 -2.90
C ALA D 320 6.94 -29.29 -2.10
N GLY D 321 7.69 -28.35 -2.68
CA GLY D 321 8.84 -27.75 -1.99
C GLY D 321 8.37 -26.92 -0.79
N ARG D 322 7.26 -26.21 -0.96
CA ARG D 322 6.74 -25.37 0.15
C ARG D 322 6.23 -26.27 1.27
N ARG D 323 5.46 -27.31 0.93
CA ARG D 323 4.90 -28.21 1.96
C ARG D 323 6.06 -28.96 2.64
N LEU D 324 7.14 -29.25 1.91
CA LEU D 324 8.29 -29.93 2.56
C LEU D 324 8.86 -29.01 3.65
N SER D 325 9.02 -27.73 3.32
CA SER D 325 9.59 -26.77 4.30
C SER D 325 8.64 -26.61 5.48
N GLU D 326 7.33 -26.65 5.21
CA GLU D 326 6.32 -26.57 6.31
C GLU D 326 6.56 -27.76 7.25
N ARG D 327 6.79 -28.93 6.67
CA ARG D 327 7.00 -30.15 7.48
C ARG D 327 8.31 -30.08 8.27
N LEU D 328 9.41 -29.69 7.61
CA LEU D 328 10.73 -29.70 8.28
C LEU D 328 10.91 -28.51 9.24
N PHE D 329 10.39 -27.33 8.89
CA PHE D 329 10.72 -26.12 9.69
C PHE D 329 9.50 -25.46 10.35
N ASN D 330 8.29 -25.98 10.14
CA ASN D 330 7.11 -25.37 10.80
C ASN D 330 6.36 -26.45 11.59
N GLY D 331 7.03 -27.56 11.92
CA GLY D 331 6.48 -28.69 12.71
C GLY D 331 5.21 -29.32 12.13
N LYS D 332 4.95 -29.20 10.82
CA LYS D 332 3.73 -29.80 10.22
C LYS D 332 4.08 -31.23 9.79
N THR D 333 4.09 -32.15 10.76
CA THR D 333 4.51 -33.56 10.60
C THR D 333 3.83 -34.30 9.44
N ASP D 334 2.55 -34.00 9.16
CA ASP D 334 1.76 -34.75 8.14
C ASP D 334 1.67 -33.97 6.80
N GLU D 335 2.31 -32.81 6.68
CA GLU D 335 2.26 -32.00 5.43
C GLU D 335 2.89 -32.79 4.27
N LYS D 336 2.22 -32.75 3.12
CA LYS D 336 2.66 -33.41 1.86
C LYS D 336 1.75 -32.94 0.73
N LEU D 337 2.19 -33.10 -0.51
CA LEU D 337 1.34 -32.66 -1.64
C LEU D 337 0.45 -33.82 -2.14
N ASP D 338 -0.80 -33.48 -2.47
CA ASP D 338 -1.74 -34.43 -3.14
C ASP D 338 -1.44 -34.32 -4.65
N TYR D 339 -0.85 -35.36 -5.24
CA TYR D 339 -0.46 -35.31 -6.67
C TYR D 339 -1.63 -35.63 -7.62
N GLN D 340 -2.84 -35.83 -7.07
N GLN D 340 -2.83 -35.89 -7.09
CA GLN D 340 -4.05 -36.16 -7.87
CA GLN D 340 -3.99 -36.21 -7.98
C GLN D 340 -4.85 -34.89 -8.18
C GLN D 340 -4.86 -34.96 -8.17
N ASN D 341 -5.57 -34.89 -9.30
CA ASN D 341 -6.47 -33.76 -9.66
C ASN D 341 -5.68 -32.47 -9.92
N VAL D 342 -4.45 -32.61 -10.40
CA VAL D 342 -3.64 -31.42 -10.76
C VAL D 342 -4.04 -31.02 -12.19
N ALA D 343 -4.42 -29.76 -12.37
CA ALA D 343 -4.86 -29.30 -13.69
C ALA D 343 -3.66 -28.99 -14.58
N THR D 344 -3.89 -29.03 -15.89
N THR D 344 -3.84 -29.07 -15.89
CA THR D 344 -2.83 -28.78 -16.88
CA THR D 344 -2.75 -28.73 -16.84
C THR D 344 -3.43 -28.01 -18.06
C THR D 344 -3.36 -28.08 -18.07
N VAL D 345 -2.63 -27.13 -18.65
CA VAL D 345 -3.05 -26.43 -19.88
C VAL D 345 -1.93 -26.72 -20.87
N ILE D 346 -2.31 -27.13 -22.08
CA ILE D 346 -1.33 -27.37 -23.17
C ILE D 346 -1.54 -26.25 -24.19
N PHE D 347 -0.45 -25.54 -24.51
CA PHE D 347 -0.58 -24.38 -25.43
C PHE D 347 -0.48 -24.87 -26.88
N SER D 348 -1.36 -25.81 -27.21
CA SER D 348 -1.54 -26.31 -28.59
C SER D 348 -2.44 -25.32 -29.32
N HIS D 349 -2.77 -25.60 -30.58
CA HIS D 349 -3.66 -24.74 -31.40
C HIS D 349 -4.81 -25.60 -31.93
N PRO D 350 -6.05 -25.53 -31.37
CA PRO D 350 -6.37 -24.67 -30.25
C PRO D 350 -5.84 -25.21 -28.92
N VAL D 351 -5.93 -24.38 -27.89
CA VAL D 351 -5.45 -24.71 -26.51
C VAL D 351 -6.28 -25.83 -25.88
N ILE D 352 -5.60 -26.69 -25.12
CA ILE D 352 -6.21 -27.81 -24.36
C ILE D 352 -6.07 -27.53 -22.86
N GLY D 353 -7.15 -27.76 -22.12
CA GLY D 353 -7.22 -27.61 -20.65
C GLY D 353 -7.77 -28.88 -20.06
N SER D 354 -7.20 -29.37 -18.96
CA SER D 354 -7.69 -30.69 -18.49
C SER D 354 -7.45 -30.82 -17.00
N VAL D 355 -8.43 -31.38 -16.30
CA VAL D 355 -8.24 -31.65 -14.86
C VAL D 355 -8.99 -32.94 -14.53
N GLY D 356 -8.32 -33.84 -13.82
CA GLY D 356 -8.99 -35.08 -13.43
C GLY D 356 -8.95 -36.13 -14.53
N LEU D 357 -9.86 -37.09 -14.42
CA LEU D 357 -9.88 -38.30 -15.29
C LEU D 357 -10.49 -38.08 -16.68
N SER D 358 -9.82 -38.67 -17.67
CA SER D 358 -10.37 -38.81 -19.04
C SER D 358 -11.59 -39.76 -18.94
N GLU D 359 -12.44 -39.78 -19.97
CA GLU D 359 -13.57 -40.75 -19.99
C GLU D 359 -12.99 -42.17 -19.89
N GLU D 360 -11.97 -42.46 -20.69
CA GLU D 360 -11.38 -43.83 -20.65
C GLU D 360 -10.91 -44.17 -19.23
N ALA D 361 -10.20 -43.24 -18.59
CA ALA D 361 -9.64 -43.52 -17.23
C ALA D 361 -10.77 -43.67 -16.20
N ALA D 362 -11.84 -42.88 -16.32
CA ALA D 362 -12.95 -43.01 -15.36
C ALA D 362 -13.64 -44.38 -15.55
N VAL D 363 -13.87 -44.79 -16.80
CA VAL D 363 -14.58 -46.08 -17.08
C VAL D 363 -13.71 -47.24 -16.59
N LYS D 364 -12.39 -47.07 -16.69
CA LYS D 364 -11.45 -48.12 -16.25
C LYS D 364 -11.51 -48.28 -14.71
N GLN D 365 -11.62 -47.16 -13.98
N GLN D 365 -11.60 -47.17 -13.97
CA GLN D 365 -11.58 -47.14 -12.49
CA GLN D 365 -11.59 -47.24 -12.48
C GLN D 365 -12.96 -47.42 -11.85
C GLN D 365 -12.98 -47.50 -11.88
N TYR D 366 -14.05 -46.93 -12.45
CA TYR D 366 -15.41 -47.07 -11.85
C TYR D 366 -16.38 -47.92 -12.67
N GLY D 367 -16.02 -48.34 -13.89
CA GLY D 367 -16.94 -49.14 -14.71
C GLY D 367 -17.87 -48.25 -15.52
N GLN D 368 -18.20 -48.67 -16.75
CA GLN D 368 -19.10 -47.87 -17.63
C GLN D 368 -20.45 -47.61 -16.96
N GLU D 369 -20.96 -48.55 -16.17
CA GLU D 369 -22.33 -48.35 -15.61
C GLU D 369 -22.35 -47.21 -14.58
N ALA D 370 -21.19 -46.78 -14.08
CA ALA D 370 -21.19 -45.69 -13.07
C ALA D 370 -20.74 -44.35 -13.69
N VAL D 371 -20.38 -44.34 -14.98
CA VAL D 371 -19.87 -43.10 -15.65
C VAL D 371 -20.88 -42.53 -16.66
N LYS D 372 -21.08 -41.22 -16.57
CA LYS D 372 -21.91 -40.50 -17.57
C LYS D 372 -21.11 -39.27 -18.00
N THR D 373 -20.94 -39.07 -19.30
CA THR D 373 -20.22 -37.88 -19.80
C THR D 373 -21.19 -36.86 -20.40
N TYR D 374 -20.81 -35.59 -20.31
CA TYR D 374 -21.58 -34.48 -20.91
C TYR D 374 -20.61 -33.74 -21.84
N GLN D 375 -21.14 -33.18 -22.93
CA GLN D 375 -20.28 -32.46 -23.88
C GLN D 375 -21.00 -31.22 -24.42
N SER D 376 -20.20 -30.24 -24.81
CA SER D 376 -20.72 -29.05 -25.50
C SER D 376 -19.79 -28.80 -26.69
N ARG D 377 -20.37 -28.73 -27.89
CA ARG D 377 -19.59 -28.50 -29.13
C ARG D 377 -20.07 -27.18 -29.71
N PHE D 378 -19.15 -26.24 -29.93
CA PHE D 378 -19.57 -24.90 -30.42
C PHE D 378 -18.38 -24.23 -31.10
N THR D 379 -18.65 -23.09 -31.75
CA THR D 379 -17.57 -22.33 -32.42
C THR D 379 -17.29 -21.09 -31.57
N SER D 380 -16.03 -20.82 -31.27
CA SER D 380 -15.69 -19.58 -30.52
C SER D 380 -16.20 -18.36 -31.31
N MET D 381 -16.86 -17.42 -30.62
CA MET D 381 -17.40 -16.21 -31.29
C MET D 381 -16.28 -15.44 -32.01
N PHE D 382 -15.09 -15.38 -31.41
CA PHE D 382 -13.98 -14.64 -32.03
C PHE D 382 -13.74 -15.11 -33.48
N THR D 383 -13.81 -16.42 -33.74
CA THR D 383 -13.57 -16.96 -35.11
C THR D 383 -14.88 -17.12 -35.90
N ALA D 384 -16.04 -17.10 -35.24
CA ALA D 384 -17.35 -17.32 -35.91
C ALA D 384 -17.69 -16.24 -36.93
N ILE D 385 -17.21 -15.00 -36.76
CA ILE D 385 -17.54 -13.96 -37.79
C ILE D 385 -16.56 -14.08 -38.97
N THR D 386 -15.56 -14.97 -38.90
CA THR D 386 -14.53 -15.04 -39.98
C THR D 386 -14.78 -16.22 -40.90
N ASN D 387 -13.88 -16.41 -41.87
CA ASN D 387 -13.92 -17.54 -42.82
C ASN D 387 -13.06 -18.68 -42.28
N HIS D 388 -12.42 -18.46 -41.12
CA HIS D 388 -11.57 -19.47 -40.45
C HIS D 388 -12.20 -19.85 -39.11
N ARG D 389 -13.41 -20.42 -39.14
CA ARG D 389 -14.11 -20.81 -37.89
C ARG D 389 -13.30 -21.90 -37.17
N GLN D 390 -13.18 -21.77 -35.86
CA GLN D 390 -12.36 -22.75 -35.09
C GLN D 390 -13.30 -23.47 -34.13
N PRO D 391 -13.19 -24.81 -34.00
CA PRO D 391 -14.07 -25.55 -33.10
C PRO D 391 -13.64 -25.48 -31.63
N CYS D 392 -14.62 -25.67 -30.76
CA CYS D 392 -14.43 -25.77 -29.30
C CYS D 392 -15.19 -27.01 -28.85
N LEU D 393 -14.63 -27.73 -27.90
CA LEU D 393 -15.33 -28.90 -27.36
C LEU D 393 -15.01 -28.95 -25.87
N MET D 394 -16.05 -29.03 -25.05
CA MET D 394 -15.87 -29.13 -23.59
C MET D 394 -16.58 -30.39 -23.11
N LYS D 395 -15.98 -31.06 -22.14
CA LYS D 395 -16.48 -32.37 -21.69
C LYS D 395 -16.39 -32.49 -20.17
N LEU D 396 -17.47 -33.04 -19.58
CA LEU D 396 -17.52 -33.33 -18.12
C LEU D 396 -17.64 -34.84 -18.00
N VAL D 397 -16.84 -35.42 -17.10
CA VAL D 397 -16.87 -36.87 -16.81
C VAL D 397 -17.43 -36.98 -15.38
N THR D 398 -18.60 -37.61 -15.24
CA THR D 398 -19.26 -37.74 -13.91
C THR D 398 -19.32 -39.22 -13.50
N VAL D 399 -19.40 -39.48 -12.19
N VAL D 399 -19.41 -39.46 -12.19
CA VAL D 399 -19.50 -40.86 -11.65
CA VAL D 399 -19.47 -40.81 -11.58
C VAL D 399 -20.56 -40.90 -10.55
C VAL D 399 -20.60 -40.88 -10.55
N GLY D 400 -21.31 -42.01 -10.49
CA GLY D 400 -22.35 -42.23 -9.46
C GLY D 400 -23.65 -41.50 -9.68
N ASP D 401 -24.60 -41.73 -8.76
CA ASP D 401 -25.96 -41.13 -8.77
C ASP D 401 -25.89 -39.62 -8.56
N THR D 402 -24.85 -39.12 -7.88
CA THR D 402 -24.72 -37.66 -7.60
C THR D 402 -23.99 -36.96 -8.76
N GLU D 403 -23.52 -37.73 -9.75
CA GLU D 403 -22.79 -37.18 -10.92
C GLU D 403 -21.62 -36.31 -10.43
N LYS D 404 -20.77 -36.90 -9.59
CA LYS D 404 -19.55 -36.22 -9.08
C LYS D 404 -18.64 -35.96 -10.29
N ILE D 405 -18.15 -34.72 -10.42
CA ILE D 405 -17.27 -34.34 -11.56
C ILE D 405 -15.88 -34.88 -11.24
N VAL D 406 -15.48 -35.96 -11.92
CA VAL D 406 -14.13 -36.54 -11.72
C VAL D 406 -13.21 -36.05 -12.84
N GLY D 407 -13.76 -35.41 -13.89
CA GLY D 407 -12.89 -34.95 -14.99
C GLY D 407 -13.53 -33.81 -15.75
N LEU D 408 -12.73 -32.81 -16.08
CA LEU D 408 -13.23 -31.65 -16.85
C LEU D 408 -12.16 -31.36 -17.90
N HIS D 409 -12.57 -31.35 -19.17
CA HIS D 409 -11.60 -31.16 -20.27
C HIS D 409 -12.16 -30.22 -21.32
N GLY D 410 -11.29 -29.41 -21.93
CA GLY D 410 -11.77 -28.53 -23.01
C GLY D 410 -10.69 -28.28 -24.05
N ILE D 411 -11.14 -27.94 -25.25
CA ILE D 411 -10.21 -27.52 -26.35
C ILE D 411 -10.89 -26.33 -27.03
N GLY D 412 -10.17 -25.22 -27.20
CA GLY D 412 -10.79 -24.06 -27.84
C GLY D 412 -10.18 -22.75 -27.42
N TYR D 413 -10.53 -21.71 -28.17
CA TYR D 413 -10.04 -20.34 -27.90
C TYR D 413 -10.34 -19.92 -26.45
N GLY D 414 -9.28 -19.55 -25.72
CA GLY D 414 -9.37 -18.99 -24.36
C GLY D 414 -9.43 -20.03 -23.25
N VAL D 415 -9.43 -21.32 -23.57
CA VAL D 415 -9.53 -22.39 -22.52
C VAL D 415 -8.39 -22.25 -21.51
N ASP D 416 -7.24 -21.74 -21.92
CA ASP D 416 -6.07 -21.62 -21.01
C ASP D 416 -6.44 -20.89 -19.72
N GLU D 417 -7.35 -19.91 -19.77
CA GLU D 417 -7.65 -19.11 -18.55
C GLU D 417 -8.91 -19.63 -17.83
N MET D 418 -9.61 -20.62 -18.40
CA MET D 418 -10.87 -21.09 -17.78
C MET D 418 -10.68 -22.16 -16.71
N ILE D 419 -9.62 -22.97 -16.81
CA ILE D 419 -9.53 -24.20 -15.97
C ILE D 419 -9.27 -23.95 -14.48
N GLN D 420 -8.47 -22.94 -14.10
CA GLN D 420 -8.06 -22.76 -12.67
C GLN D 420 -9.25 -22.79 -11.71
N GLY D 421 -10.29 -22.00 -11.97
CA GLY D 421 -11.45 -21.97 -11.07
C GLY D 421 -12.17 -23.30 -11.01
N PHE D 422 -12.29 -23.99 -12.15
CA PHE D 422 -12.96 -25.32 -12.12
C PHE D 422 -12.10 -26.30 -11.32
N ALA D 423 -10.78 -26.12 -11.33
CA ALA D 423 -9.86 -27.02 -10.58
C ALA D 423 -10.16 -26.89 -9.09
N VAL D 424 -10.50 -25.68 -8.63
CA VAL D 424 -10.88 -25.52 -7.21
C VAL D 424 -12.20 -26.28 -6.94
N ALA D 425 -13.19 -26.12 -7.80
CA ALA D 425 -14.53 -26.75 -7.65
C ALA D 425 -14.37 -28.27 -7.56
N ILE D 426 -13.54 -28.84 -8.43
CA ILE D 426 -13.29 -30.32 -8.48
C ILE D 426 -12.49 -30.74 -7.24
N LYS D 427 -11.50 -29.95 -6.81
CA LYS D 427 -10.79 -30.30 -5.56
C LYS D 427 -11.82 -30.35 -4.40
N MET D 428 -12.83 -29.48 -4.42
CA MET D 428 -13.88 -29.44 -3.36
C MET D 428 -14.91 -30.57 -3.53
N GLY D 429 -14.91 -31.29 -4.65
CA GLY D 429 -15.90 -32.37 -4.84
C GLY D 429 -17.18 -31.89 -5.52
N ALA D 430 -17.07 -31.04 -6.53
CA ALA D 430 -18.28 -30.55 -7.23
C ALA D 430 -19.05 -31.70 -7.88
N THR D 431 -20.35 -31.49 -8.05
CA THR D 431 -21.29 -32.39 -8.76
C THR D 431 -21.92 -31.63 -9.93
N LYS D 432 -22.53 -32.36 -10.84
CA LYS D 432 -23.21 -31.72 -12.00
C LYS D 432 -24.20 -30.68 -11.44
N ALA D 433 -24.84 -31.00 -10.30
CA ALA D 433 -25.83 -30.09 -9.67
C ALA D 433 -25.14 -28.79 -9.25
N ASP D 434 -23.89 -28.87 -8.78
CA ASP D 434 -23.16 -27.63 -8.40
C ASP D 434 -22.96 -26.78 -9.66
N PHE D 435 -22.65 -27.42 -10.79
CA PHE D 435 -22.45 -26.70 -12.08
C PHE D 435 -23.77 -26.10 -12.56
N ASP D 436 -24.84 -26.90 -12.53
CA ASP D 436 -26.18 -26.47 -13.01
C ASP D 436 -26.70 -25.28 -12.18
N ASN D 437 -26.36 -25.22 -10.89
CA ASN D 437 -26.82 -24.13 -9.98
C ASN D 437 -25.93 -22.88 -10.08
N THR D 438 -24.88 -22.90 -10.91
CA THR D 438 -24.04 -21.68 -11.07
C THR D 438 -24.53 -20.93 -12.30
N VAL D 439 -24.81 -19.63 -12.16
CA VAL D 439 -25.34 -18.87 -13.31
C VAL D 439 -24.19 -18.60 -14.30
N ALA D 440 -24.51 -18.72 -15.58
CA ALA D 440 -23.55 -18.52 -16.69
C ALA D 440 -23.11 -17.05 -16.79
N ILE D 441 -21.96 -16.85 -17.41
CA ILE D 441 -21.39 -15.52 -17.74
C ILE D 441 -21.44 -15.41 -19.28
N HIS D 442 -22.15 -14.42 -19.79
CA HIS D 442 -22.37 -14.33 -21.26
C HIS D 442 -21.96 -12.97 -21.80
N PRO D 443 -21.30 -12.90 -22.98
CA PRO D 443 -20.87 -14.06 -23.74
C PRO D 443 -19.39 -14.41 -23.46
N THR D 444 -19.16 -15.68 -23.15
CA THR D 444 -17.81 -16.26 -22.91
C THR D 444 -17.82 -17.72 -23.36
N GLY D 445 -16.63 -18.28 -23.59
CA GLY D 445 -16.56 -19.72 -23.87
C GLY D 445 -16.75 -20.50 -22.59
N SER D 446 -16.31 -19.93 -21.45
CA SER D 446 -16.36 -20.65 -20.15
C SER D 446 -17.80 -20.98 -19.73
N GLU D 447 -18.81 -20.25 -20.22
CA GLU D 447 -20.21 -20.55 -19.79
C GLU D 447 -20.64 -21.93 -20.27
N GLU D 448 -20.04 -22.43 -21.36
CA GLU D 448 -20.44 -23.75 -21.93
C GLU D 448 -20.14 -24.87 -20.91
N PHE D 449 -19.18 -24.67 -20.00
CA PHE D 449 -18.90 -25.71 -18.98
C PHE D 449 -20.05 -25.86 -17.98
N VAL D 450 -20.88 -24.84 -17.79
CA VAL D 450 -21.97 -24.91 -16.77
C VAL D 450 -23.34 -24.99 -17.44
N THR D 451 -23.42 -25.13 -18.77
CA THR D 451 -24.75 -25.18 -19.43
C THR D 451 -24.90 -26.46 -20.28
N MET D 452 -24.28 -27.56 -19.87
CA MET D 452 -24.40 -28.83 -20.64
C MET D 452 -25.63 -29.61 -20.17
N ARG D 453 -26.28 -30.34 -21.09
CA ARG D 453 -27.46 -31.17 -20.71
C ARG D 453 -27.38 -32.54 -21.40
#